data_7OC9
# 
_entry.id   7OC9 
# 
_audit_conform.dict_name       mmcif_pdbx.dic 
_audit_conform.dict_version    5.397 
_audit_conform.dict_location   http://mmcif.pdb.org/dictionaries/ascii/mmcif_pdbx.dic 
# 
loop_
_database_2.database_id 
_database_2.database_code 
_database_2.pdbx_database_accession 
_database_2.pdbx_DOI 
PDB   7OC9         pdb_00007oc9 10.2210/pdb7oc9/pdb 
WWPDB D_1292115464 ?            ?                   
# 
loop_
_pdbx_audit_revision_history.ordinal 
_pdbx_audit_revision_history.data_content_type 
_pdbx_audit_revision_history.major_revision 
_pdbx_audit_revision_history.minor_revision 
_pdbx_audit_revision_history.revision_date 
1 'Structure model' 1 0 2021-05-05 
2 'Structure model' 1 1 2021-11-03 
3 'Structure model' 1 2 2021-12-08 
4 'Structure model' 1 3 2024-10-09 
# 
_pdbx_audit_revision_details.ordinal             1 
_pdbx_audit_revision_details.revision_ordinal    1 
_pdbx_audit_revision_details.data_content_type   'Structure model' 
_pdbx_audit_revision_details.provider            repository 
_pdbx_audit_revision_details.type                'Initial release' 
_pdbx_audit_revision_details.description         ? 
_pdbx_audit_revision_details.details             ? 
# 
loop_
_pdbx_audit_revision_group.ordinal 
_pdbx_audit_revision_group.revision_ordinal 
_pdbx_audit_revision_group.data_content_type 
_pdbx_audit_revision_group.group 
1 2 'Structure model' 'Data collection'     
2 2 'Structure model' 'Database references' 
3 3 'Structure model' 'Data collection'     
4 3 'Structure model' 'Database references' 
5 4 'Structure model' 'Data collection'     
6 4 'Structure model' 'Structure summary'   
# 
loop_
_pdbx_audit_revision_category.ordinal 
_pdbx_audit_revision_category.revision_ordinal 
_pdbx_audit_revision_category.data_content_type 
_pdbx_audit_revision_category.category 
1  2 'Structure model' citation                  
2  2 'Structure model' citation_author           
3  2 'Structure model' database_2                
4  2 'Structure model' diffrn_source             
5  2 'Structure model' pdbx_database_proc        
6  3 'Structure model' citation                  
7  3 'Structure model' citation_author           
8  3 'Structure model' diffrn_source             
9  4 'Structure model' chem_comp_atom            
10 4 'Structure model' chem_comp_bond            
11 4 'Structure model' pdbx_entry_details        
12 4 'Structure model' pdbx_modification_feature 
# 
loop_
_pdbx_audit_revision_item.ordinal 
_pdbx_audit_revision_item.revision_ordinal 
_pdbx_audit_revision_item.data_content_type 
_pdbx_audit_revision_item.item 
1  2 'Structure model' '_citation.country'                            
2  2 'Structure model' '_citation.journal_abbrev'                     
3  2 'Structure model' '_citation.journal_id_ASTM'                    
4  2 'Structure model' '_citation.journal_id_CSD'                     
5  2 'Structure model' '_citation.journal_id_ISSN'                    
6  2 'Structure model' '_citation.pdbx_database_id_DOI'               
7  2 'Structure model' '_citation.pdbx_database_id_PubMed'            
8  2 'Structure model' '_citation.title'                              
9  2 'Structure model' '_citation.year'                               
10 2 'Structure model' '_database_2.pdbx_DOI'                         
11 2 'Structure model' '_database_2.pdbx_database_accession'          
12 2 'Structure model' '_diffrn_source.pdbx_synchrotron_site'         
13 3 'Structure model' '_citation.journal_volume'                     
14 3 'Structure model' '_citation.page_first'                         
15 3 'Structure model' '_citation.page_last'                          
16 3 'Structure model' '_citation_author.identifier_ORCID'            
17 3 'Structure model' '_diffrn_source.pdbx_synchrotron_site'         
18 4 'Structure model' '_pdbx_entry_details.has_protein_modification' 
# 
_pdbx_database_status.status_code                     REL 
_pdbx_database_status.status_code_sf                  REL 
_pdbx_database_status.status_code_mr                  ? 
_pdbx_database_status.entry_id                        7OC9 
_pdbx_database_status.recvd_initial_deposition_date   2021-04-26 
_pdbx_database_status.SG_entry                        N 
_pdbx_database_status.deposit_site                    PDBE 
_pdbx_database_status.process_site                    PDBE 
_pdbx_database_status.status_code_cs                  ? 
_pdbx_database_status.status_code_nmr_data            ? 
_pdbx_database_status.methods_development_category    ? 
_pdbx_database_status.pdb_format_compatible           Y 
# 
loop_
_audit_author.name 
_audit_author.pdbx_ordinal 
_audit_author.identifier_ORCID 
'Lovering, A.L.'       1 ? 
'Valdivia-Delgado, M.' 2 ? 
# 
_citation.abstract                  ? 
_citation.abstract_id_CAS           ? 
_citation.book_id_ISBN              ? 
_citation.book_publisher            ? 
_citation.book_publisher_city       ? 
_citation.book_title                ? 
_citation.coordinate_linkage        ? 
_citation.country                   US 
_citation.database_id_Medline       ? 
_citation.details                   ? 
_citation.id                        primary 
_citation.journal_abbrev            Proteins 
_citation.journal_id_ASTM           PSFGEY 
_citation.journal_id_CSD            0867 
_citation.journal_id_ISSN           1097-0134 
_citation.journal_full              ? 
_citation.journal_issue             ? 
_citation.journal_volume            89 
_citation.language                  ? 
_citation.page_first                1647 
_citation.page_last                 1672 
_citation.title                     'Target highlights in CASP14: Analysis of models by structure providers.' 
_citation.year                      2021 
_citation.database_id_CSD           ? 
_citation.pdbx_database_id_DOI      10.1002/prot.26247 
_citation.pdbx_database_id_PubMed   34561912 
_citation.pdbx_database_id_patent   ? 
_citation.unpublished_flag          ? 
# 
loop_
_citation_author.citation_id 
_citation_author.name 
_citation_author.ordinal 
_citation_author.identifier_ORCID 
primary 'Alexander, L.T.'      1  ? 
primary 'Lepore, R.'           2  ? 
primary 'Kryshtafovych, A.'    3  ? 
primary 'Adamopoulos, A.'      4  ? 
primary 'Alahuhta, M.'         5  ? 
primary 'Arvin, A.M.'          6  ? 
primary 'Bomble, Y.J.'         7  ? 
primary 'Bottcher, B.'         8  ? 
primary 'Breyton, C.'          9  ? 
primary 'Chiarini, V.'         10 ? 
primary 'Chinnam, N.B.'        11 ? 
primary 'Chiu, W.'             12 ? 
primary 'Fidelis, K.'          13 ? 
primary 'Grinter, R.'          14 ? 
primary 'Gupta, G.D.'          15 ? 
primary 'Hartmann, M.D.'       16 ? 
primary 'Hayes, C.S.'          17 ? 
primary 'Heidebrecht, T.'      18 ? 
primary 'Ilari, A.'            19 ? 
primary 'Joachimiak, A.'       20 ? 
primary 'Kim, Y.'              21 ? 
primary 'Linares, R.'          22 ? 
primary 'Lovering, A.L.'       23 ? 
primary 'Lunin, V.V.'          24 ? 
primary 'Lupas, A.N.'          25 ? 
primary 'Makbul, C.'           26 ? 
primary 'Michalska, K.'        27 ? 
primary 'Moult, J.'            28 ? 
primary 'Mukherjee, P.K.'      29 ? 
primary 'Nutt, W.S.'           30 ? 
primary 'Oliver, S.L.'         31 ? 
primary 'Perrakis, A.'         32 ? 
primary 'Stols, L.'            33 ? 
primary 'Tainer, J.A.'         34 ? 
primary 'Topf, M.'             35 ? 
primary 'Tsutakawa, S.E.'      36 ? 
primary 'Valdivia-Delgado, M.' 37 ? 
primary 'Schwede, T.'          38 ? 
# 
loop_
_entity.id 
_entity.type 
_entity.src_method 
_entity.pdbx_description 
_entity.formula_weight 
_entity.pdbx_number_of_molecules 
_entity.pdbx_ec 
_entity.pdbx_mutation 
_entity.pdbx_fragment 
_entity.details 
1 polymer     man Bd0675                          14691.395 1  ? ? ? ? 
2 non-polymer syn '(4S)-2-METHYL-2,4-PENTANEDIOL' 118.174   1  ? ? ? ? 
3 non-polymer syn GLYCEROL                        92.094    1  ? ? ? ? 
4 non-polymer syn 'TERTIARY-BUTYL ALCOHOL'        74.122    4  ? ? ? ? 
5 water       nat water                           18.015    74 ? ? ? ? 
# 
_entity_poly.entity_id                      1 
_entity_poly.type                           'polypeptide(L)' 
_entity_poly.nstd_linkage                   no 
_entity_poly.nstd_monomer                   no 
_entity_poly.pdbx_seq_one_letter_code       
;GGNDFVSRLKALDGREGKIVSSYDDENTGRCRLELQKYELEDGSQGLAVYLQDTGMYFTPSAGLDKETKLKDANTAVVST
SSERPGGDACGDFGGALGYKKVLVLKDNQVTIRETFRCVMDGFKKYDLSTTCQF
;
_entity_poly.pdbx_seq_one_letter_code_can   
;GGNDFVSRLKALDGREGKIVSSYDDENTGRCRLELQKYELEDGSQGLAVYLQDTGMYFTPSAGLDKETKLKDANTAVVST
SSERPGGDACGDFGGALGYKKVLVLKDNQVTIRETFRCVMDGFKKYDLSTTCQF
;
_entity_poly.pdbx_strand_id                 A 
_entity_poly.pdbx_target_identifier         ? 
# 
loop_
_pdbx_entity_nonpoly.entity_id 
_pdbx_entity_nonpoly.name 
_pdbx_entity_nonpoly.comp_id 
2 '(4S)-2-METHYL-2,4-PENTANEDIOL' MPD 
3 GLYCEROL                        GOL 
4 'TERTIARY-BUTYL ALCOHOL'        TBU 
5 water                           HOH 
# 
loop_
_entity_poly_seq.entity_id 
_entity_poly_seq.num 
_entity_poly_seq.mon_id 
_entity_poly_seq.hetero 
1 1   GLY n 
1 2   GLY n 
1 3   ASN n 
1 4   ASP n 
1 5   PHE n 
1 6   VAL n 
1 7   SER n 
1 8   ARG n 
1 9   LEU n 
1 10  LYS n 
1 11  ALA n 
1 12  LEU n 
1 13  ASP n 
1 14  GLY n 
1 15  ARG n 
1 16  GLU n 
1 17  GLY n 
1 18  LYS n 
1 19  ILE n 
1 20  VAL n 
1 21  SER n 
1 22  SER n 
1 23  TYR n 
1 24  ASP n 
1 25  ASP n 
1 26  GLU n 
1 27  ASN n 
1 28  THR n 
1 29  GLY n 
1 30  ARG n 
1 31  CYS n 
1 32  ARG n 
1 33  LEU n 
1 34  GLU n 
1 35  LEU n 
1 36  GLN n 
1 37  LYS n 
1 38  TYR n 
1 39  GLU n 
1 40  LEU n 
1 41  GLU n 
1 42  ASP n 
1 43  GLY n 
1 44  SER n 
1 45  GLN n 
1 46  GLY n 
1 47  LEU n 
1 48  ALA n 
1 49  VAL n 
1 50  TYR n 
1 51  LEU n 
1 52  GLN n 
1 53  ASP n 
1 54  THR n 
1 55  GLY n 
1 56  MET n 
1 57  TYR n 
1 58  PHE n 
1 59  THR n 
1 60  PRO n 
1 61  SER n 
1 62  ALA n 
1 63  GLY n 
1 64  LEU n 
1 65  ASP n 
1 66  LYS n 
1 67  GLU n 
1 68  THR n 
1 69  LYS n 
1 70  LEU n 
1 71  LYS n 
1 72  ASP n 
1 73  ALA n 
1 74  ASN n 
1 75  THR n 
1 76  ALA n 
1 77  VAL n 
1 78  VAL n 
1 79  SER n 
1 80  THR n 
1 81  SER n 
1 82  SER n 
1 83  GLU n 
1 84  ARG n 
1 85  PRO n 
1 86  GLY n 
1 87  GLY n 
1 88  ASP n 
1 89  ALA n 
1 90  CYS n 
1 91  GLY n 
1 92  ASP n 
1 93  PHE n 
1 94  GLY n 
1 95  GLY n 
1 96  ALA n 
1 97  LEU n 
1 98  GLY n 
1 99  TYR n 
1 100 LYS n 
1 101 LYS n 
1 102 VAL n 
1 103 LEU n 
1 104 VAL n 
1 105 LEU n 
1 106 LYS n 
1 107 ASP n 
1 108 ASN n 
1 109 GLN n 
1 110 VAL n 
1 111 THR n 
1 112 ILE n 
1 113 ARG n 
1 114 GLU n 
1 115 THR n 
1 116 PHE n 
1 117 ARG n 
1 118 CYS n 
1 119 VAL n 
1 120 MET n 
1 121 ASP n 
1 122 GLY n 
1 123 PHE n 
1 124 LYS n 
1 125 LYS n 
1 126 TYR n 
1 127 ASP n 
1 128 LEU n 
1 129 SER n 
1 130 THR n 
1 131 THR n 
1 132 CYS n 
1 133 GLN n 
1 134 PHE n 
# 
_entity_src_gen.entity_id                          1 
_entity_src_gen.pdbx_src_id                        1 
_entity_src_gen.pdbx_alt_source_flag               sample 
_entity_src_gen.pdbx_seq_type                      'Biological sequence' 
_entity_src_gen.pdbx_beg_seq_num                   1 
_entity_src_gen.pdbx_end_seq_num                   134 
_entity_src_gen.gene_src_common_name               ? 
_entity_src_gen.gene_src_genus                     ? 
_entity_src_gen.pdbx_gene_src_gene                 Bd0675 
_entity_src_gen.gene_src_species                   ? 
_entity_src_gen.gene_src_strain                    'ATCC 15356 / DSM 50701 / NCIB 9529 / HD100' 
_entity_src_gen.gene_src_tissue                    ? 
_entity_src_gen.gene_src_tissue_fraction           ? 
_entity_src_gen.gene_src_details                   ? 
_entity_src_gen.pdbx_gene_src_fragment             ? 
_entity_src_gen.pdbx_gene_src_scientific_name      'Bdellovibrio bacteriovorus (strain ATCC 15356 / DSM 50701 / NCIB 9529 / HD100)' 
_entity_src_gen.pdbx_gene_src_ncbi_taxonomy_id     264462 
_entity_src_gen.pdbx_gene_src_variant              ? 
_entity_src_gen.pdbx_gene_src_cell_line            ? 
_entity_src_gen.pdbx_gene_src_atcc                 ? 
_entity_src_gen.pdbx_gene_src_organ                ? 
_entity_src_gen.pdbx_gene_src_organelle            ? 
_entity_src_gen.pdbx_gene_src_cell                 ? 
_entity_src_gen.pdbx_gene_src_cellular_location    ? 
_entity_src_gen.host_org_common_name               ? 
_entity_src_gen.pdbx_host_org_scientific_name      'Escherichia coli BL21' 
_entity_src_gen.pdbx_host_org_ncbi_taxonomy_id     511693 
_entity_src_gen.host_org_genus                     ? 
_entity_src_gen.pdbx_host_org_gene                 ? 
_entity_src_gen.pdbx_host_org_organ                ? 
_entity_src_gen.host_org_species                   ? 
_entity_src_gen.pdbx_host_org_tissue               ? 
_entity_src_gen.pdbx_host_org_tissue_fraction      ? 
_entity_src_gen.pdbx_host_org_strain               ? 
_entity_src_gen.pdbx_host_org_variant              ? 
_entity_src_gen.pdbx_host_org_cell_line            ? 
_entity_src_gen.pdbx_host_org_atcc                 ? 
_entity_src_gen.pdbx_host_org_culture_collection   ? 
_entity_src_gen.pdbx_host_org_cell                 ? 
_entity_src_gen.pdbx_host_org_organelle            ? 
_entity_src_gen.pdbx_host_org_cellular_location    ? 
_entity_src_gen.pdbx_host_org_vector_type          ? 
_entity_src_gen.pdbx_host_org_vector               ? 
_entity_src_gen.host_org_details                   ? 
_entity_src_gen.expression_system_id               ? 
_entity_src_gen.plasmid_name                       ? 
_entity_src_gen.plasmid_details                    ? 
_entity_src_gen.pdbx_description                   ? 
# 
loop_
_chem_comp.id 
_chem_comp.type 
_chem_comp.mon_nstd_flag 
_chem_comp.name 
_chem_comp.pdbx_synonyms 
_chem_comp.formula 
_chem_comp.formula_weight 
ALA 'L-peptide linking' y ALANINE                         ?                               'C3 H7 N O2'     89.093  
ARG 'L-peptide linking' y ARGININE                        ?                               'C6 H15 N4 O2 1' 175.209 
ASN 'L-peptide linking' y ASPARAGINE                      ?                               'C4 H8 N2 O3'    132.118 
ASP 'L-peptide linking' y 'ASPARTIC ACID'                 ?                               'C4 H7 N O4'     133.103 
CYS 'L-peptide linking' y CYSTEINE                        ?                               'C3 H7 N O2 S'   121.158 
GLN 'L-peptide linking' y GLUTAMINE                       ?                               'C5 H10 N2 O3'   146.144 
GLU 'L-peptide linking' y 'GLUTAMIC ACID'                 ?                               'C5 H9 N O4'     147.129 
GLY 'peptide linking'   y GLYCINE                         ?                               'C2 H5 N O2'     75.067  
GOL non-polymer         . GLYCEROL                        'GLYCERIN; PROPANE-1,2,3-TRIOL' 'C3 H8 O3'       92.094  
HOH non-polymer         . WATER                           ?                               'H2 O'           18.015  
ILE 'L-peptide linking' y ISOLEUCINE                      ?                               'C6 H13 N O2'    131.173 
LEU 'L-peptide linking' y LEUCINE                         ?                               'C6 H13 N O2'    131.173 
LYS 'L-peptide linking' y LYSINE                          ?                               'C6 H15 N2 O2 1' 147.195 
MET 'L-peptide linking' y METHIONINE                      ?                               'C5 H11 N O2 S'  149.211 
MPD non-polymer         . '(4S)-2-METHYL-2,4-PENTANEDIOL' ?                               'C6 H14 O2'      118.174 
PHE 'L-peptide linking' y PHENYLALANINE                   ?                               'C9 H11 N O2'    165.189 
PRO 'L-peptide linking' y PROLINE                         ?                               'C5 H9 N O2'     115.130 
SER 'L-peptide linking' y SERINE                          ?                               'C3 H7 N O3'     105.093 
TBU non-polymer         . 'TERTIARY-BUTYL ALCOHOL'        2-METHYL-2-PROPANOL             'C4 H10 O'       74.122  
THR 'L-peptide linking' y THREONINE                       ?                               'C4 H9 N O3'     119.119 
TYR 'L-peptide linking' y TYROSINE                        ?                               'C9 H11 N O3'    181.189 
VAL 'L-peptide linking' y VALINE                          ?                               'C5 H11 N O2'    117.146 
# 
loop_
_pdbx_poly_seq_scheme.asym_id 
_pdbx_poly_seq_scheme.entity_id 
_pdbx_poly_seq_scheme.seq_id 
_pdbx_poly_seq_scheme.mon_id 
_pdbx_poly_seq_scheme.ndb_seq_num 
_pdbx_poly_seq_scheme.pdb_seq_num 
_pdbx_poly_seq_scheme.auth_seq_num 
_pdbx_poly_seq_scheme.pdb_mon_id 
_pdbx_poly_seq_scheme.auth_mon_id 
_pdbx_poly_seq_scheme.pdb_strand_id 
_pdbx_poly_seq_scheme.pdb_ins_code 
_pdbx_poly_seq_scheme.hetero 
A 1 1   GLY 1   1   ?   ?   ?   A . n 
A 1 2   GLY 2   2   2   GLY GLY A . n 
A 1 3   ASN 3   3   3   ASN ASN A . n 
A 1 4   ASP 4   4   4   ASP ASP A . n 
A 1 5   PHE 5   5   5   PHE PHE A . n 
A 1 6   VAL 6   6   6   VAL VAL A . n 
A 1 7   SER 7   7   7   SER SER A . n 
A 1 8   ARG 8   8   8   ARG ARG A . n 
A 1 9   LEU 9   9   9   LEU LEU A . n 
A 1 10  LYS 10  10  10  LYS LYS A . n 
A 1 11  ALA 11  11  11  ALA ALA A . n 
A 1 12  LEU 12  12  12  LEU LEU A . n 
A 1 13  ASP 13  13  13  ASP ASP A . n 
A 1 14  GLY 14  14  14  GLY GLY A . n 
A 1 15  ARG 15  15  15  ARG ARG A . n 
A 1 16  GLU 16  16  16  GLU GLU A . n 
A 1 17  GLY 17  17  17  GLY GLY A . n 
A 1 18  LYS 18  18  18  LYS LYS A . n 
A 1 19  ILE 19  19  19  ILE ILE A . n 
A 1 20  VAL 20  20  20  VAL VAL A . n 
A 1 21  SER 21  21  21  SER SER A . n 
A 1 22  SER 22  22  22  SER SER A . n 
A 1 23  TYR 23  23  23  TYR TYR A . n 
A 1 24  ASP 24  24  24  ASP ASP A . n 
A 1 25  ASP 25  25  25  ASP ASP A . n 
A 1 26  GLU 26  26  26  GLU GLU A . n 
A 1 27  ASN 27  27  27  ASN ASN A . n 
A 1 28  THR 28  28  28  THR THR A . n 
A 1 29  GLY 29  29  29  GLY GLY A . n 
A 1 30  ARG 30  30  30  ARG ARG A . n 
A 1 31  CYS 31  31  31  CYS CYS A . n 
A 1 32  ARG 32  32  32  ARG ARG A . n 
A 1 33  LEU 33  33  33  LEU LEU A . n 
A 1 34  GLU 34  34  34  GLU GLU A . n 
A 1 35  LEU 35  35  35  LEU LEU A . n 
A 1 36  GLN 36  36  36  GLN GLN A . n 
A 1 37  LYS 37  37  37  LYS LYS A . n 
A 1 38  TYR 38  38  38  TYR TYR A . n 
A 1 39  GLU 39  39  39  GLU GLU A . n 
A 1 40  LEU 40  40  40  LEU LEU A . n 
A 1 41  GLU 41  41  41  GLU GLU A . n 
A 1 42  ASP 42  42  42  ASP ASP A . n 
A 1 43  GLY 43  43  43  GLY GLY A . n 
A 1 44  SER 44  44  44  SER SER A . n 
A 1 45  GLN 45  45  45  GLN GLN A . n 
A 1 46  GLY 46  46  46  GLY GLY A . n 
A 1 47  LEU 47  47  47  LEU LEU A . n 
A 1 48  ALA 48  48  48  ALA ALA A . n 
A 1 49  VAL 49  49  49  VAL VAL A . n 
A 1 50  TYR 50  50  50  TYR TYR A . n 
A 1 51  LEU 51  51  51  LEU LEU A . n 
A 1 52  GLN 52  52  52  GLN GLN A . n 
A 1 53  ASP 53  53  53  ASP ASP A . n 
A 1 54  THR 54  54  54  THR THR A . n 
A 1 55  GLY 55  55  55  GLY GLY A . n 
A 1 56  MET 56  56  56  MET MET A . n 
A 1 57  TYR 57  57  57  TYR TYR A . n 
A 1 58  PHE 58  58  58  PHE PHE A . n 
A 1 59  THR 59  59  59  THR THR A . n 
A 1 60  PRO 60  60  60  PRO PRO A . n 
A 1 61  SER 61  61  61  SER SER A . n 
A 1 62  ALA 62  62  62  ALA ALA A . n 
A 1 63  GLY 63  63  63  GLY GLY A . n 
A 1 64  LEU 64  64  64  LEU LEU A . n 
A 1 65  ASP 65  65  65  ASP ASP A . n 
A 1 66  LYS 66  66  66  LYS LYS A . n 
A 1 67  GLU 67  67  67  GLU GLU A . n 
A 1 68  THR 68  68  68  THR THR A . n 
A 1 69  LYS 69  69  69  LYS LYS A . n 
A 1 70  LEU 70  70  70  LEU LEU A . n 
A 1 71  LYS 71  71  71  LYS LYS A . n 
A 1 72  ASP 72  72  72  ASP ASP A . n 
A 1 73  ALA 73  73  73  ALA ALA A . n 
A 1 74  ASN 74  74  74  ASN ASN A . n 
A 1 75  THR 75  75  75  THR THR A . n 
A 1 76  ALA 76  76  76  ALA ALA A . n 
A 1 77  VAL 77  77  77  VAL VAL A . n 
A 1 78  VAL 78  78  78  VAL VAL A . n 
A 1 79  SER 79  79  79  SER SER A . n 
A 1 80  THR 80  80  80  THR THR A . n 
A 1 81  SER 81  81  81  SER SER A . n 
A 1 82  SER 82  82  82  SER SER A . n 
A 1 83  GLU 83  83  83  GLU GLU A . n 
A 1 84  ARG 84  84  84  ARG ARG A . n 
A 1 85  PRO 85  85  85  PRO PRO A . n 
A 1 86  GLY 86  86  86  GLY GLY A . n 
A 1 87  GLY 87  87  87  GLY GLY A . n 
A 1 88  ASP 88  88  88  ASP ASP A . n 
A 1 89  ALA 89  89  89  ALA ALA A . n 
A 1 90  CYS 90  90  90  CYS CYS A . n 
A 1 91  GLY 91  91  91  GLY GLY A . n 
A 1 92  ASP 92  92  92  ASP ASP A . n 
A 1 93  PHE 93  93  93  PHE PHE A . n 
A 1 94  GLY 94  94  94  GLY GLY A . n 
A 1 95  GLY 95  95  95  GLY GLY A . n 
A 1 96  ALA 96  96  96  ALA ALA A . n 
A 1 97  LEU 97  97  97  LEU LEU A . n 
A 1 98  GLY 98  98  98  GLY GLY A . n 
A 1 99  TYR 99  99  99  TYR TYR A . n 
A 1 100 LYS 100 100 100 LYS LYS A . n 
A 1 101 LYS 101 101 101 LYS LYS A . n 
A 1 102 VAL 102 102 102 VAL VAL A . n 
A 1 103 LEU 103 103 103 LEU LEU A . n 
A 1 104 VAL 104 104 104 VAL VAL A . n 
A 1 105 LEU 105 105 105 LEU LEU A . n 
A 1 106 LYS 106 106 106 LYS LYS A . n 
A 1 107 ASP 107 107 107 ASP ASP A . n 
A 1 108 ASN 108 108 108 ASN ASN A . n 
A 1 109 GLN 109 109 109 GLN GLN A . n 
A 1 110 VAL 110 110 110 VAL VAL A . n 
A 1 111 THR 111 111 111 THR THR A . n 
A 1 112 ILE 112 112 112 ILE ILE A . n 
A 1 113 ARG 113 113 113 ARG ARG A . n 
A 1 114 GLU 114 114 114 GLU GLU A . n 
A 1 115 THR 115 115 115 THR THR A . n 
A 1 116 PHE 116 116 116 PHE PHE A . n 
A 1 117 ARG 117 117 117 ARG ARG A . n 
A 1 118 CYS 118 118 118 CYS CYS A . n 
A 1 119 VAL 119 119 119 VAL VAL A . n 
A 1 120 MET 120 120 120 MET MET A . n 
A 1 121 ASP 121 121 121 ASP ASP A . n 
A 1 122 GLY 122 122 122 GLY GLY A . n 
A 1 123 PHE 123 123 123 PHE PHE A . n 
A 1 124 LYS 124 124 124 LYS LYS A . n 
A 1 125 LYS 125 125 125 LYS LYS A . n 
A 1 126 TYR 126 126 126 TYR TYR A . n 
A 1 127 ASP 127 127 127 ASP ASP A . n 
A 1 128 LEU 128 128 128 LEU LEU A . n 
A 1 129 SER 129 129 129 SER SER A . n 
A 1 130 THR 130 130 130 THR THR A . n 
A 1 131 THR 131 131 131 THR THR A . n 
A 1 132 CYS 132 132 132 CYS CYS A . n 
A 1 133 GLN 133 133 133 GLN GLN A . n 
A 1 134 PHE 134 134 134 PHE PHE A . n 
# 
loop_
_pdbx_nonpoly_scheme.asym_id 
_pdbx_nonpoly_scheme.entity_id 
_pdbx_nonpoly_scheme.mon_id 
_pdbx_nonpoly_scheme.ndb_seq_num 
_pdbx_nonpoly_scheme.pdb_seq_num 
_pdbx_nonpoly_scheme.auth_seq_num 
_pdbx_nonpoly_scheme.pdb_mon_id 
_pdbx_nonpoly_scheme.auth_mon_id 
_pdbx_nonpoly_scheme.pdb_strand_id 
_pdbx_nonpoly_scheme.pdb_ins_code 
B 2 MPD 1  201 201 MPD MPD A . 
C 3 GOL 1  202 401 GOL GOL A . 
D 4 TBU 1  203 501 TBU TBU A . 
E 4 TBU 1  204 601 TBU TBU A . 
F 4 TBU 1  205 701 TBU TBU A . 
G 4 TBU 1  206 801 TBU TBU A . 
H 5 HOH 1  301 27  HOH HOH A . 
H 5 HOH 2  302 47  HOH HOH A . 
H 5 HOH 3  303 64  HOH HOH A . 
H 5 HOH 4  304 80  HOH HOH A . 
H 5 HOH 5  305 61  HOH HOH A . 
H 5 HOH 6  306 28  HOH HOH A . 
H 5 HOH 7  307 42  HOH HOH A . 
H 5 HOH 8  308 50  HOH HOH A . 
H 5 HOH 9  309 49  HOH HOH A . 
H 5 HOH 10 310 41  HOH HOH A . 
H 5 HOH 11 311 25  HOH HOH A . 
H 5 HOH 12 312 20  HOH HOH A . 
H 5 HOH 13 313 1   HOH HOH A . 
H 5 HOH 14 314 11  HOH HOH A . 
H 5 HOH 15 315 24  HOH HOH A . 
H 5 HOH 16 316 36  HOH HOH A . 
H 5 HOH 17 317 51  HOH HOH A . 
H 5 HOH 18 318 10  HOH HOH A . 
H 5 HOH 19 319 19  HOH HOH A . 
H 5 HOH 20 320 56  HOH HOH A . 
H 5 HOH 21 321 7   HOH HOH A . 
H 5 HOH 22 322 2   HOH HOH A . 
H 5 HOH 23 323 40  HOH HOH A . 
H 5 HOH 24 324 37  HOH HOH A . 
H 5 HOH 25 325 12  HOH HOH A . 
H 5 HOH 26 326 3   HOH HOH A . 
H 5 HOH 27 327 79  HOH HOH A . 
H 5 HOH 28 328 54  HOH HOH A . 
H 5 HOH 29 329 16  HOH HOH A . 
H 5 HOH 30 330 4   HOH HOH A . 
H 5 HOH 31 331 59  HOH HOH A . 
H 5 HOH 32 332 38  HOH HOH A . 
H 5 HOH 33 333 5   HOH HOH A . 
H 5 HOH 34 334 66  HOH HOH A . 
H 5 HOH 35 335 9   HOH HOH A . 
H 5 HOH 36 336 17  HOH HOH A . 
H 5 HOH 37 337 23  HOH HOH A . 
H 5 HOH 38 338 33  HOH HOH A . 
H 5 HOH 39 339 53  HOH HOH A . 
H 5 HOH 40 340 58  HOH HOH A . 
H 5 HOH 41 341 13  HOH HOH A . 
H 5 HOH 42 342 6   HOH HOH A . 
H 5 HOH 43 343 29  HOH HOH A . 
H 5 HOH 44 344 84  HOH HOH A . 
H 5 HOH 45 345 34  HOH HOH A . 
H 5 HOH 46 346 52  HOH HOH A . 
H 5 HOH 47 347 31  HOH HOH A . 
H 5 HOH 48 348 21  HOH HOH A . 
H 5 HOH 49 349 48  HOH HOH A . 
H 5 HOH 50 350 8   HOH HOH A . 
H 5 HOH 51 351 39  HOH HOH A . 
H 5 HOH 52 352 26  HOH HOH A . 
H 5 HOH 53 353 65  HOH HOH A . 
H 5 HOH 54 354 15  HOH HOH A . 
H 5 HOH 55 355 22  HOH HOH A . 
H 5 HOH 56 356 32  HOH HOH A . 
H 5 HOH 57 357 18  HOH HOH A . 
H 5 HOH 58 358 75  HOH HOH A . 
H 5 HOH 59 359 57  HOH HOH A . 
H 5 HOH 60 360 46  HOH HOH A . 
H 5 HOH 61 361 45  HOH HOH A . 
H 5 HOH 62 362 30  HOH HOH A . 
H 5 HOH 63 363 67  HOH HOH A . 
H 5 HOH 64 364 14  HOH HOH A . 
H 5 HOH 65 365 35  HOH HOH A . 
H 5 HOH 66 366 69  HOH HOH A . 
H 5 HOH 67 367 44  HOH HOH A . 
H 5 HOH 68 368 68  HOH HOH A . 
H 5 HOH 69 369 71  HOH HOH A . 
H 5 HOH 70 370 83  HOH HOH A . 
H 5 HOH 71 371 63  HOH HOH A . 
H 5 HOH 72 372 82  HOH HOH A . 
H 5 HOH 73 373 81  HOH HOH A . 
H 5 HOH 74 374 55  HOH HOH A . 
# 
loop_
_software.citation_id 
_software.classification 
_software.compiler_name 
_software.compiler_version 
_software.contact_author 
_software.contact_author_email 
_software.date 
_software.description 
_software.dependencies 
_software.hardware 
_software.language 
_software.location 
_software.mods 
_software.name 
_software.os 
_software.os_version 
_software.type 
_software.version 
_software.pdbx_ordinal 
? refinement        ? ? ? ? ? ? ? ? ? ? ? PHENIX      ? ? ? 1.15.2_3472 1 
? 'data extraction' ? ? ? ? ? ? ? ? ? ? ? PDB_EXTRACT ? ? ? 3.27        2 
? 'data reduction'  ? ? ? ? ? ? ? ? ? ? ? XDS         ? ? ? .           3 
? 'data scaling'    ? ? ? ? ? ? ? ? ? ? ? Aimless     ? ? ? .           4 
? phasing           ? ? ? ? ? ? ? ? ? ? ? PHENIX      ? ? ? .           5 
# 
_cell.angle_alpha                  90.000 
_cell.angle_alpha_esd              ? 
_cell.angle_beta                   90.000 
_cell.angle_beta_esd               ? 
_cell.angle_gamma                  90.000 
_cell.angle_gamma_esd              ? 
_cell.entry_id                     7OC9 
_cell.details                      ? 
_cell.formula_units_Z              ? 
_cell.length_a                     53.490 
_cell.length_a_esd                 ? 
_cell.length_b                     69.670 
_cell.length_b_esd                 ? 
_cell.length_c                     85.850 
_cell.length_c_esd                 ? 
_cell.volume                       ? 
_cell.volume_esd                   ? 
_cell.Z_PDB                        8 
_cell.reciprocal_angle_alpha       ? 
_cell.reciprocal_angle_beta        ? 
_cell.reciprocal_angle_gamma       ? 
_cell.reciprocal_angle_alpha_esd   ? 
_cell.reciprocal_angle_beta_esd    ? 
_cell.reciprocal_angle_gamma_esd   ? 
_cell.reciprocal_length_a          ? 
_cell.reciprocal_length_b          ? 
_cell.reciprocal_length_c          ? 
_cell.reciprocal_length_a_esd      ? 
_cell.reciprocal_length_b_esd      ? 
_cell.reciprocal_length_c_esd      ? 
_cell.pdbx_unique_axis             ? 
# 
_symmetry.entry_id                         7OC9 
_symmetry.cell_setting                     ? 
_symmetry.Int_Tables_number                20 
_symmetry.space_group_name_Hall            ? 
_symmetry.space_group_name_H-M             'C 2 2 21' 
_symmetry.pdbx_full_space_group_name_H-M   ? 
# 
_exptl.absorpt_coefficient_mu     ? 
_exptl.absorpt_correction_T_max   ? 
_exptl.absorpt_correction_T_min   ? 
_exptl.absorpt_correction_type    ? 
_exptl.absorpt_process_details    ? 
_exptl.entry_id                   7OC9 
_exptl.crystals_number            1 
_exptl.details                    ? 
_exptl.method                     'X-RAY DIFFRACTION' 
_exptl.method_details             ? 
# 
_exptl_crystal.colour                      ? 
_exptl_crystal.density_diffrn              ? 
_exptl_crystal.density_Matthews            2.72 
_exptl_crystal.density_method              ? 
_exptl_crystal.density_percent_sol         54.81 
_exptl_crystal.description                 ? 
_exptl_crystal.F_000                       ? 
_exptl_crystal.id                          1 
_exptl_crystal.preparation                 ? 
_exptl_crystal.size_max                    ? 
_exptl_crystal.size_mid                    ? 
_exptl_crystal.size_min                    ? 
_exptl_crystal.size_rad                    ? 
_exptl_crystal.colour_lustre               ? 
_exptl_crystal.colour_modifier             ? 
_exptl_crystal.colour_primary              ? 
_exptl_crystal.density_meas                ? 
_exptl_crystal.density_meas_esd            ? 
_exptl_crystal.density_meas_gt             ? 
_exptl_crystal.density_meas_lt             ? 
_exptl_crystal.density_meas_temp           ? 
_exptl_crystal.density_meas_temp_esd       ? 
_exptl_crystal.density_meas_temp_gt        ? 
_exptl_crystal.density_meas_temp_lt        ? 
_exptl_crystal.pdbx_crystal_image_url      ? 
_exptl_crystal.pdbx_crystal_image_format   ? 
_exptl_crystal.pdbx_mosaicity              ? 
_exptl_crystal.pdbx_mosaicity_esd          ? 
# 
_exptl_crystal_grow.apparatus       ? 
_exptl_crystal_grow.atmosphere      ? 
_exptl_crystal_grow.crystal_id      1 
_exptl_crystal_grow.details         ? 
_exptl_crystal_grow.method          'VAPOR DIFFUSION, SITTING DROP' 
_exptl_crystal_grow.method_ref      ? 
_exptl_crystal_grow.pH              7.5 
_exptl_crystal_grow.pressure        ? 
_exptl_crystal_grow.pressure_esd    ? 
_exptl_crystal_grow.seeding         ? 
_exptl_crystal_grow.seeding_ref     ? 
_exptl_crystal_grow.temp            291 
_exptl_crystal_grow.temp_details    ? 
_exptl_crystal_grow.temp_esd        ? 
_exptl_crystal_grow.time            ? 
_exptl_crystal_grow.pdbx_details    
;47% v/v MPD
2% t-Butanol
;
_exptl_crystal_grow.pdbx_pH_range   ? 
# 
_diffrn.ambient_environment              ? 
_diffrn.ambient_temp                     100 
_diffrn.ambient_temp_details             ? 
_diffrn.ambient_temp_esd                 ? 
_diffrn.crystal_id                       1 
_diffrn.crystal_support                  ? 
_diffrn.crystal_treatment                ? 
_diffrn.details                          ? 
_diffrn.id                               1 
_diffrn.ambient_pressure                 ? 
_diffrn.ambient_pressure_esd             ? 
_diffrn.ambient_pressure_gt              ? 
_diffrn.ambient_pressure_lt              ? 
_diffrn.ambient_temp_gt                  ? 
_diffrn.ambient_temp_lt                  ? 
_diffrn.pdbx_serial_crystal_experiment   N 
# 
_diffrn_detector.details                      ? 
_diffrn_detector.detector                     PIXEL 
_diffrn_detector.diffrn_id                    1 
_diffrn_detector.type                         'DECTRIS PILATUS 6M' 
_diffrn_detector.area_resol_mean              ? 
_diffrn_detector.dtime                        ? 
_diffrn_detector.pdbx_frames_total            ? 
_diffrn_detector.pdbx_collection_time_total   ? 
_diffrn_detector.pdbx_collection_date         2019-12-01 
_diffrn_detector.pdbx_frequency               ? 
# 
_diffrn_radiation.collimation                      ? 
_diffrn_radiation.diffrn_id                        1 
_diffrn_radiation.filter_edge                      ? 
_diffrn_radiation.inhomogeneity                    ? 
_diffrn_radiation.monochromator                    ? 
_diffrn_radiation.polarisn_norm                    ? 
_diffrn_radiation.polarisn_ratio                   ? 
_diffrn_radiation.probe                            ? 
_diffrn_radiation.type                             ? 
_diffrn_radiation.xray_symbol                      ? 
_diffrn_radiation.wavelength_id                    1 
_diffrn_radiation.pdbx_monochromatic_or_laue_m_l   M 
_diffrn_radiation.pdbx_wavelength_list             ? 
_diffrn_radiation.pdbx_wavelength                  ? 
_diffrn_radiation.pdbx_diffrn_protocol             'SINGLE WAVELENGTH' 
_diffrn_radiation.pdbx_analyzer                    ? 
_diffrn_radiation.pdbx_scattering_type             x-ray 
# 
_diffrn_radiation_wavelength.id           1 
_diffrn_radiation_wavelength.wavelength   0.9119 
_diffrn_radiation_wavelength.wt           1.0 
# 
_diffrn_source.current                     ? 
_diffrn_source.details                     ? 
_diffrn_source.diffrn_id                   1 
_diffrn_source.power                       ? 
_diffrn_source.size                        ? 
_diffrn_source.source                      SYNCHROTRON 
_diffrn_source.target                      ? 
_diffrn_source.type                        'DIAMOND BEAMLINE I03' 
_diffrn_source.voltage                     ? 
_diffrn_source.take-off_angle              ? 
_diffrn_source.pdbx_wavelength_list        0.9119 
_diffrn_source.pdbx_wavelength             ? 
_diffrn_source.pdbx_synchrotron_beamline   I03 
_diffrn_source.pdbx_synchrotron_site       Diamond 
# 
_reflns.B_iso_Wilson_estimate                          ? 
_reflns.entry_id                                       7OC9 
_reflns.data_reduction_details                         ? 
_reflns.data_reduction_method                          ? 
_reflns.d_resolution_high                              1.5 
_reflns.d_resolution_low                               42.43 
_reflns.details                                        ? 
_reflns.limit_h_max                                    ? 
_reflns.limit_h_min                                    ? 
_reflns.limit_k_max                                    ? 
_reflns.limit_k_min                                    ? 
_reflns.limit_l_max                                    ? 
_reflns.limit_l_min                                    ? 
_reflns.number_all                                     ? 
_reflns.number_obs                                     25800 
_reflns.observed_criterion                             ? 
_reflns.observed_criterion_F_max                       ? 
_reflns.observed_criterion_F_min                       ? 
_reflns.observed_criterion_I_max                       ? 
_reflns.observed_criterion_I_min                       ? 
_reflns.observed_criterion_sigma_F                     ? 
_reflns.observed_criterion_sigma_I                     ? 
_reflns.percent_possible_obs                           98.97 
_reflns.R_free_details                                 ? 
_reflns.Rmerge_F_all                                   ? 
_reflns.Rmerge_F_obs                                   ? 
_reflns.Friedel_coverage                               ? 
_reflns.number_gt                                      ? 
_reflns.threshold_expression                           ? 
_reflns.pdbx_redundancy                                13.1 
_reflns.pdbx_Rmerge_I_obs                              0.04177 
_reflns.pdbx_Rmerge_I_all                              ? 
_reflns.pdbx_Rsym_value                                ? 
_reflns.pdbx_netI_over_av_sigmaI                       ? 
_reflns.pdbx_netI_over_sigmaI                          24.27 
_reflns.pdbx_res_netI_over_av_sigmaI_2                 ? 
_reflns.pdbx_res_netI_over_sigmaI_2                    ? 
_reflns.pdbx_chi_squared                               ? 
_reflns.pdbx_scaling_rejects                           ? 
_reflns.pdbx_d_res_high_opt                            ? 
_reflns.pdbx_d_res_low_opt                             ? 
_reflns.pdbx_d_res_opt_method                          ? 
_reflns.phase_calculation_details                      ? 
_reflns.pdbx_Rrim_I_all                                ? 
_reflns.pdbx_Rpim_I_all                                ? 
_reflns.pdbx_d_opt                                     ? 
_reflns.pdbx_number_measured_all                       ? 
_reflns.pdbx_diffrn_id                                 1 
_reflns.pdbx_ordinal                                   1 
_reflns.pdbx_CC_half                                   0.999 
_reflns.pdbx_CC_star                                   ? 
_reflns.pdbx_R_split                                   ? 
_reflns.pdbx_aniso_diffraction_limit_axis_1_ortho[1]   ? 
_reflns.pdbx_aniso_diffraction_limit_axis_1_ortho[2]   ? 
_reflns.pdbx_aniso_diffraction_limit_axis_1_ortho[3]   ? 
_reflns.pdbx_aniso_diffraction_limit_axis_2_ortho[1]   ? 
_reflns.pdbx_aniso_diffraction_limit_axis_2_ortho[2]   ? 
_reflns.pdbx_aniso_diffraction_limit_axis_2_ortho[3]   ? 
_reflns.pdbx_aniso_diffraction_limit_axis_3_ortho[1]   ? 
_reflns.pdbx_aniso_diffraction_limit_axis_3_ortho[2]   ? 
_reflns.pdbx_aniso_diffraction_limit_axis_3_ortho[3]   ? 
_reflns.pdbx_aniso_diffraction_limit_1                 ? 
_reflns.pdbx_aniso_diffraction_limit_2                 ? 
_reflns.pdbx_aniso_diffraction_limit_3                 ? 
_reflns.pdbx_aniso_B_tensor_eigenvector_1_ortho[1]     ? 
_reflns.pdbx_aniso_B_tensor_eigenvector_1_ortho[2]     ? 
_reflns.pdbx_aniso_B_tensor_eigenvector_1_ortho[3]     ? 
_reflns.pdbx_aniso_B_tensor_eigenvector_2_ortho[1]     ? 
_reflns.pdbx_aniso_B_tensor_eigenvector_2_ortho[2]     ? 
_reflns.pdbx_aniso_B_tensor_eigenvector_2_ortho[3]     ? 
_reflns.pdbx_aniso_B_tensor_eigenvector_3_ortho[1]     ? 
_reflns.pdbx_aniso_B_tensor_eigenvector_3_ortho[2]     ? 
_reflns.pdbx_aniso_B_tensor_eigenvector_3_ortho[3]     ? 
_reflns.pdbx_aniso_B_tensor_eigenvalue_1               ? 
_reflns.pdbx_aniso_B_tensor_eigenvalue_2               ? 
_reflns.pdbx_aniso_B_tensor_eigenvalue_3               ? 
_reflns.pdbx_orthogonalization_convention              ? 
_reflns.pdbx_percent_possible_ellipsoidal              ? 
_reflns.pdbx_percent_possible_spherical                ? 
_reflns.pdbx_percent_possible_ellipsoidal_anomalous    ? 
_reflns.pdbx_percent_possible_spherical_anomalous      ? 
_reflns.pdbx_redundancy_anomalous                      ? 
_reflns.pdbx_CC_half_anomalous                         ? 
_reflns.pdbx_absDiff_over_sigma_anomalous              ? 
_reflns.pdbx_percent_possible_anomalous                ? 
_reflns.pdbx_observed_signal_threshold                 ? 
_reflns.pdbx_signal_type                               ? 
_reflns.pdbx_signal_details                            ? 
_reflns.pdbx_signal_software_id                        ? 
# 
_reflns_shell.d_res_high                                    1.5 
_reflns_shell.d_res_low                                     1.554 
_reflns_shell.meanI_over_sigI_all                           ? 
_reflns_shell.meanI_over_sigI_obs                           ? 
_reflns_shell.number_measured_all                           ? 
_reflns_shell.number_measured_obs                           ? 
_reflns_shell.number_possible                               ? 
_reflns_shell.number_unique_all                             ? 
_reflns_shell.number_unique_obs                             2533 
_reflns_shell.percent_possible_all                          ? 
_reflns_shell.percent_possible_obs                          ? 
_reflns_shell.Rmerge_F_all                                  ? 
_reflns_shell.Rmerge_F_obs                                  ? 
_reflns_shell.Rmerge_I_all                                  ? 
_reflns_shell.Rmerge_I_obs                                  1.887 
_reflns_shell.meanI_over_sigI_gt                            ? 
_reflns_shell.meanI_over_uI_all                             ? 
_reflns_shell.meanI_over_uI_gt                              ? 
_reflns_shell.number_measured_gt                            ? 
_reflns_shell.number_unique_gt                              ? 
_reflns_shell.percent_possible_gt                           ? 
_reflns_shell.Rmerge_F_gt                                   ? 
_reflns_shell.Rmerge_I_gt                                   ? 
_reflns_shell.pdbx_redundancy                               ? 
_reflns_shell.pdbx_Rsym_value                               ? 
_reflns_shell.pdbx_chi_squared                              ? 
_reflns_shell.pdbx_netI_over_sigmaI_all                     ? 
_reflns_shell.pdbx_netI_over_sigmaI_obs                     ? 
_reflns_shell.pdbx_Rrim_I_all                               ? 
_reflns_shell.pdbx_Rpim_I_all                               ? 
_reflns_shell.pdbx_rejects                                  ? 
_reflns_shell.pdbx_ordinal                                  1 
_reflns_shell.pdbx_diffrn_id                                1 
_reflns_shell.pdbx_CC_half                                  0.638 
_reflns_shell.pdbx_CC_star                                  ? 
_reflns_shell.pdbx_R_split                                  ? 
_reflns_shell.pdbx_percent_possible_ellipsoidal             ? 
_reflns_shell.pdbx_percent_possible_spherical               ? 
_reflns_shell.pdbx_percent_possible_ellipsoidal_anomalous   ? 
_reflns_shell.pdbx_percent_possible_spherical_anomalous     ? 
_reflns_shell.pdbx_redundancy_anomalous                     ? 
_reflns_shell.pdbx_CC_half_anomalous                        ? 
_reflns_shell.pdbx_absDiff_over_sigma_anomalous             ? 
_reflns_shell.pdbx_percent_possible_anomalous               ? 
# 
_refine.aniso_B[1][1]                            ? 
_refine.aniso_B[1][2]                            ? 
_refine.aniso_B[1][3]                            ? 
_refine.aniso_B[2][2]                            ? 
_refine.aniso_B[2][3]                            ? 
_refine.aniso_B[3][3]                            ? 
_refine.B_iso_max                                125.620 
_refine.B_iso_mean                               47.4395 
_refine.B_iso_min                                25.670 
_refine.correlation_coeff_Fo_to_Fc               ? 
_refine.correlation_coeff_Fo_to_Fc_free          ? 
_refine.details                                  ? 
_refine.diff_density_max                         ? 
_refine.diff_density_max_esd                     ? 
_refine.diff_density_min                         ? 
_refine.diff_density_min_esd                     ? 
_refine.diff_density_rms                         ? 
_refine.diff_density_rms_esd                     ? 
_refine.entry_id                                 7OC9 
_refine.pdbx_refine_id                           'X-RAY DIFFRACTION' 
_refine.ls_abs_structure_details                 ? 
_refine.ls_abs_structure_Flack                   ? 
_refine.ls_abs_structure_Flack_esd               ? 
_refine.ls_abs_structure_Rogers                  ? 
_refine.ls_abs_structure_Rogers_esd              ? 
_refine.ls_d_res_high                            1.5000 
_refine.ls_d_res_low                             42.4280 
_refine.ls_extinction_coef                       ? 
_refine.ls_extinction_coef_esd                   ? 
_refine.ls_extinction_expression                 ? 
_refine.ls_extinction_method                     ? 
_refine.ls_goodness_of_fit_all                   ? 
_refine.ls_goodness_of_fit_all_esd               ? 
_refine.ls_goodness_of_fit_obs                   ? 
_refine.ls_goodness_of_fit_obs_esd               ? 
_refine.ls_hydrogen_treatment                    ? 
_refine.ls_matrix_type                           ? 
_refine.ls_number_constraints                    ? 
_refine.ls_number_parameters                     ? 
_refine.ls_number_reflns_all                     ? 
_refine.ls_number_reflns_obs                     25800 
_refine.ls_number_reflns_R_free                  1260 
_refine.ls_number_reflns_R_work                  24540 
_refine.ls_number_restraints                     ? 
_refine.ls_percent_reflns_obs                    98.9700 
_refine.ls_percent_reflns_R_free                 4.8800 
_refine.ls_R_factor_all                          ? 
_refine.ls_R_factor_obs                          0.1982 
_refine.ls_R_factor_R_free                       0.2129 
_refine.ls_R_factor_R_free_error                 ? 
_refine.ls_R_factor_R_free_error_details         ? 
_refine.ls_R_factor_R_work                       0.1974 
_refine.ls_R_Fsqd_factor_obs                     ? 
_refine.ls_R_I_factor_obs                        ? 
_refine.ls_redundancy_reflns_all                 ? 
_refine.ls_redundancy_reflns_obs                 ? 
_refine.ls_restrained_S_all                      ? 
_refine.ls_restrained_S_obs                      ? 
_refine.ls_shift_over_esd_max                    ? 
_refine.ls_shift_over_esd_mean                   ? 
_refine.ls_structure_factor_coef                 ? 
_refine.ls_weighting_details                     ? 
_refine.ls_weighting_scheme                      ? 
_refine.ls_wR_factor_all                         ? 
_refine.ls_wR_factor_obs                         ? 
_refine.ls_wR_factor_R_free                      ? 
_refine.ls_wR_factor_R_work                      ? 
_refine.occupancy_max                            ? 
_refine.occupancy_min                            ? 
_refine.solvent_model_details                    'FLAT BULK SOLVENT MODEL' 
_refine.solvent_model_param_bsol                 ? 
_refine.solvent_model_param_ksol                 ? 
_refine.pdbx_R_complete                          ? 
_refine.ls_R_factor_gt                           ? 
_refine.ls_goodness_of_fit_gt                    ? 
_refine.ls_goodness_of_fit_ref                   ? 
_refine.ls_shift_over_su_max                     ? 
_refine.ls_shift_over_su_max_lt                  ? 
_refine.ls_shift_over_su_mean                    ? 
_refine.ls_shift_over_su_mean_lt                 ? 
_refine.pdbx_ls_sigma_I                          ? 
_refine.pdbx_ls_sigma_F                          1.340 
_refine.pdbx_ls_sigma_Fsqd                       ? 
_refine.pdbx_data_cutoff_high_absF               ? 
_refine.pdbx_data_cutoff_high_rms_absF           ? 
_refine.pdbx_data_cutoff_low_absF                ? 
_refine.pdbx_isotropic_thermal_model             ? 
_refine.pdbx_ls_cross_valid_method               THROUGHOUT 
_refine.pdbx_method_to_determine_struct          SAD 
_refine.pdbx_starting_model                      ? 
_refine.pdbx_stereochemistry_target_values       ML 
_refine.pdbx_R_Free_selection_details            ? 
_refine.pdbx_stereochem_target_val_spec_case     ? 
_refine.pdbx_overall_ESU_R                       ? 
_refine.pdbx_overall_ESU_R_Free                  ? 
_refine.pdbx_solvent_vdw_probe_radii             1.1100 
_refine.pdbx_solvent_ion_probe_radii             ? 
_refine.pdbx_solvent_shrinkage_radii             0.9000 
_refine.pdbx_real_space_R                        ? 
_refine.pdbx_density_correlation                 ? 
_refine.pdbx_pd_number_of_powder_patterns        ? 
_refine.pdbx_pd_number_of_points                 ? 
_refine.pdbx_pd_meas_number_of_points            ? 
_refine.pdbx_pd_proc_ls_prof_R_factor            ? 
_refine.pdbx_pd_proc_ls_prof_wR_factor           ? 
_refine.pdbx_pd_Marquardt_correlation_coeff      ? 
_refine.pdbx_pd_Fsqrd_R_factor                   ? 
_refine.pdbx_pd_ls_matrix_band_width             ? 
_refine.pdbx_overall_phase_error                 25.2800 
_refine.pdbx_overall_SU_R_free_Cruickshank_DPI   ? 
_refine.pdbx_overall_SU_R_free_Blow_DPI          ? 
_refine.pdbx_overall_SU_R_Blow_DPI               ? 
_refine.pdbx_TLS_residual_ADP_flag               ? 
_refine.pdbx_diffrn_id                           1 
_refine.overall_SU_B                             ? 
_refine.overall_SU_ML                            0.2000 
_refine.overall_SU_R_Cruickshank_DPI             ? 
_refine.overall_SU_R_free                        ? 
_refine.overall_FOM_free_R_set                   ? 
_refine.overall_FOM_work_R_set                   ? 
_refine.pdbx_average_fsc_overall                 ? 
_refine.pdbx_average_fsc_work                    ? 
_refine.pdbx_average_fsc_free                    ? 
# 
_refine_hist.pdbx_refine_id                   'X-RAY DIFFRACTION' 
_refine_hist.cycle_id                         final 
_refine_hist.details                          ? 
_refine_hist.d_res_high                       1.5000 
_refine_hist.d_res_low                        42.4280 
_refine_hist.number_atoms_solvent             74 
_refine_hist.number_atoms_total               1193 
_refine_hist.number_reflns_all                ? 
_refine_hist.number_reflns_obs                ? 
_refine_hist.number_reflns_R_free             ? 
_refine_hist.number_reflns_R_work             ? 
_refine_hist.R_factor_all                     ? 
_refine_hist.R_factor_obs                     ? 
_refine_hist.R_factor_R_free                  ? 
_refine_hist.R_factor_R_work                  ? 
_refine_hist.pdbx_number_residues_total       133 
_refine_hist.pdbx_B_iso_mean_ligand           61.52 
_refine_hist.pdbx_B_iso_mean_solvent          45.88 
_refine_hist.pdbx_number_atoms_protein        1023 
_refine_hist.pdbx_number_atoms_nucleic_acid   0 
_refine_hist.pdbx_number_atoms_ligand         96 
_refine_hist.pdbx_number_atoms_lipid          ? 
_refine_hist.pdbx_number_atoms_carb           ? 
_refine_hist.pdbx_pseudo_atom_details         ? 
# 
loop_
_refine_ls_shell.pdbx_refine_id 
_refine_ls_shell.d_res_high 
_refine_ls_shell.d_res_low 
_refine_ls_shell.number_reflns_all 
_refine_ls_shell.number_reflns_obs 
_refine_ls_shell.number_reflns_R_free 
_refine_ls_shell.number_reflns_R_work 
_refine_ls_shell.percent_reflns_obs 
_refine_ls_shell.percent_reflns_R_free 
_refine_ls_shell.R_factor_all 
_refine_ls_shell.R_factor_obs 
_refine_ls_shell.R_factor_R_free 
_refine_ls_shell.R_factor_R_free_error 
_refine_ls_shell.R_factor_R_work 
_refine_ls_shell.redundancy_reflns_all 
_refine_ls_shell.redundancy_reflns_obs 
_refine_ls_shell.wR_factor_all 
_refine_ls_shell.wR_factor_obs 
_refine_ls_shell.wR_factor_R_free 
_refine_ls_shell.wR_factor_R_work 
_refine_ls_shell.pdbx_R_complete 
_refine_ls_shell.pdbx_total_number_of_bins_used 
_refine_ls_shell.pdbx_phase_error 
_refine_ls_shell.pdbx_fsc_work 
_refine_ls_shell.pdbx_fsc_free 
'X-RAY DIFFRACTION' 1.5001 1.5601  . . 136 2673 98.0000  . . . 0.3421 0.0000 0.3021 . . . . . . . . . . . 
'X-RAY DIFFRACTION' 1.5601 1.6311  . . 134 2674 98.0000  . . . 0.2468 0.0000 0.2634 . . . . . . . . . . . 
'X-RAY DIFFRACTION' 1.6311 1.7171  . . 170 2634 99.0000  . . . 0.2892 0.0000 0.2341 . . . . . . . . . . . 
'X-RAY DIFFRACTION' 1.7171 1.8247  . . 145 2705 99.0000  . . . 0.2312 0.0000 0.2219 . . . . . . . . . . . 
'X-RAY DIFFRACTION' 1.8247 1.9656  . . 123 2712 99.0000  . . . 0.2507 0.0000 0.2178 . . . . . . . . . . . 
'X-RAY DIFFRACTION' 1.9656 2.1634  . . 121 2726 99.0000  . . . 0.2428 0.0000 0.2076 . . . . . . . . . . . 
'X-RAY DIFFRACTION' 2.1634 2.4764  . . 163 2722 100.0000 . . . 0.2386 0.0000 0.2095 . . . . . . . . . . . 
'X-RAY DIFFRACTION' 2.4764 3.1199  . . 131 2798 100.0000 . . . 0.2411 0.0000 0.2170 . . . . . . . . . . . 
'X-RAY DIFFRACTION' 3.1199 42.4280 . . 137 2896 100.0000 . . . 0.1814 0.0000 0.1775 . . . . . . . . . . . 
# 
_struct.entry_id                     7OC9 
_struct.title                        'Structure of Bdellovibrio bacteriovorus Bd0675' 
_struct.pdbx_model_details           ? 
_struct.pdbx_formula_weight          ? 
_struct.pdbx_formula_weight_method   ? 
_struct.pdbx_model_type_details      ? 
_struct.pdbx_CASP_flag               N 
# 
_struct_keywords.entry_id        7OC9 
_struct_keywords.text            'Bdellovibrio Secretion Cryptic, UNKNOWN FUNCTION' 
_struct_keywords.pdbx_keywords   'UNKNOWN FUNCTION' 
# 
loop_
_struct_asym.id 
_struct_asym.pdbx_blank_PDB_chainid_flag 
_struct_asym.pdbx_modified 
_struct_asym.entity_id 
_struct_asym.details 
A N N 1 ? 
B N N 2 ? 
C N N 3 ? 
D N N 4 ? 
E N N 4 ? 
F N N 4 ? 
G N N 4 ? 
H N N 5 ? 
# 
_struct_ref.id                         1 
_struct_ref.db_name                    UNP 
_struct_ref.db_code                    Q6MQ12_BDEBA 
_struct_ref.pdbx_db_accession          Q6MQ12 
_struct_ref.pdbx_db_isoform            ? 
_struct_ref.entity_id                  1 
_struct_ref.pdbx_seq_one_letter_code   
;GGNDFVSRLKALDGREGKIVSSYDDENTGRCRLELQKYELEDGSQGLAVYLQDTGMYFTPSAGLDKETKLKDANTAVVST
SSERPGGDACGDFGGALGYKKVLVLKDNQVTIRETFRCVMDGFKKYDLSTTCQF
;
_struct_ref.pdbx_align_begin           69 
# 
_struct_ref_seq.align_id                      1 
_struct_ref_seq.ref_id                        1 
_struct_ref_seq.pdbx_PDB_id_code              7OC9 
_struct_ref_seq.pdbx_strand_id                A 
_struct_ref_seq.seq_align_beg                 1 
_struct_ref_seq.pdbx_seq_align_beg_ins_code   ? 
_struct_ref_seq.seq_align_end                 134 
_struct_ref_seq.pdbx_seq_align_end_ins_code   ? 
_struct_ref_seq.pdbx_db_accession             Q6MQ12 
_struct_ref_seq.db_align_beg                  69 
_struct_ref_seq.pdbx_db_align_beg_ins_code    ? 
_struct_ref_seq.db_align_end                  202 
_struct_ref_seq.pdbx_db_align_end_ins_code    ? 
_struct_ref_seq.pdbx_auth_seq_align_beg       1 
_struct_ref_seq.pdbx_auth_seq_align_end       134 
# 
_pdbx_struct_assembly.id                   1 
_pdbx_struct_assembly.details              author_and_software_defined_assembly 
_pdbx_struct_assembly.method_details       PISA 
_pdbx_struct_assembly.oligomeric_details   monomeric 
_pdbx_struct_assembly.oligomeric_count     1 
# 
loop_
_pdbx_struct_assembly_prop.biol_id 
_pdbx_struct_assembly_prop.type 
_pdbx_struct_assembly_prop.value 
_pdbx_struct_assembly_prop.details 
1 'ABSA (A^2)' 1410 ? 
1 MORE         9    ? 
1 'SSA (A^2)'  8090 ? 
# 
_pdbx_struct_assembly_gen.assembly_id       1 
_pdbx_struct_assembly_gen.oper_expression   1 
_pdbx_struct_assembly_gen.asym_id_list      A,B,C,D,E,F,G,H 
# 
_pdbx_struct_assembly_auth_evidence.id                     1 
_pdbx_struct_assembly_auth_evidence.assembly_id            1 
_pdbx_struct_assembly_auth_evidence.experimental_support   'gel filtration' 
_pdbx_struct_assembly_auth_evidence.details                ? 
# 
_pdbx_struct_oper_list.id                   1 
_pdbx_struct_oper_list.type                 'identity operation' 
_pdbx_struct_oper_list.name                 1_555 
_pdbx_struct_oper_list.symmetry_operation   x,y,z 
_pdbx_struct_oper_list.matrix[1][1]         1.0000000000 
_pdbx_struct_oper_list.matrix[1][2]         0.0000000000 
_pdbx_struct_oper_list.matrix[1][3]         0.0000000000 
_pdbx_struct_oper_list.vector[1]            0.0000000000 
_pdbx_struct_oper_list.matrix[2][1]         0.0000000000 
_pdbx_struct_oper_list.matrix[2][2]         1.0000000000 
_pdbx_struct_oper_list.matrix[2][3]         0.0000000000 
_pdbx_struct_oper_list.vector[2]            0.0000000000 
_pdbx_struct_oper_list.matrix[3][1]         0.0000000000 
_pdbx_struct_oper_list.matrix[3][2]         0.0000000000 
_pdbx_struct_oper_list.matrix[3][3]         1.0000000000 
_pdbx_struct_oper_list.vector[3]            0.0000000000 
# 
loop_
_struct_conf.conf_type_id 
_struct_conf.id 
_struct_conf.pdbx_PDB_helix_id 
_struct_conf.beg_label_comp_id 
_struct_conf.beg_label_asym_id 
_struct_conf.beg_label_seq_id 
_struct_conf.pdbx_beg_PDB_ins_code 
_struct_conf.end_label_comp_id 
_struct_conf.end_label_asym_id 
_struct_conf.end_label_seq_id 
_struct_conf.pdbx_end_PDB_ins_code 
_struct_conf.beg_auth_comp_id 
_struct_conf.beg_auth_asym_id 
_struct_conf.beg_auth_seq_id 
_struct_conf.end_auth_comp_id 
_struct_conf.end_auth_asym_id 
_struct_conf.end_auth_seq_id 
_struct_conf.pdbx_PDB_helix_class 
_struct_conf.details 
_struct_conf.pdbx_PDB_helix_length 
HELX_P HELX_P1 AA1 GLY A 2   ? ASP A 13  ? GLY A 2   ASP A 13  1 ? 12 
HELX_P HELX_P2 AA2 MET A 120 ? GLY A 122 ? MET A 120 GLY A 122 5 ? 3  
# 
_struct_conf_type.id          HELX_P 
_struct_conf_type.criteria    ? 
_struct_conf_type.reference   ? 
# 
loop_
_struct_conn.id 
_struct_conn.conn_type_id 
_struct_conn.pdbx_leaving_atom_flag 
_struct_conn.pdbx_PDB_id 
_struct_conn.ptnr1_label_asym_id 
_struct_conn.ptnr1_label_comp_id 
_struct_conn.ptnr1_label_seq_id 
_struct_conn.ptnr1_label_atom_id 
_struct_conn.pdbx_ptnr1_label_alt_id 
_struct_conn.pdbx_ptnr1_PDB_ins_code 
_struct_conn.pdbx_ptnr1_standard_comp_id 
_struct_conn.ptnr1_symmetry 
_struct_conn.ptnr2_label_asym_id 
_struct_conn.ptnr2_label_comp_id 
_struct_conn.ptnr2_label_seq_id 
_struct_conn.ptnr2_label_atom_id 
_struct_conn.pdbx_ptnr2_label_alt_id 
_struct_conn.pdbx_ptnr2_PDB_ins_code 
_struct_conn.ptnr1_auth_asym_id 
_struct_conn.ptnr1_auth_comp_id 
_struct_conn.ptnr1_auth_seq_id 
_struct_conn.ptnr2_auth_asym_id 
_struct_conn.ptnr2_auth_comp_id 
_struct_conn.ptnr2_auth_seq_id 
_struct_conn.ptnr2_symmetry 
_struct_conn.pdbx_ptnr3_label_atom_id 
_struct_conn.pdbx_ptnr3_label_seq_id 
_struct_conn.pdbx_ptnr3_label_comp_id 
_struct_conn.pdbx_ptnr3_label_asym_id 
_struct_conn.pdbx_ptnr3_label_alt_id 
_struct_conn.pdbx_ptnr3_PDB_ins_code 
_struct_conn.details 
_struct_conn.pdbx_dist_value 
_struct_conn.pdbx_value_order 
_struct_conn.pdbx_role 
disulf1 disulf ? ? A CYS 31 SG A ? ? 1_555 A CYS 132 SG A ? A CYS 31 A CYS 132 1_555 ? ? ? ? ? ? ? 2.009 ? ? 
disulf2 disulf ? ? A CYS 31 SG B ? ? 1_555 A CYS 132 SG B ? A CYS 31 A CYS 132 1_555 ? ? ? ? ? ? ? 2.023 ? ? 
disulf3 disulf ? ? A CYS 90 SG ? ? ? 1_555 A CYS 118 SG ? ? A CYS 90 A CYS 118 1_555 ? ? ? ? ? ? ? 2.034 ? ? 
# 
_struct_conn_type.id          disulf 
_struct_conn_type.criteria    ? 
_struct_conn_type.reference   ? 
# 
loop_
_pdbx_modification_feature.ordinal 
_pdbx_modification_feature.label_comp_id 
_pdbx_modification_feature.label_asym_id 
_pdbx_modification_feature.label_seq_id 
_pdbx_modification_feature.label_alt_id 
_pdbx_modification_feature.modified_residue_label_comp_id 
_pdbx_modification_feature.modified_residue_label_asym_id 
_pdbx_modification_feature.modified_residue_label_seq_id 
_pdbx_modification_feature.modified_residue_label_alt_id 
_pdbx_modification_feature.auth_comp_id 
_pdbx_modification_feature.auth_asym_id 
_pdbx_modification_feature.auth_seq_id 
_pdbx_modification_feature.PDB_ins_code 
_pdbx_modification_feature.symmetry 
_pdbx_modification_feature.modified_residue_auth_comp_id 
_pdbx_modification_feature.modified_residue_auth_asym_id 
_pdbx_modification_feature.modified_residue_auth_seq_id 
_pdbx_modification_feature.modified_residue_PDB_ins_code 
_pdbx_modification_feature.modified_residue_symmetry 
_pdbx_modification_feature.comp_id_linking_atom 
_pdbx_modification_feature.modified_residue_id_linking_atom 
_pdbx_modification_feature.modified_residue_id 
_pdbx_modification_feature.ref_pcm_id 
_pdbx_modification_feature.ref_comp_id 
_pdbx_modification_feature.type 
_pdbx_modification_feature.category 
1 CYS A 31 A CYS A 132 A CYS A 31 ? 1_555 CYS A 132 ? 1_555 SG SG . . . None 'Disulfide bridge' 
2 CYS A 31 B CYS A 132 B CYS A 31 ? 1_555 CYS A 132 ? 1_555 SG SG . . . None 'Disulfide bridge' 
3 CYS A 90 ? CYS A 118 ? CYS A 90 ? 1_555 CYS A 118 ? 1_555 SG SG . . . None 'Disulfide bridge' 
# 
loop_
_struct_sheet.id 
_struct_sheet.type 
_struct_sheet.number_strands 
_struct_sheet.details 
AA1 ? 9 ? 
AA2 ? 2 ? 
# 
loop_
_struct_sheet_order.sheet_id 
_struct_sheet_order.range_id_1 
_struct_sheet_order.range_id_2 
_struct_sheet_order.offset 
_struct_sheet_order.sense 
AA1 1 2 ? anti-parallel 
AA1 2 3 ? anti-parallel 
AA1 3 4 ? anti-parallel 
AA1 4 5 ? anti-parallel 
AA1 5 6 ? anti-parallel 
AA1 6 7 ? anti-parallel 
AA1 7 8 ? anti-parallel 
AA1 8 9 ? anti-parallel 
AA2 1 2 ? anti-parallel 
# 
loop_
_struct_sheet_range.sheet_id 
_struct_sheet_range.id 
_struct_sheet_range.beg_label_comp_id 
_struct_sheet_range.beg_label_asym_id 
_struct_sheet_range.beg_label_seq_id 
_struct_sheet_range.pdbx_beg_PDB_ins_code 
_struct_sheet_range.end_label_comp_id 
_struct_sheet_range.end_label_asym_id 
_struct_sheet_range.end_label_seq_id 
_struct_sheet_range.pdbx_end_PDB_ins_code 
_struct_sheet_range.beg_auth_comp_id 
_struct_sheet_range.beg_auth_asym_id 
_struct_sheet_range.beg_auth_seq_id 
_struct_sheet_range.end_auth_comp_id 
_struct_sheet_range.end_auth_asym_id 
_struct_sheet_range.end_auth_seq_id 
AA1 1 SER A 61  ? LEU A 64  ? SER A 61  LEU A 64  
AA1 2 GLN A 45  ? GLN A 52  ? GLN A 45  GLN A 52  
AA1 3 ARG A 30  ? GLU A 39  ? ARG A 30  GLU A 39  
AA1 4 GLU A 16  ? SER A 22  ? GLU A 16  SER A 22  
AA1 5 LYS A 125 ? GLN A 133 ? LYS A 125 GLN A 133 
AA1 6 GLN A 109 ? CYS A 118 ? GLN A 109 CYS A 118 
AA1 7 ALA A 96  ? LYS A 106 ? ALA A 96  LYS A 106 
AA1 8 THR A 75  ? SER A 79  ? THR A 75  SER A 79  
AA1 9 LYS A 69  ? ASP A 72  ? LYS A 69  ASP A 72  
AA2 1 GLY A 87  ? ASP A 88  ? GLY A 87  ASP A 88  
AA2 2 GLY A 91  ? ASP A 92  ? GLY A 91  ASP A 92  
# 
loop_
_pdbx_struct_sheet_hbond.sheet_id 
_pdbx_struct_sheet_hbond.range_id_1 
_pdbx_struct_sheet_hbond.range_id_2 
_pdbx_struct_sheet_hbond.range_1_label_atom_id 
_pdbx_struct_sheet_hbond.range_1_label_comp_id 
_pdbx_struct_sheet_hbond.range_1_label_asym_id 
_pdbx_struct_sheet_hbond.range_1_label_seq_id 
_pdbx_struct_sheet_hbond.range_1_PDB_ins_code 
_pdbx_struct_sheet_hbond.range_1_auth_atom_id 
_pdbx_struct_sheet_hbond.range_1_auth_comp_id 
_pdbx_struct_sheet_hbond.range_1_auth_asym_id 
_pdbx_struct_sheet_hbond.range_1_auth_seq_id 
_pdbx_struct_sheet_hbond.range_2_label_atom_id 
_pdbx_struct_sheet_hbond.range_2_label_comp_id 
_pdbx_struct_sheet_hbond.range_2_label_asym_id 
_pdbx_struct_sheet_hbond.range_2_label_seq_id 
_pdbx_struct_sheet_hbond.range_2_PDB_ins_code 
_pdbx_struct_sheet_hbond.range_2_auth_atom_id 
_pdbx_struct_sheet_hbond.range_2_auth_comp_id 
_pdbx_struct_sheet_hbond.range_2_auth_asym_id 
_pdbx_struct_sheet_hbond.range_2_auth_seq_id 
AA1 1 2 O LEU A 64  ? O LEU A 64  N LEU A 47  ? N LEU A 47  
AA1 2 3 O GLN A 52  ? O GLN A 52  N ARG A 32  ? N ARG A 32  
AA1 3 4 O CYS A 31  ? O CYS A 31  N GLY A 17  ? N GLY A 17  
AA1 4 5 N LYS A 18  ? N LYS A 18  O GLN A 133 ? O GLN A 133 
AA1 5 6 O TYR A 126 ? O TYR A 126 N PHE A 116 ? N PHE A 116 
AA1 6 7 O THR A 111 ? O THR A 111 N VAL A 104 ? N VAL A 104 
AA1 7 8 O LEU A 103 ? O LEU A 103 N ALA A 76  ? N ALA A 76  
AA1 8 9 O VAL A 77  ? O VAL A 77  N LYS A 69  ? N LYS A 69  
AA2 1 2 N ASP A 88  ? N ASP A 88  O GLY A 91  ? O GLY A 91  
# 
_pdbx_entry_details.entry_id                   7OC9 
_pdbx_entry_details.has_ligand_of_interest     N 
_pdbx_entry_details.compound_details           ? 
_pdbx_entry_details.source_details             ? 
_pdbx_entry_details.nonpolymer_details         ? 
_pdbx_entry_details.sequence_details           ? 
_pdbx_entry_details.has_protein_modification   Y 
# 
loop_
_pdbx_validate_close_contact.id 
_pdbx_validate_close_contact.PDB_model_num 
_pdbx_validate_close_contact.auth_atom_id_1 
_pdbx_validate_close_contact.auth_asym_id_1 
_pdbx_validate_close_contact.auth_comp_id_1 
_pdbx_validate_close_contact.auth_seq_id_1 
_pdbx_validate_close_contact.PDB_ins_code_1 
_pdbx_validate_close_contact.label_alt_id_1 
_pdbx_validate_close_contact.auth_atom_id_2 
_pdbx_validate_close_contact.auth_asym_id_2 
_pdbx_validate_close_contact.auth_comp_id_2 
_pdbx_validate_close_contact.auth_seq_id_2 
_pdbx_validate_close_contact.PDB_ins_code_2 
_pdbx_validate_close_contact.label_alt_id_2 
_pdbx_validate_close_contact.dist 
1 1 OE1 A GLU 34 ? ? NE2 A GLN 36  ? ? 1.91 
2 1 N   A GLY 2  ? ? O   A HOH 301 ? ? 2.19 
# 
loop_
_pdbx_validate_torsion.id 
_pdbx_validate_torsion.PDB_model_num 
_pdbx_validate_torsion.auth_comp_id 
_pdbx_validate_torsion.auth_asym_id 
_pdbx_validate_torsion.auth_seq_id 
_pdbx_validate_torsion.PDB_ins_code 
_pdbx_validate_torsion.label_alt_id 
_pdbx_validate_torsion.phi 
_pdbx_validate_torsion.psi 
1 1 PRO A 85  ? ? -59.71  108.67  
2 1 ASP A 88  ? ? -156.32 -158.22 
3 1 PHE A 93  ? ? 72.52   -1.99   
4 1 MET A 120 ? ? -68.26  24.17   
5 1 ASP A 121 ? ? -151.32 45.95   
# 
_pdbx_struct_special_symmetry.id              1 
_pdbx_struct_special_symmetry.PDB_model_num   1 
_pdbx_struct_special_symmetry.auth_asym_id    A 
_pdbx_struct_special_symmetry.auth_comp_id    HOH 
_pdbx_struct_special_symmetry.auth_seq_id     372 
_pdbx_struct_special_symmetry.PDB_ins_code    ? 
_pdbx_struct_special_symmetry.label_asym_id   H 
_pdbx_struct_special_symmetry.label_comp_id   HOH 
_pdbx_struct_special_symmetry.label_seq_id    . 
# 
_pdbx_unobs_or_zero_occ_residues.id               1 
_pdbx_unobs_or_zero_occ_residues.PDB_model_num    1 
_pdbx_unobs_or_zero_occ_residues.polymer_flag     Y 
_pdbx_unobs_or_zero_occ_residues.occupancy_flag   1 
_pdbx_unobs_or_zero_occ_residues.auth_asym_id     A 
_pdbx_unobs_or_zero_occ_residues.auth_comp_id     GLY 
_pdbx_unobs_or_zero_occ_residues.auth_seq_id      1 
_pdbx_unobs_or_zero_occ_residues.PDB_ins_code     ? 
_pdbx_unobs_or_zero_occ_residues.label_asym_id    A 
_pdbx_unobs_or_zero_occ_residues.label_comp_id    GLY 
_pdbx_unobs_or_zero_occ_residues.label_seq_id     1 
# 
loop_
_chem_comp_atom.comp_id 
_chem_comp_atom.atom_id 
_chem_comp_atom.type_symbol 
_chem_comp_atom.pdbx_aromatic_flag 
_chem_comp_atom.pdbx_stereo_config 
_chem_comp_atom.pdbx_ordinal 
ALA N    N N N 1   
ALA CA   C N S 2   
ALA C    C N N 3   
ALA O    O N N 4   
ALA CB   C N N 5   
ALA OXT  O N N 6   
ALA H    H N N 7   
ALA H2   H N N 8   
ALA HA   H N N 9   
ALA HB1  H N N 10  
ALA HB2  H N N 11  
ALA HB3  H N N 12  
ALA HXT  H N N 13  
ARG N    N N N 14  
ARG CA   C N S 15  
ARG C    C N N 16  
ARG O    O N N 17  
ARG CB   C N N 18  
ARG CG   C N N 19  
ARG CD   C N N 20  
ARG NE   N N N 21  
ARG CZ   C N N 22  
ARG NH1  N N N 23  
ARG NH2  N N N 24  
ARG OXT  O N N 25  
ARG H    H N N 26  
ARG H2   H N N 27  
ARG HA   H N N 28  
ARG HB2  H N N 29  
ARG HB3  H N N 30  
ARG HG2  H N N 31  
ARG HG3  H N N 32  
ARG HD2  H N N 33  
ARG HD3  H N N 34  
ARG HE   H N N 35  
ARG HH11 H N N 36  
ARG HH12 H N N 37  
ARG HH21 H N N 38  
ARG HH22 H N N 39  
ARG HXT  H N N 40  
ASN N    N N N 41  
ASN CA   C N S 42  
ASN C    C N N 43  
ASN O    O N N 44  
ASN CB   C N N 45  
ASN CG   C N N 46  
ASN OD1  O N N 47  
ASN ND2  N N N 48  
ASN OXT  O N N 49  
ASN H    H N N 50  
ASN H2   H N N 51  
ASN HA   H N N 52  
ASN HB2  H N N 53  
ASN HB3  H N N 54  
ASN HD21 H N N 55  
ASN HD22 H N N 56  
ASN HXT  H N N 57  
ASP N    N N N 58  
ASP CA   C N S 59  
ASP C    C N N 60  
ASP O    O N N 61  
ASP CB   C N N 62  
ASP CG   C N N 63  
ASP OD1  O N N 64  
ASP OD2  O N N 65  
ASP OXT  O N N 66  
ASP H    H N N 67  
ASP H2   H N N 68  
ASP HA   H N N 69  
ASP HB2  H N N 70  
ASP HB3  H N N 71  
ASP HD2  H N N 72  
ASP HXT  H N N 73  
CYS N    N N N 74  
CYS CA   C N R 75  
CYS C    C N N 76  
CYS O    O N N 77  
CYS CB   C N N 78  
CYS SG   S N N 79  
CYS OXT  O N N 80  
CYS H    H N N 81  
CYS H2   H N N 82  
CYS HA   H N N 83  
CYS HB2  H N N 84  
CYS HB3  H N N 85  
CYS HG   H N N 86  
CYS HXT  H N N 87  
GLN N    N N N 88  
GLN CA   C N S 89  
GLN C    C N N 90  
GLN O    O N N 91  
GLN CB   C N N 92  
GLN CG   C N N 93  
GLN CD   C N N 94  
GLN OE1  O N N 95  
GLN NE2  N N N 96  
GLN OXT  O N N 97  
GLN H    H N N 98  
GLN H2   H N N 99  
GLN HA   H N N 100 
GLN HB2  H N N 101 
GLN HB3  H N N 102 
GLN HG2  H N N 103 
GLN HG3  H N N 104 
GLN HE21 H N N 105 
GLN HE22 H N N 106 
GLN HXT  H N N 107 
GLU N    N N N 108 
GLU CA   C N S 109 
GLU C    C N N 110 
GLU O    O N N 111 
GLU CB   C N N 112 
GLU CG   C N N 113 
GLU CD   C N N 114 
GLU OE1  O N N 115 
GLU OE2  O N N 116 
GLU OXT  O N N 117 
GLU H    H N N 118 
GLU H2   H N N 119 
GLU HA   H N N 120 
GLU HB2  H N N 121 
GLU HB3  H N N 122 
GLU HG2  H N N 123 
GLU HG3  H N N 124 
GLU HE2  H N N 125 
GLU HXT  H N N 126 
GLY N    N N N 127 
GLY CA   C N N 128 
GLY C    C N N 129 
GLY O    O N N 130 
GLY OXT  O N N 131 
GLY H    H N N 132 
GLY H2   H N N 133 
GLY HA2  H N N 134 
GLY HA3  H N N 135 
GLY HXT  H N N 136 
GOL C1   C N N 137 
GOL O1   O N N 138 
GOL C2   C N N 139 
GOL O2   O N N 140 
GOL C3   C N N 141 
GOL O3   O N N 142 
GOL H11  H N N 143 
GOL H12  H N N 144 
GOL HO1  H N N 145 
GOL H2   H N N 146 
GOL HO2  H N N 147 
GOL H31  H N N 148 
GOL H32  H N N 149 
GOL HO3  H N N 150 
HOH O    O N N 151 
HOH H1   H N N 152 
HOH H2   H N N 153 
ILE N    N N N 154 
ILE CA   C N S 155 
ILE C    C N N 156 
ILE O    O N N 157 
ILE CB   C N S 158 
ILE CG1  C N N 159 
ILE CG2  C N N 160 
ILE CD1  C N N 161 
ILE OXT  O N N 162 
ILE H    H N N 163 
ILE H2   H N N 164 
ILE HA   H N N 165 
ILE HB   H N N 166 
ILE HG12 H N N 167 
ILE HG13 H N N 168 
ILE HG21 H N N 169 
ILE HG22 H N N 170 
ILE HG23 H N N 171 
ILE HD11 H N N 172 
ILE HD12 H N N 173 
ILE HD13 H N N 174 
ILE HXT  H N N 175 
LEU N    N N N 176 
LEU CA   C N S 177 
LEU C    C N N 178 
LEU O    O N N 179 
LEU CB   C N N 180 
LEU CG   C N N 181 
LEU CD1  C N N 182 
LEU CD2  C N N 183 
LEU OXT  O N N 184 
LEU H    H N N 185 
LEU H2   H N N 186 
LEU HA   H N N 187 
LEU HB2  H N N 188 
LEU HB3  H N N 189 
LEU HG   H N N 190 
LEU HD11 H N N 191 
LEU HD12 H N N 192 
LEU HD13 H N N 193 
LEU HD21 H N N 194 
LEU HD22 H N N 195 
LEU HD23 H N N 196 
LEU HXT  H N N 197 
LYS N    N N N 198 
LYS CA   C N S 199 
LYS C    C N N 200 
LYS O    O N N 201 
LYS CB   C N N 202 
LYS CG   C N N 203 
LYS CD   C N N 204 
LYS CE   C N N 205 
LYS NZ   N N N 206 
LYS OXT  O N N 207 
LYS H    H N N 208 
LYS H2   H N N 209 
LYS HA   H N N 210 
LYS HB2  H N N 211 
LYS HB3  H N N 212 
LYS HG2  H N N 213 
LYS HG3  H N N 214 
LYS HD2  H N N 215 
LYS HD3  H N N 216 
LYS HE2  H N N 217 
LYS HE3  H N N 218 
LYS HZ1  H N N 219 
LYS HZ2  H N N 220 
LYS HZ3  H N N 221 
LYS HXT  H N N 222 
MET N    N N N 223 
MET CA   C N S 224 
MET C    C N N 225 
MET O    O N N 226 
MET CB   C N N 227 
MET CG   C N N 228 
MET SD   S N N 229 
MET CE   C N N 230 
MET OXT  O N N 231 
MET H    H N N 232 
MET H2   H N N 233 
MET HA   H N N 234 
MET HB2  H N N 235 
MET HB3  H N N 236 
MET HG2  H N N 237 
MET HG3  H N N 238 
MET HE1  H N N 239 
MET HE2  H N N 240 
MET HE3  H N N 241 
MET HXT  H N N 242 
MPD C1   C N N 243 
MPD C2   C N N 244 
MPD O2   O N N 245 
MPD CM   C N N 246 
MPD C3   C N N 247 
MPD C4   C N S 248 
MPD O4   O N N 249 
MPD C5   C N N 250 
MPD H11  H N N 251 
MPD H12  H N N 252 
MPD H13  H N N 253 
MPD HO2  H N N 254 
MPD HM1  H N N 255 
MPD HM2  H N N 256 
MPD HM3  H N N 257 
MPD H31  H N N 258 
MPD H32  H N N 259 
MPD H4   H N N 260 
MPD HO4  H N N 261 
MPD H51  H N N 262 
MPD H52  H N N 263 
MPD H53  H N N 264 
PHE N    N N N 265 
PHE CA   C N S 266 
PHE C    C N N 267 
PHE O    O N N 268 
PHE CB   C N N 269 
PHE CG   C Y N 270 
PHE CD1  C Y N 271 
PHE CD2  C Y N 272 
PHE CE1  C Y N 273 
PHE CE2  C Y N 274 
PHE CZ   C Y N 275 
PHE OXT  O N N 276 
PHE H    H N N 277 
PHE H2   H N N 278 
PHE HA   H N N 279 
PHE HB2  H N N 280 
PHE HB3  H N N 281 
PHE HD1  H N N 282 
PHE HD2  H N N 283 
PHE HE1  H N N 284 
PHE HE2  H N N 285 
PHE HZ   H N N 286 
PHE HXT  H N N 287 
PRO N    N N N 288 
PRO CA   C N S 289 
PRO C    C N N 290 
PRO O    O N N 291 
PRO CB   C N N 292 
PRO CG   C N N 293 
PRO CD   C N N 294 
PRO OXT  O N N 295 
PRO H    H N N 296 
PRO HA   H N N 297 
PRO HB2  H N N 298 
PRO HB3  H N N 299 
PRO HG2  H N N 300 
PRO HG3  H N N 301 
PRO HD2  H N N 302 
PRO HD3  H N N 303 
PRO HXT  H N N 304 
SER N    N N N 305 
SER CA   C N S 306 
SER C    C N N 307 
SER O    O N N 308 
SER CB   C N N 309 
SER OG   O N N 310 
SER OXT  O N N 311 
SER H    H N N 312 
SER H2   H N N 313 
SER HA   H N N 314 
SER HB2  H N N 315 
SER HB3  H N N 316 
SER HG   H N N 317 
SER HXT  H N N 318 
TBU O    O N N 319 
TBU C    C N N 320 
TBU C1   C N N 321 
TBU C2   C N N 322 
TBU C3   C N N 323 
TBU HO   H N N 324 
TBU H11  H N N 325 
TBU H12  H N N 326 
TBU H13  H N N 327 
TBU H21  H N N 328 
TBU H22  H N N 329 
TBU H23  H N N 330 
TBU H31  H N N 331 
TBU H32  H N N 332 
TBU H33  H N N 333 
THR N    N N N 334 
THR CA   C N S 335 
THR C    C N N 336 
THR O    O N N 337 
THR CB   C N R 338 
THR OG1  O N N 339 
THR CG2  C N N 340 
THR OXT  O N N 341 
THR H    H N N 342 
THR H2   H N N 343 
THR HA   H N N 344 
THR HB   H N N 345 
THR HG1  H N N 346 
THR HG21 H N N 347 
THR HG22 H N N 348 
THR HG23 H N N 349 
THR HXT  H N N 350 
TYR N    N N N 351 
TYR CA   C N S 352 
TYR C    C N N 353 
TYR O    O N N 354 
TYR CB   C N N 355 
TYR CG   C Y N 356 
TYR CD1  C Y N 357 
TYR CD2  C Y N 358 
TYR CE1  C Y N 359 
TYR CE2  C Y N 360 
TYR CZ   C Y N 361 
TYR OH   O N N 362 
TYR OXT  O N N 363 
TYR H    H N N 364 
TYR H2   H N N 365 
TYR HA   H N N 366 
TYR HB2  H N N 367 
TYR HB3  H N N 368 
TYR HD1  H N N 369 
TYR HD2  H N N 370 
TYR HE1  H N N 371 
TYR HE2  H N N 372 
TYR HH   H N N 373 
TYR HXT  H N N 374 
VAL N    N N N 375 
VAL CA   C N S 376 
VAL C    C N N 377 
VAL O    O N N 378 
VAL CB   C N N 379 
VAL CG1  C N N 380 
VAL CG2  C N N 381 
VAL OXT  O N N 382 
VAL H    H N N 383 
VAL H2   H N N 384 
VAL HA   H N N 385 
VAL HB   H N N 386 
VAL HG11 H N N 387 
VAL HG12 H N N 388 
VAL HG13 H N N 389 
VAL HG21 H N N 390 
VAL HG22 H N N 391 
VAL HG23 H N N 392 
VAL HXT  H N N 393 
# 
loop_
_chem_comp_bond.comp_id 
_chem_comp_bond.atom_id_1 
_chem_comp_bond.atom_id_2 
_chem_comp_bond.value_order 
_chem_comp_bond.pdbx_aromatic_flag 
_chem_comp_bond.pdbx_stereo_config 
_chem_comp_bond.pdbx_ordinal 
ALA N   CA   sing N N 1   
ALA N   H    sing N N 2   
ALA N   H2   sing N N 3   
ALA CA  C    sing N N 4   
ALA CA  CB   sing N N 5   
ALA CA  HA   sing N N 6   
ALA C   O    doub N N 7   
ALA C   OXT  sing N N 8   
ALA CB  HB1  sing N N 9   
ALA CB  HB2  sing N N 10  
ALA CB  HB3  sing N N 11  
ALA OXT HXT  sing N N 12  
ARG N   CA   sing N N 13  
ARG N   H    sing N N 14  
ARG N   H2   sing N N 15  
ARG CA  C    sing N N 16  
ARG CA  CB   sing N N 17  
ARG CA  HA   sing N N 18  
ARG C   O    doub N N 19  
ARG C   OXT  sing N N 20  
ARG CB  CG   sing N N 21  
ARG CB  HB2  sing N N 22  
ARG CB  HB3  sing N N 23  
ARG CG  CD   sing N N 24  
ARG CG  HG2  sing N N 25  
ARG CG  HG3  sing N N 26  
ARG CD  NE   sing N N 27  
ARG CD  HD2  sing N N 28  
ARG CD  HD3  sing N N 29  
ARG NE  CZ   sing N N 30  
ARG NE  HE   sing N N 31  
ARG CZ  NH1  sing N N 32  
ARG CZ  NH2  doub N N 33  
ARG NH1 HH11 sing N N 34  
ARG NH1 HH12 sing N N 35  
ARG NH2 HH21 sing N N 36  
ARG NH2 HH22 sing N N 37  
ARG OXT HXT  sing N N 38  
ASN N   CA   sing N N 39  
ASN N   H    sing N N 40  
ASN N   H2   sing N N 41  
ASN CA  C    sing N N 42  
ASN CA  CB   sing N N 43  
ASN CA  HA   sing N N 44  
ASN C   O    doub N N 45  
ASN C   OXT  sing N N 46  
ASN CB  CG   sing N N 47  
ASN CB  HB2  sing N N 48  
ASN CB  HB3  sing N N 49  
ASN CG  OD1  doub N N 50  
ASN CG  ND2  sing N N 51  
ASN ND2 HD21 sing N N 52  
ASN ND2 HD22 sing N N 53  
ASN OXT HXT  sing N N 54  
ASP N   CA   sing N N 55  
ASP N   H    sing N N 56  
ASP N   H2   sing N N 57  
ASP CA  C    sing N N 58  
ASP CA  CB   sing N N 59  
ASP CA  HA   sing N N 60  
ASP C   O    doub N N 61  
ASP C   OXT  sing N N 62  
ASP CB  CG   sing N N 63  
ASP CB  HB2  sing N N 64  
ASP CB  HB3  sing N N 65  
ASP CG  OD1  doub N N 66  
ASP CG  OD2  sing N N 67  
ASP OD2 HD2  sing N N 68  
ASP OXT HXT  sing N N 69  
CYS N   CA   sing N N 70  
CYS N   H    sing N N 71  
CYS N   H2   sing N N 72  
CYS CA  C    sing N N 73  
CYS CA  CB   sing N N 74  
CYS CA  HA   sing N N 75  
CYS C   O    doub N N 76  
CYS C   OXT  sing N N 77  
CYS CB  SG   sing N N 78  
CYS CB  HB2  sing N N 79  
CYS CB  HB3  sing N N 80  
CYS SG  HG   sing N N 81  
CYS OXT HXT  sing N N 82  
GLN N   CA   sing N N 83  
GLN N   H    sing N N 84  
GLN N   H2   sing N N 85  
GLN CA  C    sing N N 86  
GLN CA  CB   sing N N 87  
GLN CA  HA   sing N N 88  
GLN C   O    doub N N 89  
GLN C   OXT  sing N N 90  
GLN CB  CG   sing N N 91  
GLN CB  HB2  sing N N 92  
GLN CB  HB3  sing N N 93  
GLN CG  CD   sing N N 94  
GLN CG  HG2  sing N N 95  
GLN CG  HG3  sing N N 96  
GLN CD  OE1  doub N N 97  
GLN CD  NE2  sing N N 98  
GLN NE2 HE21 sing N N 99  
GLN NE2 HE22 sing N N 100 
GLN OXT HXT  sing N N 101 
GLU N   CA   sing N N 102 
GLU N   H    sing N N 103 
GLU N   H2   sing N N 104 
GLU CA  C    sing N N 105 
GLU CA  CB   sing N N 106 
GLU CA  HA   sing N N 107 
GLU C   O    doub N N 108 
GLU C   OXT  sing N N 109 
GLU CB  CG   sing N N 110 
GLU CB  HB2  sing N N 111 
GLU CB  HB3  sing N N 112 
GLU CG  CD   sing N N 113 
GLU CG  HG2  sing N N 114 
GLU CG  HG3  sing N N 115 
GLU CD  OE1  doub N N 116 
GLU CD  OE2  sing N N 117 
GLU OE2 HE2  sing N N 118 
GLU OXT HXT  sing N N 119 
GLY N   CA   sing N N 120 
GLY N   H    sing N N 121 
GLY N   H2   sing N N 122 
GLY CA  C    sing N N 123 
GLY CA  HA2  sing N N 124 
GLY CA  HA3  sing N N 125 
GLY C   O    doub N N 126 
GLY C   OXT  sing N N 127 
GLY OXT HXT  sing N N 128 
GOL C1  O1   sing N N 129 
GOL C1  C2   sing N N 130 
GOL C1  H11  sing N N 131 
GOL C1  H12  sing N N 132 
GOL O1  HO1  sing N N 133 
GOL C2  O2   sing N N 134 
GOL C2  C3   sing N N 135 
GOL C2  H2   sing N N 136 
GOL O2  HO2  sing N N 137 
GOL C3  O3   sing N N 138 
GOL C3  H31  sing N N 139 
GOL C3  H32  sing N N 140 
GOL O3  HO3  sing N N 141 
HOH O   H1   sing N N 142 
HOH O   H2   sing N N 143 
ILE N   CA   sing N N 144 
ILE N   H    sing N N 145 
ILE N   H2   sing N N 146 
ILE CA  C    sing N N 147 
ILE CA  CB   sing N N 148 
ILE CA  HA   sing N N 149 
ILE C   O    doub N N 150 
ILE C   OXT  sing N N 151 
ILE CB  CG1  sing N N 152 
ILE CB  CG2  sing N N 153 
ILE CB  HB   sing N N 154 
ILE CG1 CD1  sing N N 155 
ILE CG1 HG12 sing N N 156 
ILE CG1 HG13 sing N N 157 
ILE CG2 HG21 sing N N 158 
ILE CG2 HG22 sing N N 159 
ILE CG2 HG23 sing N N 160 
ILE CD1 HD11 sing N N 161 
ILE CD1 HD12 sing N N 162 
ILE CD1 HD13 sing N N 163 
ILE OXT HXT  sing N N 164 
LEU N   CA   sing N N 165 
LEU N   H    sing N N 166 
LEU N   H2   sing N N 167 
LEU CA  C    sing N N 168 
LEU CA  CB   sing N N 169 
LEU CA  HA   sing N N 170 
LEU C   O    doub N N 171 
LEU C   OXT  sing N N 172 
LEU CB  CG   sing N N 173 
LEU CB  HB2  sing N N 174 
LEU CB  HB3  sing N N 175 
LEU CG  CD1  sing N N 176 
LEU CG  CD2  sing N N 177 
LEU CG  HG   sing N N 178 
LEU CD1 HD11 sing N N 179 
LEU CD1 HD12 sing N N 180 
LEU CD1 HD13 sing N N 181 
LEU CD2 HD21 sing N N 182 
LEU CD2 HD22 sing N N 183 
LEU CD2 HD23 sing N N 184 
LEU OXT HXT  sing N N 185 
LYS N   CA   sing N N 186 
LYS N   H    sing N N 187 
LYS N   H2   sing N N 188 
LYS CA  C    sing N N 189 
LYS CA  CB   sing N N 190 
LYS CA  HA   sing N N 191 
LYS C   O    doub N N 192 
LYS C   OXT  sing N N 193 
LYS CB  CG   sing N N 194 
LYS CB  HB2  sing N N 195 
LYS CB  HB3  sing N N 196 
LYS CG  CD   sing N N 197 
LYS CG  HG2  sing N N 198 
LYS CG  HG3  sing N N 199 
LYS CD  CE   sing N N 200 
LYS CD  HD2  sing N N 201 
LYS CD  HD3  sing N N 202 
LYS CE  NZ   sing N N 203 
LYS CE  HE2  sing N N 204 
LYS CE  HE3  sing N N 205 
LYS NZ  HZ1  sing N N 206 
LYS NZ  HZ2  sing N N 207 
LYS NZ  HZ3  sing N N 208 
LYS OXT HXT  sing N N 209 
MET N   CA   sing N N 210 
MET N   H    sing N N 211 
MET N   H2   sing N N 212 
MET CA  C    sing N N 213 
MET CA  CB   sing N N 214 
MET CA  HA   sing N N 215 
MET C   O    doub N N 216 
MET C   OXT  sing N N 217 
MET CB  CG   sing N N 218 
MET CB  HB2  sing N N 219 
MET CB  HB3  sing N N 220 
MET CG  SD   sing N N 221 
MET CG  HG2  sing N N 222 
MET CG  HG3  sing N N 223 
MET SD  CE   sing N N 224 
MET CE  HE1  sing N N 225 
MET CE  HE2  sing N N 226 
MET CE  HE3  sing N N 227 
MET OXT HXT  sing N N 228 
MPD C1  C2   sing N N 229 
MPD C1  H11  sing N N 230 
MPD C1  H12  sing N N 231 
MPD C1  H13  sing N N 232 
MPD C2  O2   sing N N 233 
MPD C2  CM   sing N N 234 
MPD C2  C3   sing N N 235 
MPD O2  HO2  sing N N 236 
MPD CM  HM1  sing N N 237 
MPD CM  HM2  sing N N 238 
MPD CM  HM3  sing N N 239 
MPD C3  C4   sing N N 240 
MPD C3  H31  sing N N 241 
MPD C3  H32  sing N N 242 
MPD C4  O4   sing N N 243 
MPD C4  C5   sing N N 244 
MPD C4  H4   sing N N 245 
MPD O4  HO4  sing N N 246 
MPD C5  H51  sing N N 247 
MPD C5  H52  sing N N 248 
MPD C5  H53  sing N N 249 
PHE N   CA   sing N N 250 
PHE N   H    sing N N 251 
PHE N   H2   sing N N 252 
PHE CA  C    sing N N 253 
PHE CA  CB   sing N N 254 
PHE CA  HA   sing N N 255 
PHE C   O    doub N N 256 
PHE C   OXT  sing N N 257 
PHE CB  CG   sing N N 258 
PHE CB  HB2  sing N N 259 
PHE CB  HB3  sing N N 260 
PHE CG  CD1  doub Y N 261 
PHE CG  CD2  sing Y N 262 
PHE CD1 CE1  sing Y N 263 
PHE CD1 HD1  sing N N 264 
PHE CD2 CE2  doub Y N 265 
PHE CD2 HD2  sing N N 266 
PHE CE1 CZ   doub Y N 267 
PHE CE1 HE1  sing N N 268 
PHE CE2 CZ   sing Y N 269 
PHE CE2 HE2  sing N N 270 
PHE CZ  HZ   sing N N 271 
PHE OXT HXT  sing N N 272 
PRO N   CA   sing N N 273 
PRO N   CD   sing N N 274 
PRO N   H    sing N N 275 
PRO CA  C    sing N N 276 
PRO CA  CB   sing N N 277 
PRO CA  HA   sing N N 278 
PRO C   O    doub N N 279 
PRO C   OXT  sing N N 280 
PRO CB  CG   sing N N 281 
PRO CB  HB2  sing N N 282 
PRO CB  HB3  sing N N 283 
PRO CG  CD   sing N N 284 
PRO CG  HG2  sing N N 285 
PRO CG  HG3  sing N N 286 
PRO CD  HD2  sing N N 287 
PRO CD  HD3  sing N N 288 
PRO OXT HXT  sing N N 289 
SER N   CA   sing N N 290 
SER N   H    sing N N 291 
SER N   H2   sing N N 292 
SER CA  C    sing N N 293 
SER CA  CB   sing N N 294 
SER CA  HA   sing N N 295 
SER C   O    doub N N 296 
SER C   OXT  sing N N 297 
SER CB  OG   sing N N 298 
SER CB  HB2  sing N N 299 
SER CB  HB3  sing N N 300 
SER OG  HG   sing N N 301 
SER OXT HXT  sing N N 302 
TBU O   C    sing N N 303 
TBU O   HO   sing N N 304 
TBU C   C1   sing N N 305 
TBU C   C2   sing N N 306 
TBU C   C3   sing N N 307 
TBU C1  H11  sing N N 308 
TBU C1  H12  sing N N 309 
TBU C1  H13  sing N N 310 
TBU C2  H21  sing N N 311 
TBU C2  H22  sing N N 312 
TBU C2  H23  sing N N 313 
TBU C3  H31  sing N N 314 
TBU C3  H32  sing N N 315 
TBU C3  H33  sing N N 316 
THR N   CA   sing N N 317 
THR N   H    sing N N 318 
THR N   H2   sing N N 319 
THR CA  C    sing N N 320 
THR CA  CB   sing N N 321 
THR CA  HA   sing N N 322 
THR C   O    doub N N 323 
THR C   OXT  sing N N 324 
THR CB  OG1  sing N N 325 
THR CB  CG2  sing N N 326 
THR CB  HB   sing N N 327 
THR OG1 HG1  sing N N 328 
THR CG2 HG21 sing N N 329 
THR CG2 HG22 sing N N 330 
THR CG2 HG23 sing N N 331 
THR OXT HXT  sing N N 332 
TYR N   CA   sing N N 333 
TYR N   H    sing N N 334 
TYR N   H2   sing N N 335 
TYR CA  C    sing N N 336 
TYR CA  CB   sing N N 337 
TYR CA  HA   sing N N 338 
TYR C   O    doub N N 339 
TYR C   OXT  sing N N 340 
TYR CB  CG   sing N N 341 
TYR CB  HB2  sing N N 342 
TYR CB  HB3  sing N N 343 
TYR CG  CD1  doub Y N 344 
TYR CG  CD2  sing Y N 345 
TYR CD1 CE1  sing Y N 346 
TYR CD1 HD1  sing N N 347 
TYR CD2 CE2  doub Y N 348 
TYR CD2 HD2  sing N N 349 
TYR CE1 CZ   doub Y N 350 
TYR CE1 HE1  sing N N 351 
TYR CE2 CZ   sing Y N 352 
TYR CE2 HE2  sing N N 353 
TYR CZ  OH   sing N N 354 
TYR OH  HH   sing N N 355 
TYR OXT HXT  sing N N 356 
VAL N   CA   sing N N 357 
VAL N   H    sing N N 358 
VAL N   H2   sing N N 359 
VAL CA  C    sing N N 360 
VAL CA  CB   sing N N 361 
VAL CA  HA   sing N N 362 
VAL C   O    doub N N 363 
VAL C   OXT  sing N N 364 
VAL CB  CG1  sing N N 365 
VAL CB  CG2  sing N N 366 
VAL CB  HB   sing N N 367 
VAL CG1 HG11 sing N N 368 
VAL CG1 HG12 sing N N 369 
VAL CG1 HG13 sing N N 370 
VAL CG2 HG21 sing N N 371 
VAL CG2 HG22 sing N N 372 
VAL CG2 HG23 sing N N 373 
VAL OXT HXT  sing N N 374 
# 
_pdbx_audit_support.funding_organization   'Comision Nacional Cientifica y Technologica (CONICYT)' 
_pdbx_audit_support.country                Chile 
_pdbx_audit_support.grant_number           72180329 
_pdbx_audit_support.ordinal                1 
# 
_atom_sites.entry_id                    7OC9 
_atom_sites.Cartn_transf_matrix[1][1]   ? 
_atom_sites.Cartn_transf_matrix[1][2]   ? 
_atom_sites.Cartn_transf_matrix[1][3]   ? 
_atom_sites.Cartn_transf_matrix[2][1]   ? 
_atom_sites.Cartn_transf_matrix[2][2]   ? 
_atom_sites.Cartn_transf_matrix[2][3]   ? 
_atom_sites.Cartn_transf_matrix[3][1]   ? 
_atom_sites.Cartn_transf_matrix[3][2]   ? 
_atom_sites.Cartn_transf_matrix[3][3]   ? 
_atom_sites.Cartn_transf_vector[1]      ? 
_atom_sites.Cartn_transf_vector[2]      ? 
_atom_sites.Cartn_transf_vector[3]      ? 
_atom_sites.fract_transf_matrix[1][1]   0.01721940 
_atom_sites.fract_transf_matrix[1][2]   0.00494538 
_atom_sites.fract_transf_matrix[1][3]   0.00534216 
_atom_sites.fract_transf_matrix[2][1]   0.00221300 
_atom_sites.fract_transf_matrix[2][2]   -0.01322786 
_atom_sites.fract_transf_matrix[2][3]   0.00511223 
_atom_sites.fract_transf_matrix[3][1]   0.00416501 
_atom_sites.fract_transf_matrix[3][2]   -0.00330811 
_atom_sites.fract_transf_matrix[3][3]   -0.01036267 
_atom_sites.fract_transf_vector[1]      0.472609 
_atom_sites.fract_transf_vector[2]      0.246143 
_atom_sites.fract_transf_vector[3]      0.435095 
_atom_sites.solution_primary            ? 
_atom_sites.solution_secondary          ? 
_atom_sites.solution_hydrogens          ? 
_atom_sites.special_details             ? 
# 
loop_
_atom_type.symbol 
C 
H 
N 
O 
S 
# 
loop_
_atom_site.group_PDB 
_atom_site.id 
_atom_site.type_symbol 
_atom_site.label_atom_id 
_atom_site.label_alt_id 
_atom_site.label_comp_id 
_atom_site.label_asym_id 
_atom_site.label_entity_id 
_atom_site.label_seq_id 
_atom_site.pdbx_PDB_ins_code 
_atom_site.Cartn_x 
_atom_site.Cartn_y 
_atom_site.Cartn_z 
_atom_site.occupancy 
_atom_site.B_iso_or_equiv 
_atom_site.pdbx_formal_charge 
_atom_site.auth_seq_id 
_atom_site.auth_comp_id 
_atom_site.auth_asym_id 
_atom_site.auth_atom_id 
_atom_site.pdbx_PDB_model_num 
ATOM   1    N N   . GLY A 1 2   ? 6.816   15.505  3.148   1.00 59.88  ? 2   GLY A N   1 
ATOM   2    C CA  . GLY A 1 2   ? 5.482   15.738  2.628   1.00 55.34  ? 2   GLY A CA  1 
ATOM   3    C C   . GLY A 1 2   ? 5.464   16.128  1.160   1.00 62.28  ? 2   GLY A C   1 
ATOM   4    O O   . GLY A 1 2   ? 5.075   15.332  0.301   1.00 51.58  ? 2   GLY A O   1 
ATOM   5    N N   . ASN A 1 3   ? 5.890   17.362  0.870   1.00 70.63  ? 3   ASN A N   1 
ATOM   6    C CA  . ASN A 1 3   ? 5.918   17.826  -0.515  1.00 60.42  ? 3   ASN A CA  1 
ATOM   7    C C   . ASN A 1 3   ? 6.882   17.001  -1.355  1.00 49.08  ? 3   ASN A C   1 
ATOM   8    O O   . ASN A 1 3   ? 6.546   16.595  -2.474  1.00 47.27  ? 3   ASN A O   1 
ATOM   9    C CB  . ASN A 1 3   ? 6.292   19.307  -0.570  1.00 66.35  ? 3   ASN A CB  1 
ATOM   10   C CG  . ASN A 1 3   ? 5.133   20.214  -0.204  1.00 76.33  ? 3   ASN A CG  1 
ATOM   11   O OD1 . ASN A 1 3   ? 4.015   19.748  0.024   1.00 75.71  ? 3   ASN A OD1 1 
ATOM   12   N ND2 . ASN A 1 3   ? 5.395   21.517  -0.145  1.00 78.88  ? 3   ASN A ND2 1 
ATOM   13   N N   . ASP A 1 4   ? 8.089   16.746  -0.837  1.00 47.63  ? 4   ASP A N   1 
ATOM   14   C CA  . ASP A 1 4   ? 9.041   15.938  -1.588  1.00 47.75  ? 4   ASP A CA  1 
ATOM   15   C C   . ASP A 1 4   ? 8.529   14.514  -1.784  1.00 38.41  ? 4   ASP A C   1 
ATOM   16   O O   . ASP A 1 4   ? 8.712   13.934  -2.858  1.00 37.90  ? 4   ASP A O   1 
ATOM   17   C CB  . ASP A 1 4   ? 10.403  15.929  -0.898  1.00 54.62  ? 4   ASP A CB  1 
ATOM   18   C CG  . ASP A 1 4   ? 11.248  17.136  -1.267  1.00 65.13  ? 4   ASP A CG  1 
ATOM   19   O OD1 . ASP A 1 4   ? 11.019  17.715  -2.351  1.00 65.68  ? 4   ASP A OD1 1 
ATOM   20   O OD2 . ASP A 1 4   ? 12.148  17.498  -0.480  1.00 69.75  ? 4   ASP A OD2 1 
ATOM   21   N N   . PHE A 1 5   ? 7.900   13.930  -0.757  1.00 37.42  ? 5   PHE A N   1 
ATOM   22   C CA  . PHE A 1 5   ? 7.381   12.569  -0.890  1.00 34.63  ? 5   PHE A CA  1 
ATOM   23   C C   . PHE A 1 5   ? 6.401   12.483  -2.051  1.00 33.38  ? 5   PHE A C   1 
ATOM   24   O O   . PHE A 1 5   ? 6.544   11.634  -2.942  1.00 32.32  ? 5   PHE A O   1 
ATOM   25   C CB  . PHE A 1 5   ? 6.724   12.138  0.427   1.00 36.12  ? 5   PHE A CB  1 
ATOM   26   C CG  . PHE A 1 5   ? 6.236   10.706  0.445   1.00 34.24  ? 5   PHE A CG  1 
ATOM   27   C CD1 . PHE A 1 5   ? 4.974   10.384  -0.021  1.00 34.41  ? 5   PHE A CD1 1 
ATOM   28   C CD2 . PHE A 1 5   ? 7.027   9.696   0.981   1.00 33.32  ? 5   PHE A CD2 1 
ATOM   29   C CE1 . PHE A 1 5   ? 4.503   9.069   0.004   1.00 36.05  ? 5   PHE A CE1 1 
ATOM   30   C CE2 . PHE A 1 5   ? 6.562   8.385   1.026   1.00 31.84  ? 5   PHE A CE2 1 
ATOM   31   C CZ  . PHE A 1 5   ? 5.291   8.072   0.527   1.00 32.39  ? 5   PHE A CZ  1 
ATOM   32   N N   . VAL A 1 6   ? 5.409   13.376  -2.066  1.00 32.73  ? 6   VAL A N   1 
ATOM   33   C CA  . VAL A 1 6   ? 4.411   13.353  -3.132  1.00 35.56  ? 6   VAL A CA  1 
ATOM   34   C C   . VAL A 1 6   ? 5.055   13.635  -4.483  1.00 34.71  ? 6   VAL A C   1 
ATOM   35   O O   . VAL A 1 6   ? 4.729   12.991  -5.488  1.00 33.74  ? 6   VAL A O   1 
ATOM   36   C CB  . VAL A 1 6   ? 3.275   14.348  -2.834  1.00 37.21  ? 6   VAL A CB  1 
ATOM   37   C CG1 . VAL A 1 6   ? 2.376   14.514  -4.059  1.00 39.91  ? 6   VAL A CG1 1 
ATOM   38   C CG2 . VAL A 1 6   ? 2.460   13.868  -1.649  1.00 38.65  ? 6   VAL A CG2 1 
ATOM   39   N N   . SER A 1 7   ? 5.962   14.614  -4.539  1.00 34.27  ? 7   SER A N   1 
ATOM   40   C CA  A SER A 1 7   ? 6.635   14.915  -5.798  0.50 35.44  ? 7   SER A CA  1 
ATOM   41   C CA  B SER A 1 7   ? 6.625   14.913  -5.801  0.50 35.44  ? 7   SER A CA  1 
ATOM   42   C C   . SER A 1 7   ? 7.395   13.705  -6.321  1.00 33.37  ? 7   SER A C   1 
ATOM   43   O O   . SER A 1 7   ? 7.355   13.404  -7.518  1.00 34.06  ? 7   SER A O   1 
ATOM   44   C CB  A SER A 1 7   ? 7.591   16.095  -5.614  0.50 36.06  ? 7   SER A CB  1 
ATOM   45   C CB  B SER A 1 7   ? 7.557   16.112  -5.630  0.50 36.06  ? 7   SER A CB  1 
ATOM   46   O OG  A SER A 1 7   ? 6.879   17.305  -5.445  0.50 37.95  ? 7   SER A OG  1 
ATOM   47   O OG  B SER A 1 7   ? 8.154   16.456  -6.865  0.50 38.27  ? 7   SER A OG  1 
ATOM   48   N N   . ARG A 1 8   ? 8.125   13.016  -5.438  1.00 34.85  ? 8   ARG A N   1 
ATOM   49   C CA  . ARG A 1 8   ? 8.851   11.827  -5.873  1.00 36.52  ? 8   ARG A CA  1 
ATOM   50   C C   . ARG A 1 8   ? 7.894   10.741  -6.332  1.00 35.55  ? 8   ARG A C   1 
ATOM   51   O O   . ARG A 1 8   ? 8.198   9.987   -7.263  1.00 36.18  ? 8   ARG A O   1 
ATOM   52   C CB  . ARG A 1 8   ? 9.739   11.312  -4.743  1.00 38.49  ? 8   ARG A CB  1 
ATOM   53   C CG  . ARG A 1 8   ? 10.871  12.256  -4.392  1.00 40.87  ? 8   ARG A CG  1 
ATOM   54   C CD  . ARG A 1 8   ? 11.896  11.580  -3.526  1.00 47.35  ? 8   ARG A CD  1 
ATOM   55   N NE  . ARG A 1 8   ? 13.159  12.311  -3.535  1.00 52.91  ? 8   ARG A NE  1 
ATOM   56   C CZ  . ARG A 1 8   ? 13.538  13.153  -2.580  1.00 55.54  ? 8   ARG A CZ  1 
ATOM   57   N NH1 . ARG A 1 8   ? 12.750  13.370  -1.535  1.00 55.36  ? 8   ARG A NH1 1 
ATOM   58   N NH2 . ARG A 1 8   ? 14.710  13.772  -2.664  1.00 57.74  ? 8   ARG A NH2 1 
ATOM   59   N N   . LEU A 1 9   ? 6.726   10.657  -5.702  1.00 33.37  ? 9   LEU A N   1 
ATOM   60   C CA  . LEU A 1 9   ? 5.743   9.665   -6.094  1.00 32.06  ? 9   LEU A CA  1 
ATOM   61   C C   . LEU A 1 9   ? 5.198   9.966   -7.482  1.00 33.39  ? 9   LEU A C   1 
ATOM   62   O O   . LEU A 1 9   ? 5.148   9.085   -8.350  1.00 33.76  ? 9   LEU A O   1 
ATOM   63   C CB  . LEU A 1 9   ? 4.631   9.634   -5.051  1.00 34.16  ? 9   LEU A CB  1 
ATOM   64   C CG  . LEU A 1 9   ? 3.558   8.564   -5.182  1.00 35.43  ? 9   LEU A CG  1 
ATOM   65   C CD1 . LEU A 1 9   ? 4.185   7.166   -5.153  1.00 38.45  ? 9   LEU A CD1 1 
ATOM   66   C CD2 . LEU A 1 9   ? 2.576   8.759   -4.042  1.00 36.16  ? 9   LEU A CD2 1 
ATOM   67   N N   . LYS A 1 10  ? 4.788   11.216  -7.713  1.00 33.42  ? 10  LYS A N   1 
ATOM   68   C CA  . LYS A 1 10  ? 4.266   11.591  -9.025  1.00 33.29  ? 10  LYS A CA  1 
ATOM   69   C C   . LYS A 1 10  ? 5.321   11.452  -10.115 1.00 34.20  ? 10  LYS A C   1 
ATOM   70   O O   . LYS A 1 10  ? 4.981   11.240  -11.293 1.00 35.14  ? 10  LYS A O   1 
ATOM   71   C CB  . LYS A 1 10  ? 3.725   13.015  -8.966  1.00 35.11  ? 10  LYS A CB  1 
ATOM   72   C CG  . LYS A 1 10  ? 2.517   13.160  -8.068  1.00 37.14  ? 10  LYS A CG  1 
ATOM   73   C CD  . LYS A 1 10  ? 1.963   14.561  -8.107  1.00 39.61  ? 10  LYS A CD  1 
ATOM   74   C CE  . LYS A 1 10  ? 0.709   14.652  -7.286  1.00 44.84  ? 10  LYS A CE  1 
ATOM   75   N NZ  . LYS A 1 10  ? 0.171   16.041  -7.319  1.00 50.55  ? 10  LYS A NZ  1 
ATOM   76   N N   . ALA A 1 11  ? 6.599   11.574  -9.748  1.00 33.40  ? 11  ALA A N   1 
ATOM   77   C CA  . ALA A 1 11  ? 7.672   11.373  -10.712 1.00 35.25  ? 11  ALA A CA  1 
ATOM   78   C C   . ALA A 1 11  ? 7.720   9.948   -11.240 1.00 37.22  ? 11  ALA A C   1 
ATOM   79   O O   . ALA A 1 11  ? 8.229   9.724   -12.344 1.00 40.57  ? 11  ALA A O   1 
ATOM   80   C CB  . ALA A 1 11  ? 9.008   11.755  -10.079 1.00 36.23  ? 11  ALA A CB  1 
ATOM   81   N N   . LEU A 1 12  ? 7.196   8.978   -10.492 1.00 33.33  ? 12  LEU A N   1 
ATOM   82   C CA  . LEU A 1 12  ? 7.168   7.593   -10.940 1.00 34.65  ? 12  LEU A CA  1 
ATOM   83   C C   . LEU A 1 12  ? 5.842   7.200   -11.580 1.00 33.42  ? 12  LEU A C   1 
ATOM   84   O O   . LEU A 1 12  ? 5.728   6.087   -12.113 1.00 34.83  ? 12  LEU A O   1 
ATOM   85   C CB  . LEU A 1 12  ? 7.470   6.656   -9.761  1.00 35.10  ? 12  LEU A CB  1 
ATOM   86   C CG  . LEU A 1 12  ? 8.851   6.873   -9.147  1.00 36.65  ? 12  LEU A CG  1 
ATOM   87   C CD1 . LEU A 1 12  ? 8.992   6.115   -7.849  1.00 36.87  ? 12  LEU A CD1 1 
ATOM   88   C CD2 . LEU A 1 12  ? 9.908   6.441   -10.155 1.00 38.24  ? 12  LEU A CD2 1 
ATOM   89   N N   . ASP A 1 13  ? 4.848   8.089   -11.550 1.00 31.86  ? 13  ASP A N   1 
ATOM   90   C CA  . ASP A 1 13  ? 3.530   7.803   -12.107 1.00 32.55  ? 13  ASP A CA  1 
ATOM   91   C C   . ASP A 1 13  ? 3.634   7.355   -13.557 1.00 35.64  ? 13  ASP A C   1 
ATOM   92   O O   . ASP A 1 13  ? 4.286   8.004   -14.380 1.00 38.26  ? 13  ASP A O   1 
ATOM   93   C CB  . ASP A 1 13  ? 2.652   9.048   -11.990 1.00 35.22  ? 13  ASP A CB  1 
ATOM   94   C CG  . ASP A 1 13  ? 1.166   8.766   -12.191 1.00 36.82  ? 13  ASP A CG  1 
ATOM   95   O OD1 . ASP A 1 13  ? 0.736   7.588   -12.223 1.00 35.34  ? 13  ASP A OD1 1 
ATOM   96   O OD2 . ASP A 1 13  ? 0.412   9.748   -12.336 1.00 38.68  ? 13  ASP A OD2 1 
ATOM   97   N N   . GLY A 1 14  ? 2.980   6.237   -13.865 1.00 33.51  ? 14  GLY A N   1 
ATOM   98   C CA  . GLY A 1 14  ? 2.982   5.692   -15.204 1.00 35.89  ? 14  GLY A CA  1 
ATOM   99   C C   . GLY A 1 14  ? 4.175   4.834   -15.556 1.00 34.74  ? 14  GLY A C   1 
ATOM   100  O O   . GLY A 1 14  ? 4.154   4.178   -16.613 1.00 39.28  ? 14  GLY A O   1 
ATOM   101  N N   . ARG A 1 15  ? 5.209   4.807   -14.720 1.00 34.43  ? 15  ARG A N   1 
ATOM   102  C CA  . ARG A 1 15  ? 6.409   4.058   -15.039 1.00 36.80  ? 15  ARG A CA  1 
ATOM   103  C C   . ARG A 1 15  ? 6.179   2.567   -14.857 1.00 35.72  ? 15  ARG A C   1 
ATOM   104  O O   . ARG A 1 15  ? 5.382   2.131   -14.021 1.00 33.03  ? 15  ARG A O   1 
ATOM   105  C CB  . ARG A 1 15  ? 7.587   4.516   -14.174 1.00 38.10  ? 15  ARG A CB  1 
ATOM   106  C CG  . ARG A 1 15  ? 8.007   5.949   -14.468 1.00 44.77  ? 15  ARG A CG  1 
ATOM   107  C CD  . ARG A 1 15  ? 9.349   6.289   -13.853 1.00 50.60  ? 15  ARG A CD  1 
ATOM   108  N NE  . ARG A 1 15  ? 9.930   7.471   -14.490 1.00 60.71  ? 15  ARG A NE  1 
ATOM   109  C CZ  . ARG A 1 15  ? 10.691  7.441   -15.584 1.00 67.80  ? 15  ARG A CZ  1 
ATOM   110  N NH1 . ARG A 1 15  ? 10.978  6.286   -16.170 1.00 65.77  ? 15  ARG A NH1 1 
ATOM   111  N NH2 . ARG A 1 15  ? 11.168  8.572   -16.088 1.00 73.45  ? 15  ARG A NH2 1 
ATOM   112  N N   . GLU A 1 16  ? 6.886   1.785   -15.661 1.00 39.52  ? 16  GLU A N   1 
ATOM   113  C CA  . GLU A 1 16  ? 6.830   0.335   -15.594 1.00 35.44  ? 16  GLU A CA  1 
ATOM   114  C C   . GLU A 1 16  ? 8.069   -0.168  -14.879 1.00 35.82  ? 16  GLU A C   1 
ATOM   115  O O   . GLU A 1 16  ? 9.185   0.307   -15.131 1.00 40.73  ? 16  GLU A O   1 
ATOM   116  C CB  . GLU A 1 16  ? 6.767   -0.282  -16.989 1.00 40.12  ? 16  GLU A CB  1 
ATOM   117  C CG  . GLU A 1 16  ? 5.632   0.216   -17.850 1.00 47.91  ? 16  GLU A CG  1 
ATOM   118  C CD  . GLU A 1 16  ? 4.500   -0.787  -17.958 1.00 57.22  ? 16  GLU A CD  1 
ATOM   119  O OE1 . GLU A 1 16  ? 4.673   -1.943  -17.511 1.00 64.13  ? 16  GLU A OE1 1 
ATOM   120  O OE2 . GLU A 1 16  ? 3.444   -0.427  -18.517 1.00 63.78  ? 16  GLU A OE2 1 
ATOM   121  N N   . GLY A 1 17  ? 7.863   -1.122  -13.983 1.00 35.18  ? 17  GLY A N   1 
ATOM   122  C CA  . GLY A 1 17  ? 8.946   -1.658  -13.190 1.00 32.37  ? 17  GLY A CA  1 
ATOM   123  C C   . GLY A 1 17  ? 8.842   -3.155  -13.048 1.00 34.00  ? 17  GLY A C   1 
ATOM   124  O O   . GLY A 1 17  ? 8.014   -3.801  -13.706 1.00 35.08  ? 17  GLY A O   1 
ATOM   125  N N   . LYS A 1 18  ? 9.685   -3.724  -12.199 1.00 33.02  ? 18  LYS A N   1 
ATOM   126  C CA  . LYS A 1 18  ? 9.683   -5.152  -11.951 1.00 32.92  ? 18  LYS A CA  1 
ATOM   127  C C   . LYS A 1 18  ? 9.392   -5.402  -10.485 1.00 32.19  ? 18  LYS A C   1 
ATOM   128  O O   . LYS A 1 18  ? 9.789   -4.618  -9.615  1.00 33.75  ? 18  LYS A O   1 
ATOM   129  C CB  . LYS A 1 18  ? 11.022  -5.786  -12.355 1.00 36.34  ? 18  LYS A CB  1 
ATOM   130  C CG  . LYS A 1 18  ? 11.444  -5.377  -13.771 1.00 51.97  ? 18  LYS A CG  1 
ATOM   131  C CD  . LYS A 1 18  ? 10.724  -6.215  -14.829 1.00 70.77  ? 18  LYS A CD  1 
ATOM   132  C CE  . LYS A 1 18  ? 10.348  -5.376  -16.048 1.00 75.52  ? 18  LYS A CE  1 
ATOM   133  N NZ  . LYS A 1 18  ? 9.036   -5.793  -16.637 1.00 72.57  ? 18  LYS A NZ  1 
ATOM   134  N N   . ILE A 1 19  ? 8.671   -6.482  -10.216 1.00 30.68  ? 19  ILE A N   1 
ATOM   135  C CA  . ILE A 1 19  ? 8.367   -6.850  -8.839  1.00 31.98  ? 19  ILE A CA  1 
ATOM   136  C C   . ILE A 1 19  ? 9.625   -7.432  -8.222  1.00 34.70  ? 19  ILE A C   1 
ATOM   137  O O   . ILE A 1 19  ? 10.121  -8.469  -8.682  1.00 38.48  ? 19  ILE A O   1 
ATOM   138  C CB  . ILE A 1 19  ? 7.210   -7.846  -8.767  1.00 32.66  ? 19  ILE A CB  1 
ATOM   139  C CG1 . ILE A 1 19  ? 5.946   -7.219  -9.365  1.00 34.01  ? 19  ILE A CG1 1 
ATOM   140  C CG2 . ILE A 1 19  ? 6.989   -8.283  -7.315  1.00 33.96  ? 19  ILE A CG2 1 
ATOM   141  C CD1 . ILE A 1 19  ? 4.752   -8.169  -9.446  1.00 34.05  ? 19  ILE A CD1 1 
ATOM   142  N N   . VAL A 1 20  ? 10.146  -6.751  -7.197  1.00 31.91  ? 20  VAL A N   1 
ATOM   143  C CA  . VAL A 1 20  ? 11.309  -7.229  -6.457  1.00 35.35  ? 20  VAL A CA  1 
ATOM   144  C C   . VAL A 1 20  ? 10.907  -8.347  -5.523  1.00 38.34  ? 20  VAL A C   1 
ATOM   145  O O   . VAL A 1 20  ? 11.600  -9.362  -5.402  1.00 38.49  ? 20  VAL A O   1 
ATOM   146  C CB  . VAL A 1 20  ? 11.944  -6.069  -5.665  1.00 33.34  ? 20  VAL A CB  1 
ATOM   147  C CG1 . VAL A 1 20  ? 13.057  -6.597  -4.753  1.00 38.44  ? 20  VAL A CG1 1 
ATOM   148  C CG2 . VAL A 1 20  ? 12.430  -4.976  -6.583  1.00 37.98  ? 20  VAL A CG2 1 
ATOM   149  N N   . SER A 1 21  ? 9.794   -8.164  -4.832  1.00 34.17  ? 21  SER A N   1 
ATOM   150  C CA  . SER A 1 21  ? 9.313   -9.143  -3.884  1.00 33.98  ? 21  SER A CA  1 
ATOM   151  C C   . SER A 1 21  ? 7.829   -8.923  -3.705  1.00 33.36  ? 21  SER A C   1 
ATOM   152  O O   . SER A 1 21  ? 7.317   -7.817  -3.905  1.00 32.79  ? 21  SER A O   1 
ATOM   153  C CB  . SER A 1 21  ? 10.035  -9.028  -2.536  1.00 38.83  ? 21  SER A CB  1 
ATOM   154  O OG  . SER A 1 21  ? 9.977   -7.700  -2.041  1.00 38.61  ? 21  SER A OG  1 
ATOM   155  N N   . SER A 1 22  ? 7.151   -9.992  -3.335  1.00 33.67  ? 22  SER A N   1 
ATOM   156  C CA  . SER A 1 22  ? 5.754   -9.908  -2.967  1.00 32.36  ? 22  SER A CA  1 
ATOM   157  C C   . SER A 1 22  ? 5.385   -11.085 -2.085  1.00 37.13  ? 22  SER A C   1 
ATOM   158  O O   . SER A 1 22  ? 5.884   -12.196 -2.277  1.00 38.35  ? 22  SER A O   1 
ATOM   159  C CB  . SER A 1 22  ? 4.836   -9.900  -4.188  1.00 32.45  ? 22  SER A CB  1 
ATOM   160  O OG  . SER A 1 22  ? 3.508   -9.693  -3.757  1.00 32.91  ? 22  SER A OG  1 
ATOM   161  N N   . TYR A 1 23  ? 4.499   -10.831 -1.126  1.00 32.15  ? 23  TYR A N   1 
ATOM   162  C CA  . TYR A 1 23  ? 3.879   -11.918 -0.381  1.00 34.16  ? 23  TYR A CA  1 
ATOM   163  C C   . TYR A 1 23  ? 3.128   -12.862 -1.298  1.00 35.66  ? 23  TYR A C   1 
ATOM   164  O O   . TYR A 1 23  ? 2.860   -14.005 -0.916  1.00 39.52  ? 23  TYR A O   1 
ATOM   165  C CB  . TYR A 1 23  ? 2.908   -11.365 0.672   1.00 33.87  ? 23  TYR A CB  1 
ATOM   166  C CG  . TYR A 1 23  ? 1.631   -10.824 0.062   1.00 31.63  ? 23  TYR A CG  1 
ATOM   167  C CD1 . TYR A 1 23  ? 1.559   -9.508  -0.346  1.00 32.68  ? 23  TYR A CD1 1 
ATOM   168  C CD2 . TYR A 1 23  ? 0.518   -11.638 -0.127  1.00 32.97  ? 23  TYR A CD2 1 
ATOM   169  C CE1 . TYR A 1 23  ? 0.393   -9.003  -0.921  1.00 31.05  ? 23  TYR A CE1 1 
ATOM   170  C CE2 . TYR A 1 23  ? -0.648  -11.151 -0.704  1.00 35.32  ? 23  TYR A CE2 1 
ATOM   171  C CZ  . TYR A 1 23  ? -0.702  -9.826  -1.091  1.00 32.95  ? 23  TYR A CZ  1 
ATOM   172  O OH  . TYR A 1 23  ? -1.862  -9.329  -1.673  1.00 34.59  ? 23  TYR A OH  1 
ATOM   173  N N   . ASP A 1 24  ? 2.745   -12.397 -2.486  1.00 34.45  ? 24  ASP A N   1 
ATOM   174  C CA  . ASP A 1 24  ? 1.933   -13.176 -3.414  1.00 34.81  ? 24  ASP A CA  1 
ATOM   175  C C   . ASP A 1 24  ? 2.846   -13.643 -4.539  1.00 39.92  ? 24  ASP A C   1 
ATOM   176  O O   . ASP A 1 24  ? 3.201   -12.864 -5.425  1.00 39.86  ? 24  ASP A O   1 
ATOM   177  C CB  . ASP A 1 24  ? 0.775   -12.336 -3.941  1.00 35.51  ? 24  ASP A CB  1 
ATOM   178  C CG  . ASP A 1 24  ? -0.157  -13.124 -4.844  1.00 42.14  ? 24  ASP A CG  1 
ATOM   179  O OD1 . ASP A 1 24  ? 0.214   -14.246 -5.257  1.00 42.50  ? 24  ASP A OD1 1 
ATOM   180  O OD2 . ASP A 1 24  ? -1.233  -12.601 -5.180  1.00 39.38  ? 24  ASP A OD2 1 
ATOM   181  N N   . ASP A 1 25  ? 3.242   -14.918 -4.486  1.00 43.57  ? 25  ASP A N   1 
ATOM   182  C CA  . ASP A 1 25  ? 4.158   -15.470 -5.475  1.00 48.32  ? 25  ASP A CA  1 
ATOM   183  C C   . ASP A 1 25  ? 3.518   -15.658 -6.845  1.00 48.30  ? 25  ASP A C   1 
ATOM   184  O O   . ASP A 1 25  ? 4.237   -15.926 -7.814  1.00 52.88  ? 25  ASP A O   1 
ATOM   185  C CB  . ASP A 1 25  ? 4.710   -16.801 -4.966  1.00 54.28  ? 25  ASP A CB  1 
ATOM   186  C CG  . ASP A 1 25  ? 3.614   -17.755 -4.534  1.00 76.55  ? 25  ASP A CG  1 
ATOM   187  O OD1 . ASP A 1 25  ? 2.866   -17.413 -3.590  1.00 69.87  ? 25  ASP A OD1 1 
ATOM   188  O OD2 . ASP A 1 25  ? 3.491   -18.843 -5.138  1.00 83.61  ? 25  ASP A OD2 1 
ATOM   189  N N   . GLU A 1 26  ? 2.199   -15.511 -6.961  1.00 45.61  ? 26  GLU A N   1 
ATOM   190  C CA  . GLU A 1 26  ? 1.515   -15.692 -8.240  1.00 48.88  ? 26  GLU A CA  1 
ATOM   191  C C   . GLU A 1 26  ? 1.272   -14.319 -8.857  1.00 45.76  ? 26  GLU A C   1 
ATOM   192  O O   . GLU A 1 26  ? 0.192   -13.731 -8.762  1.00 45.97  ? 26  GLU A O   1 
ATOM   193  C CB  . GLU A 1 26  ? 0.229   -16.486 -8.062  1.00 50.54  ? 26  GLU A CB  1 
ATOM   194  C CG  . GLU A 1 26  ? 0.469   -17.869 -7.473  1.00 61.82  ? 26  GLU A CG  1 
ATOM   195  C CD  . GLU A 1 26  ? -0.402  -18.943 -8.104  1.00 73.38  ? 26  GLU A CD  1 
ATOM   196  O OE1 . GLU A 1 26  ? -0.174  -19.268 -9.290  1.00 73.98  ? 26  GLU A OE1 1 
ATOM   197  O OE2 . GLU A 1 26  ? -1.295  -19.478 -7.411  1.00 78.65  ? 26  GLU A OE2 1 
ATOM   198  N N   . ASN A 1 27  ? 2.307   -13.814 -9.518  1.00 41.38  ? 27  ASN A N   1 
ATOM   199  C CA  . ASN A 1 27  ? 2.274   -12.489 -10.106 1.00 41.22  ? 27  ASN A CA  1 
ATOM   200  C C   . ASN A 1 27  ? 3.008   -12.533 -11.437 1.00 40.13  ? 27  ASN A C   1 
ATOM   201  O O   . ASN A 1 27  ? 3.638   -13.534 -11.789 1.00 45.91  ? 27  ASN A O   1 
ATOM   202  C CB  . ASN A 1 27  ? 2.888   -11.459 -9.144  1.00 35.91  ? 27  ASN A CB  1 
ATOM   203  C CG  . ASN A 1 27  ? 4.362   -11.726 -8.861  1.00 36.47  ? 27  ASN A CG  1 
ATOM   204  O OD1 . ASN A 1 27  ? 5.200   -11.564 -9.744  1.00 38.64  ? 27  ASN A OD1 1 
ATOM   205  N ND2 . ASN A 1 27  ? 4.686   -12.132 -7.630  1.00 37.62  ? 27  ASN A ND2 1 
ATOM   206  N N   . THR A 1 28  ? 2.914   -11.439 -12.184 1.00 34.16  ? 28  THR A N   1 
ATOM   207  C CA  . THR A 1 28  ? 3.503   -11.339 -13.511 1.00 35.45  ? 28  THR A CA  1 
ATOM   208  C C   . THR A 1 28  ? 4.989   -11.014 -13.488 1.00 41.08  ? 28  THR A C   1 
ATOM   209  O O   . THR A 1 28  ? 5.637   -11.060 -14.544 1.00 39.38  ? 28  THR A O   1 
ATOM   210  C CB  . THR A 1 28  ? 2.792   -10.247 -14.300 1.00 35.66  ? 28  THR A CB  1 
ATOM   211  O OG1 . THR A 1 28  ? 2.993   -9.007  -13.613 1.00 35.72  ? 28  THR A OG1 1 
ATOM   212  C CG2 . THR A 1 28  ? 1.307   -10.521 -14.419 1.00 34.26  ? 28  THR A CG2 1 
ATOM   213  N N   . GLY A 1 29  ? 5.538   -10.662 -12.330 1.00 36.32  ? 29  GLY A N   1 
ATOM   214  C CA  . GLY A 1 29  ? 6.865   -10.100 -12.269 1.00 34.91  ? 29  GLY A CA  1 
ATOM   215  C C   . GLY A 1 29  ? 6.951   -8.649  -12.679 1.00 33.99  ? 29  GLY A C   1 
ATOM   216  O O   . GLY A 1 29  ? 8.023   -8.053  -12.542 1.00 35.55  ? 29  GLY A O   1 
ATOM   217  N N   . ARG A 1 30  ? 5.861   -8.050  -13.159 1.00 35.37  ? 30  ARG A N   1 
ATOM   218  C CA  . ARG A 1 30  ? 5.854   -6.683  -13.653 1.00 35.20  ? 30  ARG A CA  1 
ATOM   219  C C   . ARG A 1 30  ? 4.928   -5.836  -12.792 1.00 32.06  ? 30  ARG A C   1 
ATOM   220  O O   . ARG A 1 30  ? 4.045   -6.346  -12.100 1.00 33.59  ? 30  ARG A O   1 
ATOM   221  C CB  . ARG A 1 30  ? 5.400   -6.606  -15.114 1.00 45.22  ? 30  ARG A CB  1 
ATOM   222  C CG  . ARG A 1 30  ? 5.848   -7.771  -15.980 1.00 57.66  ? 30  ARG A CG  1 
ATOM   223  C CD  . ARG A 1 30  ? 5.350   -7.595  -17.408 1.00 77.41  ? 30  ARG A CD  1 
ATOM   224  N NE  . ARG A 1 30  ? 5.305   -8.853  -18.152 1.00 105.62 ? 30  ARG A NE  1 
ATOM   225  C CZ  . ARG A 1 30  ? 5.996   -9.089  -19.263 1.00 98.33  ? 30  ARG A CZ  1 
ATOM   226  N NH1 . ARG A 1 30  ? 5.895   -10.261 -19.877 1.00 97.44  ? 30  ARG A NH1 1 
ATOM   227  N NH2 . ARG A 1 30  ? 6.792   -8.151  -19.760 1.00 104.92 ? 30  ARG A NH2 1 
ATOM   228  N N   . CYS A 1 31  ? 5.139   -4.528  -12.851 1.00 32.31  ? 31  CYS A N   1 
ATOM   229  C CA  A CYS A 1 31  ? 4.338   -3.623  -12.043 0.74 32.56  ? 31  CYS A CA  1 
ATOM   230  C CA  B CYS A 1 31  ? 4.420   -3.607  -11.992 0.26 32.56  ? 31  CYS A CA  1 
ATOM   231  C C   . CYS A 1 31  ? 4.416   -2.236  -12.647 1.00 35.53  ? 31  CYS A C   1 
ATOM   232  O O   . CYS A 1 31  ? 5.440   -1.823  -13.194 1.00 39.25  ? 31  CYS A O   1 
ATOM   233  C CB  A CYS A 1 31  ? 4.769   -3.597  -10.564 0.74 32.58  ? 31  CYS A CB  1 
ATOM   234  C CB  B CYS A 1 31  ? 5.126   -3.589  -10.646 0.26 33.30  ? 31  CYS A CB  1 
ATOM   235  S SG  A CYS A 1 31  ? 6.564   -3.644  -10.237 0.74 33.48  ? 31  CYS A SG  1 
ATOM   236  S SG  B CYS A 1 31  ? 4.479   -2.627  -9.349  0.26 33.74  ? 31  CYS A SG  1 
ATOM   237  N N   . ARG A 1 32  ? 3.289   -1.544  -12.595 1.00 31.87  ? 32  ARG A N   1 
ATOM   238  C CA  . ARG A 1 32  ? 3.194   -0.197  -13.122 1.00 32.75  ? 32  ARG A CA  1 
ATOM   239  C C   . ARG A 1 32  ? 2.564   0.682   -12.058 1.00 31.92  ? 32  ARG A C   1 
ATOM   240  O O   . ARG A 1 32  ? 1.501   0.343   -11.522 1.00 33.66  ? 32  ARG A O   1 
ATOM   241  C CB  . ARG A 1 32  ? 2.352   -0.163  -14.411 1.00 35.50  ? 32  ARG A CB  1 
ATOM   242  C CG  . ARG A 1 32  ? 1.939   1.234   -14.851 1.00 37.74  ? 32  ARG A CG  1 
ATOM   243  C CD  . ARG A 1 32  ? 1.177   1.200   -16.190 1.00 38.44  ? 32  ARG A CD  1 
ATOM   244  N NE  . ARG A 1 32  ? 0.090   0.218   -16.197 1.00 35.79  ? 32  ARG A NE  1 
ATOM   245  C CZ  . ARG A 1 32  ? -1.164  0.472   -15.819 1.00 35.45  ? 32  ARG A CZ  1 
ATOM   246  N NH1 . ARG A 1 32  ? -1.518  1.685   -15.409 1.00 37.96  ? 32  ARG A NH1 1 
ATOM   247  N NH2 . ARG A 1 32  ? -2.083  -0.490  -15.863 1.00 37.68  ? 32  ARG A NH2 1 
ATOM   248  N N   . LEU A 1 33  ? 3.197   1.815   -11.766 1.00 29.05  ? 33  LEU A N   1 
ATOM   249  C CA  . LEU A 1 33  ? 2.633   2.746   -10.800 1.00 26.73  ? 33  LEU A CA  1 
ATOM   250  C C   . LEU A 1 33  ? 1.508   3.544   -11.453 1.00 30.19  ? 33  LEU A C   1 
ATOM   251  O O   . LEU A 1 33  ? 1.688   4.111   -12.536 1.00 31.10  ? 33  LEU A O   1 
ATOM   252  C CB  . LEU A 1 33  ? 3.709   3.688   -10.265 1.00 28.66  ? 33  LEU A CB  1 
ATOM   253  C CG  . LEU A 1 33  ? 3.229   4.551   -9.108  1.00 29.70  ? 33  LEU A CG  1 
ATOM   254  C CD1 . LEU A 1 33  ? 3.013   3.709   -7.874  1.00 32.32  ? 33  LEU A CD1 1 
ATOM   255  C CD2 . LEU A 1 33  ? 4.246   5.665   -8.801  1.00 32.87  ? 33  LEU A CD2 1 
ATOM   256  N N   . GLU A 1 34  ? 0.350   3.578   -10.803 1.00 30.16  ? 34  GLU A N   1 
ATOM   257  C CA  . GLU A 1 34  ? -0.781  4.374   -11.276 1.00 28.64  ? 34  GLU A CA  1 
ATOM   258  C C   . GLU A 1 34  ? -1.299  5.216   -10.130 1.00 30.66  ? 34  GLU A C   1 
ATOM   259  O O   . GLU A 1 34  ? -1.630  4.687   -9.068  1.00 31.31  ? 34  GLU A O   1 
ATOM   260  C CB  . GLU A 1 34  ? -1.909  3.503   -11.845 1.00 30.17  ? 34  GLU A CB  1 
ATOM   261  C CG  . GLU A 1 34  ? -2.991  4.380   -12.473 1.00 35.99  ? 34  GLU A CG  1 
ATOM   262  C CD  . GLU A 1 34  ? -4.229  3.607   -12.813 1.00 45.72  ? 34  GLU A CD  1 
ATOM   263  O OE1 . GLU A 1 34  ? -5.345  4.150   -12.645 1.00 53.89  ? 34  GLU A OE1 1 
ATOM   264  O OE2 . GLU A 1 34  ? -4.068  2.459   -13.255 1.00 46.66  ? 34  GLU A OE2 1 
ATOM   265  N N   . LEU A 1 35  ? -1.340  6.529   -10.323 1.00 31.55  ? 35  LEU A N   1 
ATOM   266  C CA  . LEU A 1 35  ? -1.909  7.433   -9.337  1.00 29.33  ? 35  LEU A CA  1 
ATOM   267  C C   . LEU A 1 35  ? -3.253  7.925   -9.842  1.00 34.99  ? 35  LEU A C   1 
ATOM   268  O O   . LEU A 1 35  ? -3.431  8.123   -11.047 1.00 36.90  ? 35  LEU A O   1 
ATOM   269  C CB  . LEU A 1 35  ? -0.976  8.625   -9.084  1.00 33.23  ? 35  LEU A CB  1 
ATOM   270  C CG  . LEU A 1 35  ? 0.473   8.267   -8.774  1.00 31.17  ? 35  LEU A CG  1 
ATOM   271  C CD1 . LEU A 1 35  ? 1.277   9.565   -8.499  1.00 33.74  ? 35  LEU A CD1 1 
ATOM   272  C CD2 . LEU A 1 35  ? 0.539   7.326   -7.588  1.00 34.92  ? 35  LEU A CD2 1 
ATOM   273  N N   . GLN A 1 36  ? -4.190  8.123   -8.922  1.00 34.12  ? 36  GLN A N   1 
ATOM   274  C CA  . GLN A 1 36  ? -5.514  8.596   -9.305  1.00 37.23  ? 36  GLN A CA  1 
ATOM   275  C C   . GLN A 1 36  ? -6.065  9.471   -8.195  1.00 42.55  ? 36  GLN A C   1 
ATOM   276  O O   . GLN A 1 36  ? -6.097  9.059   -7.031  1.00 38.35  ? 36  GLN A O   1 
ATOM   277  C CB  . GLN A 1 36  ? -6.450  7.418   -9.590  1.00 41.11  ? 36  GLN A CB  1 
ATOM   278  C CG  . GLN A 1 36  ? -6.049  6.625   -10.817 1.00 52.82  ? 36  GLN A CG  1 
ATOM   279  C CD  . GLN A 1 36  ? -6.938  5.422   -11.046 1.00 69.87  ? 36  GLN A CD  1 
ATOM   280  O OE1 . GLN A 1 36  ? -7.545  4.895   -10.111 1.00 65.62  ? 36  GLN A OE1 1 
ATOM   281  N NE2 . GLN A 1 36  ? -7.027  4.985   -12.298 1.00 88.97  ? 36  GLN A NE2 1 
ATOM   282  N N   . LYS A 1 37  ? -6.500  10.676  -8.554  1.00 44.10  ? 37  LYS A N   1 
ATOM   283  C CA  . LYS A 1 37  ? -7.148  11.539  -7.578  1.00 49.75  ? 37  LYS A CA  1 
ATOM   284  C C   . LYS A 1 37  ? -8.510  10.966  -7.204  1.00 51.22  ? 37  LYS A C   1 
ATOM   285  O O   . LYS A 1 37  ? -9.191  10.345  -8.024  1.00 51.26  ? 37  LYS A O   1 
ATOM   286  C CB  . LYS A 1 37  ? -7.314  12.957  -8.133  1.00 51.86  ? 37  LYS A CB  1 
ATOM   287  C CG  . LYS A 1 37  ? -6.044  13.783  -8.132  1.00 54.42  ? 37  LYS A CG  1 
ATOM   288  C CD  . LYS A 1 37  ? -6.179  14.982  -9.066  1.00 56.65  ? 37  LYS A CD  1 
ATOM   289  C CE  . LYS A 1 37  ? -7.634  15.338  -9.313  1.00 62.69  ? 37  LYS A CE  1 
ATOM   290  N NZ  . LYS A 1 37  ? -7.837  16.813  -9.424  1.00 65.90  ? 37  LYS A NZ  1 
ATOM   291  N N   . TYR A 1 38  ? -8.899  11.160  -5.946  1.00 51.59  ? 38  TYR A N   1 
ATOM   292  C CA  . TYR A 1 38  ? -10.243 10.794  -5.523  1.00 57.34  ? 38  TYR A CA  1 
ATOM   293  C C   . TYR A 1 38  ? -10.728 11.775  -4.465  1.00 62.39  ? 38  TYR A C   1 
ATOM   294  O O   . TYR A 1 38  ? -9.962  12.576  -3.925  1.00 59.44  ? 38  TYR A O   1 
ATOM   295  C CB  . TYR A 1 38  ? -10.314 9.349   -5.015  1.00 55.52  ? 38  TYR A CB  1 
ATOM   296  C CG  . TYR A 1 38  ? -9.556  9.060   -3.738  1.00 54.59  ? 38  TYR A CG  1 
ATOM   297  C CD1 . TYR A 1 38  ? -8.196  8.758   -3.766  1.00 46.57  ? 38  TYR A CD1 1 
ATOM   298  C CD2 . TYR A 1 38  ? -10.199 9.062   -2.507  1.00 57.91  ? 38  TYR A CD2 1 
ATOM   299  C CE1 . TYR A 1 38  ? -7.505  8.474   -2.608  1.00 46.00  ? 38  TYR A CE1 1 
ATOM   300  C CE2 . TYR A 1 38  ? -9.511  8.785   -1.339  1.00 57.31  ? 38  TYR A CE2 1 
ATOM   301  C CZ  . TYR A 1 38  ? -8.161  8.493   -1.398  1.00 50.09  ? 38  TYR A CZ  1 
ATOM   302  O OH  . TYR A 1 38  ? -7.470  8.214   -0.245  1.00 44.66  ? 38  TYR A OH  1 
ATOM   303  N N   . GLU A 1 39  ? -12.026 11.708  -4.191  1.00 69.20  ? 39  GLU A N   1 
ATOM   304  C CA  . GLU A 1 39  ? -12.692 12.594  -3.249  1.00 76.51  ? 39  GLU A CA  1 
ATOM   305  C C   . GLU A 1 39  ? -13.115 11.797  -2.024  1.00 78.96  ? 39  GLU A C   1 
ATOM   306  O O   . GLU A 1 39  ? -13.768 10.755  -2.151  1.00 79.85  ? 39  GLU A O   1 
ATOM   307  C CB  . GLU A 1 39  ? -13.910 13.254  -3.899  1.00 82.40  ? 39  GLU A CB  1 
ATOM   308  C CG  . GLU A 1 39  ? -14.724 14.149  -2.975  1.00 89.45  ? 39  GLU A CG  1 
ATOM   309  C CD  . GLU A 1 39  ? -15.897 14.801  -3.685  1.00 93.05  ? 39  GLU A CD  1 
ATOM   310  O OE1 . GLU A 1 39  ? -16.101 14.520  -4.885  1.00 89.22  ? 39  GLU A OE1 1 
ATOM   311  O OE2 . GLU A 1 39  ? -16.615 15.596  -3.042  1.00 95.87  ? 39  GLU A OE2 1 
ATOM   312  N N   . LEU A 1 40  ? -12.739 12.285  -0.842  1.00 82.24  ? 40  LEU A N   1 
ATOM   313  C CA  . LEU A 1 40  ? -13.149 11.649  0.401   1.00 87.50  ? 40  LEU A CA  1 
ATOM   314  C C   . LEU A 1 40  ? -14.578 12.052  0.760   1.00 97.85  ? 40  LEU A C   1 
ATOM   315  O O   . LEU A 1 40  ? -15.132 13.029  0.245   1.00 97.59  ? 40  LEU A O   1 
ATOM   316  C CB  . LEU A 1 40  ? -12.193 12.004  1.543   1.00 88.02  ? 40  LEU A CB  1 
ATOM   317  C CG  . LEU A 1 40  ? -10.803 11.365  1.420   1.00 80.04  ? 40  LEU A CG  1 
ATOM   318  C CD1 . LEU A 1 40  ? -9.852  12.182  0.541   1.00 76.29  ? 40  LEU A CD1 1 
ATOM   319  C CD2 . LEU A 1 40  ? -10.178 11.063  2.784   1.00 79.45  ? 40  LEU A CD2 1 
ATOM   320  N N   . GLU A 1 41  ? -15.177 11.286  1.674   1.00 105.05 ? 41  GLU A N   1 
ATOM   321  C CA  . GLU A 1 41  ? -16.597 11.468  1.958   1.00 106.71 ? 41  GLU A CA  1 
ATOM   322  C C   . GLU A 1 41  ? -16.887 12.842  2.547   1.00 102.46 ? 41  GLU A C   1 
ATOM   323  O O   . GLU A 1 41  ? -17.992 13.367  2.370   1.00 102.33 ? 41  GLU A O   1 
ATOM   324  C CB  . GLU A 1 41  ? -17.099 10.357  2.883   1.00 108.18 ? 41  GLU A CB  1 
ATOM   325  C CG  . GLU A 1 41  ? -17.104 8.976   2.229   1.00 114.28 ? 41  GLU A CG  1 
ATOM   326  C CD  . GLU A 1 41  ? -17.439 9.011   0.743   1.00 123.52 ? 41  GLU A CD  1 
ATOM   327  O OE1 . GLU A 1 41  ? -17.059 8.060   0.027   1.00 125.62 ? 41  GLU A OE1 1 
ATOM   328  O OE2 . GLU A 1 41  ? -18.099 9.972   0.290   1.00 125.05 ? 41  GLU A OE2 1 
ATOM   329  N N   . ASP A 1 42  ? -15.924 13.434  3.251   1.00 99.51  ? 42  ASP A N   1 
ATOM   330  C CA  . ASP A 1 42  ? -16.060 14.804  3.724   1.00 100.43 ? 42  ASP A CA  1 
ATOM   331  C C   . ASP A 1 42  ? -15.718 15.827  2.650   1.00 98.81  ? 42  ASP A C   1 
ATOM   332  O O   . ASP A 1 42  ? -15.463 16.994  2.974   1.00 97.47  ? 42  ASP A O   1 
ATOM   333  C CB  . ASP A 1 42  ? -15.181 15.025  4.956   1.00 104.47 ? 42  ASP A CB  1 
ATOM   334  C CG  . ASP A 1 42  ? -13.728 14.674  4.706   1.00 104.06 ? 42  ASP A CG  1 
ATOM   335  O OD1 . ASP A 1 42  ? -13.022 15.492  4.079   1.00 102.29 ? 42  ASP A OD1 1 
ATOM   336  O OD2 . ASP A 1 42  ? -13.293 13.584  5.135   1.00 100.75 ? 42  ASP A OD2 1 
ATOM   337  N N   . GLY A 1 43  ? -15.710 15.418  1.382   1.00 97.01  ? 43  GLY A N   1 
ATOM   338  C CA  . GLY A 1 43  ? -15.294 16.290  0.304   1.00 93.74  ? 43  GLY A CA  1 
ATOM   339  C C   . GLY A 1 43  ? -13.809 16.549  0.232   1.00 92.51  ? 43  GLY A C   1 
ATOM   340  O O   . GLY A 1 43  ? -13.391 17.465  -0.481  1.00 90.51  ? 43  GLY A O   1 
ATOM   341  N N   . SER A 1 44  ? -12.998 15.769  0.943   1.00 94.12  ? 44  SER A N   1 
ATOM   342  C CA  . SER A 1 44  ? -11.558 15.978  0.967   1.00 90.30  ? 44  SER A CA  1 
ATOM   343  C C   . SER A 1 44  ? -10.899 15.346  -0.255  1.00 84.94  ? 44  SER A C   1 
ATOM   344  O O   . SER A 1 44  ? -11.425 14.407  -0.859  1.00 82.34  ? 44  SER A O   1 
ATOM   345  C CB  . SER A 1 44  ? -10.950 15.395  2.244   1.00 88.27  ? 44  SER A CB  1 
ATOM   346  O OG  . SER A 1 44  ? -9.810  16.128  2.654   1.00 87.40  ? 44  SER A OG  1 
ATOM   347  N N   . GLN A 1 45  ? -9.731  15.874  -0.612  1.00 85.18  ? 45  GLN A N   1 
ATOM   348  C CA  . GLN A 1 45  ? -8.983  15.401  -1.767  1.00 78.46  ? 45  GLN A CA  1 
ATOM   349  C C   . GLN A 1 45  ? -7.986  14.331  -1.338  1.00 71.11  ? 45  GLN A C   1 
ATOM   350  O O   . GLN A 1 45  ? -7.248  14.514  -0.366  1.00 68.77  ? 45  GLN A O   1 
ATOM   351  C CB  . GLN A 1 45  ? -8.250  16.559  -2.446  1.00 82.98  ? 45  GLN A CB  1 
ATOM   352  C CG  . GLN A 1 45  ? -7.354  17.377  -1.513  1.00 90.00  ? 45  GLN A CG  1 
ATOM   353  C CD  . GLN A 1 45  ? -8.133  18.343  -0.633  1.00 95.36  ? 45  GLN A CD  1 
ATOM   354  O OE1 . GLN A 1 45  ? -8.710  17.953  0.385   1.00 92.39  ? 45  GLN A OE1 1 
ATOM   355  N NE2 . GLN A 1 45  ? -8.157  19.609  -1.025  1.00 99.19  ? 45  GLN A NE2 1 
ATOM   356  N N   . GLY A 1 46  ? -7.972  13.212  -2.065  1.00 61.92  ? 46  GLY A N   1 
ATOM   357  C CA  . GLY A 1 46  ? -7.035  12.147  -1.794  1.00 53.87  ? 46  GLY A CA  1 
ATOM   358  C C   . GLY A 1 46  ? -6.299  11.742  -3.056  1.00 48.55  ? 46  GLY A C   1 
ATOM   359  O O   . GLY A 1 46  ? -6.689  12.085  -4.172  1.00 46.83  ? 46  GLY A O   1 
ATOM   360  N N   . LEU A 1 47  ? -5.207  11.005  -2.859  1.00 40.22  ? 47  LEU A N   1 
ATOM   361  C CA  . LEU A 1 47  ? -4.401  10.501  -3.964  1.00 37.88  ? 47  LEU A CA  1 
ATOM   362  C C   . LEU A 1 47  ? -4.254  8.998   -3.775  1.00 33.67  ? 47  LEU A C   1 
ATOM   363  O O   . LEU A 1 47  ? -3.600  8.562   -2.820  1.00 33.59  ? 47  LEU A O   1 
ATOM   364  C CB  . LEU A 1 47  ? -3.041  11.191  -4.003  1.00 38.28  ? 47  LEU A CB  1 
ATOM   365  C CG  . LEU A 1 47  ? -2.134  10.821  -5.175  1.00 38.17  ? 47  LEU A CG  1 
ATOM   366  C CD1 . LEU A 1 47  ? -2.786  11.228  -6.484  1.00 40.40  ? 47  LEU A CD1 1 
ATOM   367  C CD2 . LEU A 1 47  ? -0.776  11.490  -5.016  1.00 40.50  ? 47  LEU A CD2 1 
ATOM   368  N N   . ALA A 1 48  ? -4.844  8.229   -4.684  1.00 33.50  ? 48  ALA A N   1 
ATOM   369  C CA  . ALA A 1 48  ? -4.771  6.774   -4.642  1.00 34.78  ? 48  ALA A CA  1 
ATOM   370  C C   . ALA A 1 48  ? -3.537  6.314   -5.406  1.00 32.21  ? 48  ALA A C   1 
ATOM   371  O O   . ALA A 1 48  ? -3.200  6.864   -6.457  1.00 32.64  ? 48  ALA A O   1 
ATOM   372  C CB  . ALA A 1 48  ? -6.035  6.147   -5.235  1.00 36.24  ? 48  ALA A CB  1 
ATOM   373  N N   . VAL A 1 49  ? -2.857  5.317   -4.854  1.00 28.79  ? 49  VAL A N   1 
ATOM   374  C CA  . VAL A 1 49  ? -1.612  4.787   -5.393  1.00 28.01  ? 49  VAL A CA  1 
ATOM   375  C C   . VAL A 1 49  ? -1.832  3.309   -5.633  1.00 28.33  ? 49  VAL A C   1 
ATOM   376  O O   . VAL A 1 49  ? -2.169  2.579   -4.695  1.00 30.63  ? 49  VAL A O   1 
ATOM   377  C CB  . VAL A 1 49  ? -0.447  4.980   -4.411  1.00 29.51  ? 49  VAL A CB  1 
ATOM   378  C CG1 . VAL A 1 49  ? 0.838   4.521   -5.039  1.00 30.53  ? 49  VAL A CG1 1 
ATOM   379  C CG2 . VAL A 1 49  ? -0.365  6.441   -3.942  1.00 33.50  ? 49  VAL A CG2 1 
ATOM   380  N N   . TYR A 1 50  ? -1.599  2.863   -6.851  1.00 27.34  ? 50  TYR A N   1 
ATOM   381  C CA  . TYR A 1 50  ? -1.786  1.470   -7.202  1.00 27.02  ? 50  TYR A CA  1 
ATOM   382  C C   . TYR A 1 50  ? -0.548  0.913   -7.870  1.00 29.11  ? 50  TYR A C   1 
ATOM   383  O O   . TYR A 1 50  ? 0.090   1.588   -8.683  1.00 29.89  ? 50  TYR A O   1 
ATOM   384  C CB  . TYR A 1 50  ? -2.962  1.298   -8.172  1.00 27.76  ? 50  TYR A CB  1 
ATOM   385  C CG  . TYR A 1 50  ? -4.267  1.788   -7.631  1.00 31.27  ? 50  TYR A CG  1 
ATOM   386  C CD1 . TYR A 1 50  ? -4.888  1.140   -6.574  1.00 31.75  ? 50  TYR A CD1 1 
ATOM   387  C CD2 . TYR A 1 50  ? -4.873  2.904   -8.175  1.00 35.91  ? 50  TYR A CD2 1 
ATOM   388  C CE1 . TYR A 1 50  ? -6.099  1.595   -6.079  1.00 33.89  ? 50  TYR A CE1 1 
ATOM   389  C CE2 . TYR A 1 50  ? -6.077  3.367   -7.687  1.00 36.20  ? 50  TYR A CE2 1 
ATOM   390  C CZ  . TYR A 1 50  ? -6.675  2.713   -6.643  1.00 35.11  ? 50  TYR A CZ  1 
ATOM   391  O OH  . TYR A 1 50  ? -7.873  3.179   -6.153  1.00 38.20  ? 50  TYR A OH  1 
ATOM   392  N N   . LEU A 1 51  ? -0.247  -0.336  -7.581  1.00 27.45  ? 51  LEU A N   1 
ATOM   393  C CA  . LEU A 1 51  ? 0.697   -1.098  -8.378  1.00 27.73  ? 51  LEU A CA  1 
ATOM   394  C C   . LEU A 1 51  ? -0.127  -1.970  -9.308  1.00 29.47  ? 51  LEU A C   1 
ATOM   395  O O   . LEU A 1 51  ? -0.746  -2.943  -8.869  1.00 28.80  ? 51  LEU A O   1 
ATOM   396  C CB  . LEU A 1 51  ? 1.633   -1.929  -7.499  1.00 28.49  ? 51  LEU A CB  1 
ATOM   397  C CG  . LEU A 1 51  ? 2.538   -1.099  -6.589  1.00 27.75  ? 51  LEU A CG  1 
ATOM   398  C CD1 . LEU A 1 51  ? 3.431   -2.054  -5.764  1.00 30.85  ? 51  LEU A CD1 1 
ATOM   399  C CD2 . LEU A 1 51  ? 3.379   -0.090  -7.361  1.00 30.02  ? 51  LEU A CD2 1 
ATOM   400  N N   . GLN A 1 52  ? -0.167  -1.589  -10.581 1.00 30.06  ? 52  GLN A N   1 
ATOM   401  C CA  . GLN A 1 52  ? -0.969  -2.286  -11.576 1.00 29.61  ? 52  GLN A CA  1 
ATOM   402  C C   . GLN A 1 52  ? -0.128  -3.292  -12.343 1.00 33.36  ? 52  GLN A C   1 
ATOM   403  O O   . GLN A 1 52  ? 1.100   -3.304  -12.271 1.00 33.40  ? 52  GLN A O   1 
ATOM   404  C CB  . GLN A 1 52  ? -1.588  -1.281  -12.546 1.00 30.68  ? 52  GLN A CB  1 
ATOM   405  C CG  . GLN A 1 52  ? -2.454  -0.214  -11.881 1.00 30.71  ? 52  GLN A CG  1 
ATOM   406  C CD  . GLN A 1 52  ? -3.776  -0.787  -11.354 1.00 32.61  ? 52  GLN A CD  1 
ATOM   407  O OE1 . GLN A 1 52  ? -3.916  -1.989  -11.153 1.00 35.60  ? 52  GLN A OE1 1 
ATOM   408  N NE2 . GLN A 1 52  ? -4.753  0.086   -11.144 1.00 36.00  ? 52  GLN A NE2 1 
ATOM   409  N N   . ASP A 1 53  ? -0.807  -4.144  -13.105 1.00 33.20  ? 53  ASP A N   1 
ATOM   410  C CA  . ASP A 1 53  ? -0.175  -5.086  -14.024 1.00 31.48  ? 53  ASP A CA  1 
ATOM   411  C C   . ASP A 1 53  ? 0.561   -6.212  -13.308 1.00 31.91  ? 53  ASP A C   1 
ATOM   412  O O   . ASP A 1 53  ? 1.320   -6.950  -13.950 1.00 34.36  ? 53  ASP A O   1 
ATOM   413  C CB  . ASP A 1 53  ? 0.804   -4.394  -14.990 1.00 37.88  ? 53  ASP A CB  1 
ATOM   414  C CG  . ASP A 1 53  ? 0.139   -3.339  -15.852 1.00 43.02  ? 53  ASP A CG  1 
ATOM   415  O OD1 . ASP A 1 53  ? -1.102  -3.321  -15.901 1.00 42.96  ? 53  ASP A OD1 1 
ATOM   416  O OD2 . ASP A 1 53  ? 0.865   -2.540  -16.494 1.00 43.00  ? 53  ASP A OD2 1 
ATOM   417  N N   . THR A 1 54  ? 0.355   -6.381  -11.997 1.00 31.59  ? 54  THR A N   1 
ATOM   418  C CA  . THR A 1 54  ? 1.047   -7.422  -11.248 1.00 31.44  ? 54  THR A CA  1 
ATOM   419  C C   . THR A 1 54  ? 0.400   -8.788  -11.373 1.00 31.06  ? 54  THR A C   1 
ATOM   420  O O   . THR A 1 54  ? 1.002   -9.781  -10.951 1.00 33.97  ? 54  THR A O   1 
ATOM   421  C CB  . THR A 1 54  ? 1.089   -7.101  -9.757  1.00 32.99  ? 54  THR A CB  1 
ATOM   422  O OG1 . THR A 1 54  ? -0.240  -7.146  -9.226  1.00 31.15  ? 54  THR A OG1 1 
ATOM   423  C CG2 . THR A 1 54  ? 1.728   -5.741  -9.511  1.00 31.28  ? 54  THR A CG2 1 
ATOM   424  N N   . GLY A 1 55  ? -0.825  -8.858  -11.864 1.00 33.39  ? 55  GLY A N   1 
ATOM   425  C CA  . GLY A 1 55  ? -1.526  -10.124 -11.825 1.00 34.49  ? 55  GLY A CA  1 
ATOM   426  C C   . GLY A 1 55  ? -1.984  -10.579 -10.461 1.00 34.39  ? 55  GLY A C   1 
ATOM   427  O O   . GLY A 1 55  ? -2.549  -11.670 -10.348 1.00 36.70  ? 55  GLY A O   1 
ATOM   428  N N   . MET A 1 56  ? -1.790  -9.776  -9.421  1.00 29.82  ? 56  MET A N   1 
ATOM   429  C CA  . MET A 1 56  ? -2.157  -10.180 -8.080  1.00 30.35  ? 56  MET A CA  1 
ATOM   430  C C   . MET A 1 56  ? -3.657  -10.017 -7.861  1.00 32.13  ? 56  MET A C   1 
ATOM   431  O O   . MET A 1 56  ? -4.283  -9.074  -8.358  1.00 31.97  ? 56  MET A O   1 
ATOM   432  C CB  . MET A 1 56  ? -1.386  -9.355  -7.059  1.00 32.20  ? 56  MET A CB  1 
ATOM   433  C CG  . MET A 1 56  ? 0.088   -9.689  -7.058  1.00 31.99  ? 56  MET A CG  1 
ATOM   434  S SD  . MET A 1 56  ? 1.032   -8.460  -6.122  1.00 34.28  ? 56  MET A SD  1 
ATOM   435  C CE  . MET A 1 56  ? 0.244   -8.610  -4.533  1.00 31.89  ? 56  MET A CE  1 
ATOM   436  N N   . TYR A 1 57  ? -4.234  -10.941 -7.095  1.00 32.66  ? 57  TYR A N   1 
ATOM   437  C CA  . TYR A 1 57  ? -5.660  -10.840 -6.821  1.00 30.12  ? 57  TYR A CA  1 
ATOM   438  C C   . TYR A 1 57  ? -5.976  -9.588  -6.018  1.00 29.85  ? 57  TYR A C   1 
ATOM   439  O O   . TYR A 1 57  ? -6.970  -8.905  -6.291  1.00 29.28  ? 57  TYR A O   1 
ATOM   440  C CB  . TYR A 1 57  ? -6.146  -12.092 -6.095  1.00 37.16  ? 57  TYR A CB  1 
ATOM   441  C CG  . TYR A 1 57  ? -7.595  -12.017 -5.700  1.00 33.89  ? 57  TYR A CG  1 
ATOM   442  C CD1 . TYR A 1 57  ? -8.603  -12.271 -6.628  1.00 34.91  ? 57  TYR A CD1 1 
ATOM   443  C CD2 . TYR A 1 57  ? -7.967  -11.670 -4.405  1.00 34.31  ? 57  TYR A CD2 1 
ATOM   444  C CE1 . TYR A 1 57  ? -9.941  -12.199 -6.273  1.00 36.74  ? 57  TYR A CE1 1 
ATOM   445  C CE2 . TYR A 1 57  ? -9.306  -11.602 -4.037  1.00 35.71  ? 57  TYR A CE2 1 
ATOM   446  C CZ  . TYR A 1 57  ? -10.288 -11.873 -4.975  1.00 35.74  ? 57  TYR A CZ  1 
ATOM   447  O OH  . TYR A 1 57  ? -11.608 -11.789 -4.595  1.00 36.87  ? 57  TYR A OH  1 
ATOM   448  N N   . PHE A 1 58  ? -5.115  -9.236  -5.063  1.00 30.41  ? 58  PHE A N   1 
ATOM   449  C CA  . PHE A 1 58  ? -5.250  -7.986  -4.320  1.00 29.16  ? 58  PHE A CA  1 
ATOM   450  C C   . PHE A 1 58  ? -4.270  -6.978  -4.916  1.00 28.51  ? 58  PHE A C   1 
ATOM   451  O O   . PHE A 1 58  ? -3.053  -7.128  -4.775  1.00 30.74  ? 58  PHE A O   1 
ATOM   452  C CB  . PHE A 1 58  ? -4.992  -8.192  -2.826  1.00 29.44  ? 58  PHE A CB  1 
ATOM   453  C CG  . PHE A 1 58  ? -6.060  -9.006  -2.144  1.00 33.85  ? 58  PHE A CG  1 
ATOM   454  C CD1 . PHE A 1 58  ? -7.347  -8.514  -2.036  1.00 33.70  ? 58  PHE A CD1 1 
ATOM   455  C CD2 . PHE A 1 58  ? -5.771  -10.251 -1.621  1.00 38.74  ? 58  PHE A CD2 1 
ATOM   456  C CE1 . PHE A 1 58  ? -8.342  -9.272  -1.405  1.00 34.87  ? 58  PHE A CE1 1 
ATOM   457  C CE2 . PHE A 1 58  ? -6.748  -11.002 -0.999  1.00 38.20  ? 58  PHE A CE2 1 
ATOM   458  C CZ  . PHE A 1 58  ? -8.029  -10.506 -0.885  1.00 37.02  ? 58  PHE A CZ  1 
ATOM   459  N N   . THR A 1 59  ? -4.798  -5.964  -5.585  1.00 26.64  ? 59  THR A N   1 
ATOM   460  C CA  . THR A 1 59  ? -3.973  -4.887  -6.130  1.00 27.31  ? 59  THR A CA  1 
ATOM   461  C C   . THR A 1 59  ? -3.283  -4.154  -4.992  1.00 28.45  ? 59  THR A C   1 
ATOM   462  O O   . THR A 1 59  ? -3.973  -3.654  -4.086  1.00 28.56  ? 59  THR A O   1 
ATOM   463  C CB  . THR A 1 59  ? -4.849  -3.909  -6.896  1.00 27.56  ? 59  THR A CB  1 
ATOM   464  O OG1 . THR A 1 59  ? -5.615  -4.650  -7.869  1.00 30.04  ? 59  THR A OG1 1 
ATOM   465  C CG2 . THR A 1 59  ? -4.032  -2.822  -7.569  1.00 30.08  ? 59  THR A CG2 1 
ATOM   466  N N   . PRO A 1 60  ? -1.955  -4.060  -4.985  1.00 26.79  ? 60  PRO A N   1 
ATOM   467  C CA  . PRO A 1 60  ? -1.312  -3.204  -3.989  1.00 28.94  ? 60  PRO A CA  1 
ATOM   468  C C   . PRO A 1 60  ? -1.847  -1.789  -4.121  1.00 25.82  ? 60  PRO A C   1 
ATOM   469  O O   . PRO A 1 60  ? -1.819  -1.203  -5.202  1.00 27.01  ? 60  PRO A O   1 
ATOM   470  C CB  . PRO A 1 60  ? 0.172   -3.302  -4.349  1.00 26.81  ? 60  PRO A CB  1 
ATOM   471  C CG  . PRO A 1 60  ? 0.304   -4.630  -5.101  1.00 26.00  ? 60  PRO A CG  1 
ATOM   472  C CD  . PRO A 1 60  ? -0.987  -4.678  -5.903  1.00 26.13  ? 60  PRO A CD  1 
ATOM   473  N N   . SER A 1 61  ? -2.309  -1.233  -3.009  1.00 27.02  ? 61  SER A N   1 
ATOM   474  C CA  . SER A 1 61  ? -2.974  0.056   -3.057  1.00 29.09  ? 61  SER A CA  1 
ATOM   475  C C   . SER A 1 61  ? -2.674  0.853   -1.799  1.00 29.67  ? 61  SER A C   1 
ATOM   476  O O   . SER A 1 61  ? -2.430  0.294   -0.725  1.00 30.83  ? 61  SER A O   1 
ATOM   477  C CB  . SER A 1 61  ? -4.484  -0.108  -3.190  1.00 31.38  ? 61  SER A CB  1 
ATOM   478  O OG  . SER A 1 61  ? -4.970  -0.649  -1.991  1.00 36.09  ? 61  SER A OG  1 
ATOM   479  N N   . ALA A 1 62  ? -2.673  2.173   -1.941  1.00 28.13  ? 62  ALA A N   1 
ATOM   480  C CA  . ALA A 1 62  ? -2.532  3.040   -0.790  1.00 28.88  ? 62  ALA A CA  1 
ATOM   481  C C   . ALA A 1 62  ? -3.305  4.319   -1.050  1.00 32.02  ? 62  ALA A C   1 
ATOM   482  O O   . ALA A 1 62  ? -3.354  4.804   -2.182  1.00 32.66  ? 62  ALA A O   1 
ATOM   483  C CB  . ALA A 1 62  ? -1.053  3.355   -0.522  1.00 30.18  ? 62  ALA A CB  1 
ATOM   484  N N   . GLY A 1 63  ? -3.895  4.865   0.003   1.00 31.04  ? 63  GLY A N   1 
ATOM   485  C CA  . GLY A 1 63  ? -4.604  6.121   -0.121  1.00 34.74  ? 63  GLY A CA  1 
ATOM   486  C C   . GLY A 1 63  ? -3.938  7.217   0.677   1.00 33.63  ? 63  GLY A C   1 
ATOM   487  O O   . GLY A 1 63  ? -3.833  7.131   1.904   1.00 37.80  ? 63  GLY A O   1 
ATOM   488  N N   . LEU A 1 64  ? -3.473  8.251   -0.009  1.00 32.26  ? 64  LEU A N   1 
ATOM   489  C CA  . LEU A 1 64  ? -2.875  9.407   0.633   1.00 35.85  ? 64  LEU A CA  1 
ATOM   490  C C   . LEU A 1 64  ? -3.949  10.453  0.878   1.00 41.04  ? 64  LEU A C   1 
ATOM   491  O O   . LEU A 1 64  ? -4.673  10.826  -0.047  1.00 41.38  ? 64  LEU A O   1 
ATOM   492  C CB  . LEU A 1 64  ? -1.766  9.979   -0.246  1.00 35.26  ? 64  LEU A CB  1 
ATOM   493  C CG  . LEU A 1 64  ? -0.657  8.969   -0.532  1.00 36.08  ? 64  LEU A CG  1 
ATOM   494  C CD1 . LEU A 1 64  ? 0.263   9.504   -1.625  1.00 39.43  ? 64  LEU A CD1 1 
ATOM   495  C CD2 . LEU A 1 64  ? 0.136   8.718   0.728   1.00 38.61  ? 64  LEU A CD2 1 
ATOM   496  N N   . ASP A 1 65  ? -4.040  10.930  2.114   1.00 40.01  ? 65  ASP A N   1 
ATOM   497  C CA  . ASP A 1 65  ? -5.111  11.863  2.438   1.00 46.97  ? 65  ASP A CA  1 
ATOM   498  C C   . ASP A 1 65  ? -4.678  12.719  3.625   1.00 48.23  ? 65  ASP A C   1 
ATOM   499  O O   . ASP A 1 65  ? -3.495  12.772  3.970   1.00 47.52  ? 65  ASP A O   1 
ATOM   500  C CB  . ASP A 1 65  ? -6.428  11.104  2.689   1.00 49.24  ? 65  ASP A CB  1 
ATOM   501  C CG  . ASP A 1 65  ? -6.316  10.053  3.795   1.00 48.56  ? 65  ASP A CG  1 
ATOM   502  O OD1 . ASP A 1 65  ? -5.481  10.197  4.714   1.00 46.64  ? 65  ASP A OD1 1 
ATOM   503  O OD2 . ASP A 1 65  ? -7.086  9.070   3.740   1.00 54.96  ? 65  ASP A OD2 1 
ATOM   504  N N   . LYS A 1 66  ? -5.654  13.398  4.235   1.00 54.66  ? 66  LYS A N   1 
ATOM   505  C CA  . LYS A 1 66  ? -5.385  14.258  5.380   1.00 56.67  ? 66  LYS A CA  1 
ATOM   506  C C   . LYS A 1 66  ? -4.868  13.467  6.571   1.00 52.21  ? 66  LYS A C   1 
ATOM   507  O O   . LYS A 1 66  ? -4.163  14.020  7.420   1.00 50.36  ? 66  LYS A O   1 
ATOM   508  C CB  . LYS A 1 66  ? -6.663  15.006  5.761   1.00 61.17  ? 66  LYS A CB  1 
ATOM   509  C CG  . LYS A 1 66  ? -7.758  14.070  6.268   1.00 66.66  ? 66  LYS A CG  1 
ATOM   510  C CD  . LYS A 1 66  ? -9.033  14.807  6.661   1.00 75.12  ? 66  LYS A CD  1 
ATOM   511  C CE  . LYS A 1 66  ? -8.738  16.229  7.098   1.00 83.77  ? 66  LYS A CE  1 
ATOM   512  N NZ  . LYS A 1 66  ? -9.666  16.681  8.173   1.00 107.07 ? 66  LYS A NZ  1 
ATOM   513  N N   . GLU A 1 67  ? -5.222  12.184  6.660   1.00 52.38  ? 67  GLU A N   1 
ATOM   514  C CA  . GLU A 1 67  ? -4.814  11.330  7.766   1.00 55.06  ? 67  GLU A CA  1 
ATOM   515  C C   . GLU A 1 67  ? -3.399  10.807  7.618   1.00 48.62  ? 67  GLU A C   1 
ATOM   516  O O   . GLU A 1 67  ? -2.868  10.212  8.564   1.00 48.93  ? 67  GLU A O   1 
ATOM   517  C CB  . GLU A 1 67  ? -5.767  10.142  7.877   1.00 55.85  ? 67  GLU A CB  1 
ATOM   518  C CG  . GLU A 1 67  ? -7.207  10.546  8.045   1.00 66.79  ? 67  GLU A CG  1 
ATOM   519  C CD  . GLU A 1 67  ? -7.478  11.219  9.368   1.00 75.41  ? 67  GLU A CD  1 
ATOM   520  O OE1 . GLU A 1 67  ? -7.798  10.486  10.322  1.00 80.13  ? 67  GLU A OE1 1 
ATOM   521  O OE2 . GLU A 1 67  ? -7.370  12.462  9.460   1.00 82.00  ? 67  GLU A OE2 1 
ATOM   522  N N   . THR A 1 68  ? -2.784  10.995  6.457   1.00 42.39  ? 68  THR A N   1 
ATOM   523  C CA  . THR A 1 68  ? -1.488  10.389  6.208   1.00 42.05  ? 68  THR A CA  1 
ATOM   524  C C   . THR A 1 68  ? -0.399  11.117  6.984   1.00 42.54  ? 68  THR A C   1 
ATOM   525  O O   . THR A 1 68  ? -0.319  12.349  6.966   1.00 46.99  ? 68  THR A O   1 
ATOM   526  C CB  . THR A 1 68  ? -1.180  10.412  4.717   1.00 37.68  ? 68  THR A CB  1 
ATOM   527  O OG1 . THR A 1 68  ? -2.207  9.707   4.017   1.00 38.39  ? 68  THR A OG1 1 
ATOM   528  C CG2 . THR A 1 68  ? 0.154   9.729   4.469   1.00 36.41  ? 68  THR A CG2 1 
ATOM   529  N N   . LYS A 1 69  ? 0.453   10.348  7.650   1.00 37.30  ? 69  LYS A N   1 
ATOM   530  C CA  . LYS A 1 69  ? 1.591   10.890  8.368   1.00 38.82  ? 69  LYS A CA  1 
ATOM   531  C C   . LYS A 1 69  ? 2.846   10.172  7.914   1.00 39.97  ? 69  LYS A C   1 
ATOM   532  O O   . LYS A 1 69  ? 2.821   8.970   7.644   1.00 38.11  ? 69  LYS A O   1 
ATOM   533  C CB  . LYS A 1 69  ? 1.456   10.714  9.872   1.00 45.29  ? 69  LYS A CB  1 
ATOM   534  C CG  . LYS A 1 69  ? 0.300   11.456  10.481  1.00 50.94  ? 69  LYS A CG  1 
ATOM   535  C CD  . LYS A 1 69  ? 0.439   11.444  11.984  1.00 58.06  ? 69  LYS A CD  1 
ATOM   536  C CE  . LYS A 1 69  ? -0.811  11.966  12.633  1.00 69.10  ? 69  LYS A CE  1 
ATOM   537  N NZ  . LYS A 1 69  ? -1.294  13.190  11.935  1.00 72.20  ? 69  LYS A NZ  1 
ATOM   538  N N   . LEU A 1 70  ? 3.952   10.908  7.845   1.00 38.00  ? 70  LEU A N   1 
ATOM   539  C CA  . LEU A 1 70  ? 5.229   10.278  7.553   1.00 37.44  ? 70  LEU A CA  1 
ATOM   540  C C   . LEU A 1 70  ? 5.808   9.661   8.817   1.00 40.59  ? 70  LEU A C   1 
ATOM   541  O O   . LEU A 1 70  ? 5.867   10.310  9.866   1.00 46.67  ? 70  LEU A O   1 
ATOM   542  C CB  . LEU A 1 70  ? 6.207   11.291  6.967   1.00 36.99  ? 70  LEU A CB  1 
ATOM   543  C CG  . LEU A 1 70  ? 5.854   11.797  5.578   1.00 37.65  ? 70  LEU A CG  1 
ATOM   544  C CD1 . LEU A 1 70  ? 6.915   12.784  5.103   1.00 40.32  ? 70  LEU A CD1 1 
ATOM   545  C CD2 . LEU A 1 70  ? 5.729   10.631  4.604   1.00 39.18  ? 70  LEU A CD2 1 
ATOM   546  N N   . LYS A 1 71  ? 6.223   8.400   8.716   1.00 40.58  ? 71  LYS A N   1 
ATOM   547  C CA  . LYS A 1 71  ? 6.982   7.760   9.779   1.00 40.66  ? 71  LYS A CA  1 
ATOM   548  C C   . LYS A 1 71  ? 8.452   8.134   9.695   1.00 43.25  ? 71  LYS A C   1 
ATOM   549  O O   . LYS A 1 71  ? 9.108   8.317   10.725  1.00 48.06  ? 71  LYS A O   1 
ATOM   550  C CB  . LYS A 1 71  ? 6.801   6.242   9.707   1.00 43.65  ? 71  LYS A CB  1 
ATOM   551  C CG  . LYS A 1 71  ? 7.751   5.468   10.602  1.00 50.33  ? 71  LYS A CG  1 
ATOM   552  C CD  . LYS A 1 71  ? 7.065   4.262   11.228  1.00 57.96  ? 71  LYS A CD  1 
ATOM   553  C CE  . LYS A 1 71  ? 6.622   3.261   10.178  1.00 57.30  ? 71  LYS A CE  1 
ATOM   554  N NZ  . LYS A 1 71  ? 7.655   2.207   9.962   1.00 63.42  ? 71  LYS A NZ  1 
ATOM   555  N N   . ASP A 1 72  ? 8.978   8.234   8.480   1.00 39.47  ? 72  ASP A N   1 
ATOM   556  C CA  . ASP A 1 72  ? 10.250  8.889   8.204   1.00 38.85  ? 72  ASP A CA  1 
ATOM   557  C C   . ASP A 1 72  ? 10.125  9.539   6.831   1.00 38.59  ? 72  ASP A C   1 
ATOM   558  O O   . ASP A 1 72  ? 9.057   9.518   6.212   1.00 37.33  ? 72  ASP A O   1 
ATOM   559  C CB  . ASP A 1 72  ? 11.433  7.912   8.312   1.00 41.32  ? 72  ASP A CB  1 
ATOM   560  C CG  . ASP A 1 72  ? 11.420  6.814   7.249   1.00 48.07  ? 72  ASP A CG  1 
ATOM   561  O OD1 . ASP A 1 72  ? 10.819  6.998   6.173   1.00 39.78  ? 72  ASP A OD1 1 
ATOM   562  O OD2 . ASP A 1 72  ? 12.050  5.759   7.482   1.00 49.77  ? 72  ASP A OD2 1 
ATOM   563  N N   . ALA A 1 73  ? 11.225  10.106  6.340   1.00 37.54  ? 73  ALA A N   1 
ATOM   564  C CA  . ALA A 1 73  ? 11.161  10.862  5.096   1.00 36.74  ? 73  ALA A CA  1 
ATOM   565  C C   . ALA A 1 73  ? 10.654  10.014  3.939   1.00 35.04  ? 73  ALA A C   1 
ATOM   566  O O   . ALA A 1 73  ? 10.102  10.552  2.980   1.00 35.82  ? 73  ALA A O   1 
ATOM   567  C CB  . ALA A 1 73  ? 12.535  11.440  4.754   1.00 37.35  ? 73  ALA A CB  1 
ATOM   568  N N   . ASN A 1 74  ? 10.837  8.701   4.001   1.00 34.72  ? 74  ASN A N   1 
ATOM   569  C CA  . ASN A 1 74  ? 10.501  7.856   2.860   1.00 32.58  ? 74  ASN A CA  1 
ATOM   570  C C   . ASN A 1 74  ? 9.290   6.967   3.092   1.00 32.36  ? 74  ASN A C   1 
ATOM   571  O O   . ASN A 1 74  ? 8.987   6.151   2.228   1.00 31.28  ? 74  ASN A O   1 
ATOM   572  C CB  . ASN A 1 74  ? 11.691  6.968   2.490   1.00 29.99  ? 74  ASN A CB  1 
ATOM   573  C CG  . ASN A 1 74  ? 12.915  7.766   2.117   1.00 39.25  ? 74  ASN A CG  1 
ATOM   574  O OD1 . ASN A 1 74  ? 12.824  8.770   1.425   1.00 37.31  ? 74  ASN A OD1 1 
ATOM   575  N ND2 . ASN A 1 74  ? 14.072  7.314   2.576   1.00 40.23  ? 74  ASN A ND2 1 
ATOM   576  N N   . THR A 1 75  ? 8.607   7.085   4.228   1.00 31.88  ? 75  THR A N   1 
ATOM   577  C CA  . THR A 1 75  ? 7.615   6.100   4.655   1.00 30.07  ? 75  THR A CA  1 
ATOM   578  C C   . THR A 1 75  ? 6.374   6.822   5.143   1.00 33.90  ? 75  THR A C   1 
ATOM   579  O O   . THR A 1 75  ? 6.441   7.563   6.130   1.00 34.79  ? 75  THR A O   1 
ATOM   580  C CB  . THR A 1 75  ? 8.165   5.215   5.775   1.00 34.53  ? 75  THR A CB  1 
ATOM   581  O OG1 . THR A 1 75  ? 9.402   4.629   5.358   1.00 35.00  ? 75  THR A OG1 1 
ATOM   582  C CG2 . THR A 1 75  ? 7.180   4.106   6.123   1.00 37.07  ? 75  THR A CG2 1 
ATOM   583  N N   . ALA A 1 76  ? 5.247   6.592   4.470   1.00 30.67  ? 76  ALA A N   1 
ATOM   584  C CA  . ALA A 1 76  ? 3.972   7.185   4.840   1.00 29.53  ? 76  ALA A CA  1 
ATOM   585  C C   . ALA A 1 76  ? 3.087   6.118   5.457   1.00 30.40  ? 76  ALA A C   1 
ATOM   586  O O   . ALA A 1 76  ? 2.963   5.015   4.916   1.00 30.43  ? 76  ALA A O   1 
ATOM   587  C CB  . ALA A 1 76  ? 3.280   7.805   3.628   1.00 33.55  ? 76  ALA A CB  1 
ATOM   588  N N   . VAL A 1 77  ? 2.452   6.448   6.575   1.00 30.12  ? 77  VAL A N   1 
ATOM   589  C CA  . VAL A 1 77  ? 1.458   5.566   7.172   1.00 30.30  ? 77  VAL A CA  1 
ATOM   590  C C   . VAL A 1 77  ? 0.136   5.918   6.520   1.00 31.14  ? 77  VAL A C   1 
ATOM   591  O O   . VAL A 1 77  ? -0.374  7.025   6.700   1.00 35.13  ? 77  VAL A O   1 
ATOM   592  C CB  . VAL A 1 77  ? 1.386   5.727   8.693   1.00 32.26  ? 77  VAL A CB  1 
ATOM   593  C CG1 . VAL A 1 77  ? 0.311   4.804   9.248   1.00 33.76  ? 77  VAL A CG1 1 
ATOM   594  C CG2 . VAL A 1 77  ? 2.723   5.409   9.313   1.00 35.72  ? 77  VAL A CG2 1 
ATOM   595  N N   . VAL A 1 78  ? -0.411  4.991   5.737   1.00 28.79  ? 78  VAL A N   1 
ATOM   596  C CA  . VAL A 1 78  ? -1.575  5.291   4.911   1.00 29.34  ? 78  VAL A CA  1 
ATOM   597  C C   . VAL A 1 78  ? -2.831  4.613   5.397   1.00 34.14  ? 78  VAL A C   1 
ATOM   598  O O   . VAL A 1 78  ? -3.911  4.898   4.866   1.00 34.10  ? 78  VAL A O   1 
ATOM   599  C CB  . VAL A 1 78  ? -1.328  4.935   3.432   1.00 31.55  ? 78  VAL A CB  1 
ATOM   600  C CG1 . VAL A 1 78  ? -0.191  5.797   2.890   1.00 31.96  ? 78  VAL A CG1 1 
ATOM   601  C CG2 . VAL A 1 78  ? -0.978  3.453   3.273   1.00 31.84  ? 78  VAL A CG2 1 
ATOM   602  N N   . SER A 1 79  ? -2.737  3.718   6.363   1.00 31.66  ? 79  SER A N   1 
ATOM   603  C CA  . SER A 1 79  ? -3.955  3.178   6.939   1.00 33.21  ? 79  SER A CA  1 
ATOM   604  C C   . SER A 1 79  ? -3.632  2.653   8.315   1.00 34.50  ? 79  SER A C   1 
ATOM   605  O O   . SER A 1 79  ? -2.568  2.061   8.527   1.00 33.03  ? 79  SER A O   1 
ATOM   606  C CB  . SER A 1 79  ? -4.544  2.057   6.092   1.00 36.14  ? 79  SER A CB  1 
ATOM   607  O OG  . SER A 1 79  ? -5.685  1.532   6.756   1.00 35.76  ? 79  SER A OG  1 
ATOM   608  N N   . THR A 1 80  ? -4.557  2.864   9.249   1.00 36.86  ? 80  THR A N   1 
ATOM   609  C CA  . THR A 1 80  ? -4.427  2.245   10.560  1.00 38.50  ? 80  THR A CA  1 
ATOM   610  C C   . THR A 1 80  ? -5.642  1.390   10.897  1.00 40.53  ? 80  THR A C   1 
ATOM   611  O O   . THR A 1 80  ? -5.860  1.075   12.072  1.00 44.78  ? 80  THR A O   1 
ATOM   612  C CB  . THR A 1 80  ? -4.203  3.290   11.654  1.00 40.83  ? 80  THR A CB  1 
ATOM   613  O OG1 . THR A 1 80  ? -5.281  4.235   11.631  1.00 43.21  ? 80  THR A OG1 1 
ATOM   614  C CG2 . THR A 1 80  ? -2.872  4.005   11.451  1.00 46.89  ? 80  THR A CG2 1 
ATOM   615  N N   . SER A 1 81  ? -6.433  0.996   9.904   1.00 38.54  ? 81  SER A N   1 
ATOM   616  C CA  . SER A 1 81  ? -7.542  0.089   10.168  1.00 40.58  ? 81  SER A CA  1 
ATOM   617  C C   . SER A 1 81  ? -7.842  -0.693  8.905   1.00 44.81  ? 81  SER A C   1 
ATOM   618  O O   . SER A 1 81  ? -7.849  -0.126  7.805   1.00 42.22  ? 81  SER A O   1 
ATOM   619  C CB  . SER A 1 81  ? -8.789  0.852   10.640  1.00 48.22  ? 81  SER A CB  1 
ATOM   620  O OG  . SER A 1 81  ? -9.969  0.154   10.282  1.00 53.19  ? 81  SER A OG  1 
ATOM   621  N N   . SER A 1 82  ? -8.093  -1.994  9.066   1.00 42.77  ? 82  SER A N   1 
ATOM   622  C CA  . SER A 1 82  ? -8.488  -2.836  7.946   1.00 45.50  ? 82  SER A CA  1 
ATOM   623  C C   . SER A 1 82  ? -9.966  -3.197  8.010   1.00 55.86  ? 82  SER A C   1 
ATOM   624  O O   . SER A 1 82  ? -10.406 -4.118  7.315   1.00 54.36  ? 82  SER A O   1 
ATOM   625  C CB  . SER A 1 82  ? -7.629  -4.102  7.871   1.00 44.26  ? 82  SER A CB  1 
ATOM   626  O OG  . SER A 1 82  ? -7.776  -4.902  9.024   1.00 44.26  ? 82  SER A OG  1 
ATOM   627  N N   . GLU A 1 83  ? -10.738 -2.462  8.805   1.00 59.50  ? 83  GLU A N   1 
ATOM   628  C CA  . GLU A 1 83  ? -12.122 -2.817  9.081   1.00 60.74  ? 83  GLU A CA  1 
ATOM   629  C C   . GLU A 1 83  ? -12.979 -2.602  7.847   1.00 67.90  ? 83  GLU A C   1 
ATOM   630  O O   . GLU A 1 83  ? -13.082 -1.482  7.336   1.00 66.19  ? 83  GLU A O   1 
ATOM   631  C CB  . GLU A 1 83  ? -12.641 -1.992  10.253  1.00 61.48  ? 83  GLU A CB  1 
ATOM   632  C CG  . GLU A 1 83  ? -11.955 -2.328  11.566  1.00 64.11  ? 83  GLU A CG  1 
ATOM   633  C CD  . GLU A 1 83  ? -11.763 -3.827  11.751  1.00 69.21  ? 83  GLU A CD  1 
ATOM   634  O OE1 . GLU A 1 83  ? -12.766 -4.569  11.676  1.00 71.53  ? 83  GLU A OE1 1 
ATOM   635  O OE2 . GLU A 1 83  ? -10.608 -4.266  11.962  1.00 64.07  ? 83  GLU A OE2 1 
ATOM   636  N N   . ARG A 1 84  ? -13.581 -3.683  7.368   1.00 69.69  ? 84  ARG A N   1 
ATOM   637  C CA  . ARG A 1 84  ? -14.506 -3.665  6.248   1.00 73.39  ? 84  ARG A CA  1 
ATOM   638  C C   . ARG A 1 84  ? -15.870 -4.132  6.738   1.00 78.65  ? 84  ARG A C   1 
ATOM   639  O O   . ARG A 1 84  ? -15.981 -4.666  7.850   1.00 75.36  ? 84  ARG A O   1 
ATOM   640  C CB  . ARG A 1 84  ? -14.009 -4.568  5.118   1.00 74.94  ? 84  ARG A CB  1 
ATOM   641  C CG  . ARG A 1 84  ? -13.455 -3.835  3.910   1.00 80.24  ? 84  ARG A CG  1 
ATOM   642  C CD  . ARG A 1 84  ? -12.586 -4.760  3.068   1.00 85.76  ? 84  ARG A CD  1 
ATOM   643  N NE  . ARG A 1 84  ? -12.611 -4.406  1.649   1.00 103.34 ? 84  ARG A NE  1 
ATOM   644  C CZ  . ARG A 1 84  ? -11.527 -4.272  0.887   1.00 88.81  ? 84  ARG A CZ  1 
ATOM   645  N NH1 . ARG A 1 84  ? -10.321 -4.466  1.405   1.00 81.56  ? 84  ARG A NH1 1 
ATOM   646  N NH2 . ARG A 1 84  ? -11.650 -3.950  -0.396  1.00 77.28  ? 84  ARG A NH2 1 
ATOM   647  N N   . PRO A 1 85  ? -16.927 -3.943  5.960   1.00 80.66  ? 85  PRO A N   1 
ATOM   648  C CA  . PRO A 1 85  ? -18.198 -4.587  6.303   1.00 79.43  ? 85  PRO A CA  1 
ATOM   649  C C   . PRO A 1 85  ? -18.042 -6.100  6.339   1.00 76.67  ? 85  PRO A C   1 
ATOM   650  O O   . PRO A 1 85  ? -17.852 -6.737  5.297   1.00 77.67  ? 85  PRO A O   1 
ATOM   651  C CB  . PRO A 1 85  ? -19.144 -4.132  5.182   1.00 78.71  ? 85  PRO A CB  1 
ATOM   652  C CG  . PRO A 1 85  ? -18.239 -3.718  4.061   1.00 81.36  ? 85  PRO A CG  1 
ATOM   653  C CD  . PRO A 1 85  ? -17.026 -3.143  4.728   1.00 83.67  ? 85  PRO A CD  1 
ATOM   654  N N   . GLY A 1 86  ? -18.080 -6.678  7.536   1.00 75.06  ? 86  GLY A N   1 
ATOM   655  C CA  . GLY A 1 86  ? -18.042 -8.114  7.694   1.00 76.42  ? 86  GLY A CA  1 
ATOM   656  C C   . GLY A 1 86  ? -16.693 -8.721  8.009   1.00 79.24  ? 86  GLY A C   1 
ATOM   657  O O   . GLY A 1 86  ? -16.559 -9.949  7.940   1.00 79.34  ? 86  GLY A O   1 
ATOM   658  N N   . GLY A 1 87  ? -15.696 -7.915  8.348   1.00 78.68  ? 87  GLY A N   1 
ATOM   659  C CA  . GLY A 1 87  ? -14.401 -8.462  8.705   1.00 75.89  ? 87  GLY A CA  1 
ATOM   660  C C   . GLY A 1 87  ? -13.310 -7.420  8.537   1.00 68.72  ? 87  GLY A C   1 
ATOM   661  O O   . GLY A 1 87  ? -13.578 -6.221  8.488   1.00 67.13  ? 87  GLY A O   1 
ATOM   662  N N   . ASP A 1 88  ? -12.080 -7.914  8.452   1.00 62.95  ? 88  ASP A N   1 
ATOM   663  C CA  . ASP A 1 88  ? -10.920 -7.048  8.306   1.00 55.02  ? 88  ASP A CA  1 
ATOM   664  C C   . ASP A 1 88  ? -9.797  -7.857  7.662   1.00 58.35  ? 88  ASP A C   1 
ATOM   665  O O   . ASP A 1 88  ? -10.053 -8.884  7.015   1.00 58.09  ? 88  ASP A O   1 
ATOM   666  C CB  . ASP A 1 88  ? -10.524 -6.450  9.667   1.00 57.67  ? 88  ASP A CB  1 
ATOM   667  C CG  . ASP A 1 88  ? -10.201 -7.512  10.700  1.00 57.70  ? 88  ASP A CG  1 
ATOM   668  O OD1 . ASP A 1 88  ? -9.922  -8.666  10.306  1.00 53.00  ? 88  ASP A OD1 1 
ATOM   669  O OD2 . ASP A 1 88  ? -10.212 -7.186  11.908  1.00 54.73  ? 88  ASP A OD2 1 
ATOM   670  N N   . ALA A 1 89  ? -8.555  -7.408  7.849   1.00 52.81  ? 89  ALA A N   1 
ATOM   671  C CA  . ALA A 1 89  ? -7.412  -8.050  7.210   1.00 53.97  ? 89  ALA A CA  1 
ATOM   672  C C   . ALA A 1 89  ? -7.291  -9.525  7.570   1.00 56.24  ? 89  ALA A C   1 
ATOM   673  O O   . ALA A 1 89  ? -6.656  -10.281 6.826   1.00 55.78  ? 89  ALA A O   1 
ATOM   674  C CB  . ALA A 1 89  ? -6.122  -7.321  7.589   1.00 47.38  ? 89  ALA A CB  1 
ATOM   675  N N   . CYS A 1 90  ? -7.861  -9.944  8.701   1.00 55.71  ? 90  CYS A N   1 
ATOM   676  C CA  . CYS A 1 90  ? -7.845  -11.333 9.140   1.00 57.96  ? 90  CYS A CA  1 
ATOM   677  C C   . CYS A 1 90  ? -8.984  -12.145 8.552   1.00 59.50  ? 90  CYS A C   1 
ATOM   678  O O   . CYS A 1 90  ? -9.192  -13.291 8.964   1.00 62.48  ? 90  CYS A O   1 
ATOM   679  C CB  . CYS A 1 90  ? -7.911  -11.409 10.666  1.00 55.05  ? 90  CYS A CB  1 
ATOM   680  S SG  . CYS A 1 90  ? -6.519  -10.622 11.496  1.00 51.72  ? 90  CYS A SG  1 
ATOM   681  N N   . GLY A 1 91  ? -9.733  -11.571 7.617   1.00 61.99  ? 91  GLY A N   1 
ATOM   682  C CA  . GLY A 1 91  ? -10.860 -12.254 7.011   1.00 66.20  ? 91  GLY A CA  1 
ATOM   683  C C   . GLY A 1 91  ? -12.153 -12.024 7.771   1.00 70.77  ? 91  GLY A C   1 
ATOM   684  O O   . GLY A 1 91  ? -12.309 -11.074 8.541   1.00 69.11  ? 91  GLY A O   1 
ATOM   685  N N   . ASP A 1 92  ? -13.100 -12.928 7.541   1.00 78.38  ? 92  ASP A N   1 
ATOM   686  C CA  . ASP A 1 92  ? -14.333 -12.918 8.307   1.00 81.16  ? 92  ASP A CA  1 
ATOM   687  C C   . ASP A 1 92  ? -14.018 -13.026 9.794   1.00 81.34  ? 92  ASP A C   1 
ATOM   688  O O   . ASP A 1 92  ? -12.941 -13.469 10.202  1.00 80.93  ? 92  ASP A O   1 
ATOM   689  C CB  . ASP A 1 92  ? -15.241 -14.068 7.876   1.00 85.59  ? 92  ASP A CB  1 
ATOM   690  C CG  . ASP A 1 92  ? -15.671 -13.956 6.429   1.00 88.15  ? 92  ASP A CG  1 
ATOM   691  O OD1 . ASP A 1 92  ? -16.511 -13.079 6.129   1.00 87.31  ? 92  ASP A OD1 1 
ATOM   692  O OD2 . ASP A 1 92  ? -15.176 -14.749 5.598   1.00 86.02  ? 92  ASP A OD2 1 
ATOM   693  N N   . PHE A 1 93  ? -14.981 -12.615 10.614  1.00 80.62  ? 93  PHE A N   1 
ATOM   694  C CA  . PHE A 1 93  ? -14.890 -12.665 12.069  1.00 82.66  ? 93  PHE A CA  1 
ATOM   695  C C   . PHE A 1 93  ? -13.931 -11.616 12.625  1.00 78.49  ? 93  PHE A C   1 
ATOM   696  O O   . PHE A 1 93  ? -13.779 -11.524 13.850  1.00 74.73  ? 93  PHE A O   1 
ATOM   697  C CB  . PHE A 1 93  ? -14.458 -14.050 12.576  1.00 88.46  ? 93  PHE A CB  1 
ATOM   698  C CG  . PHE A 1 93  ? -15.443 -15.145 12.271  1.00 99.54  ? 93  PHE A CG  1 
ATOM   699  C CD1 . PHE A 1 93  ? -16.543 -15.365 13.088  1.00 109.45 ? 93  PHE A CD1 1 
ATOM   700  C CD2 . PHE A 1 93  ? -15.299 -15.917 11.130  1.00 99.45  ? 93  PHE A CD2 1 
ATOM   701  C CE1 . PHE A 1 93  ? -17.454 -16.363 12.793  1.00 116.79 ? 93  PHE A CE1 1 
ATOM   702  C CE2 . PHE A 1 93  ? -16.209 -16.915 10.828  1.00 105.99 ? 93  PHE A CE2 1 
ATOM   703  C CZ  . PHE A 1 93  ? -17.288 -17.138 11.663  1.00 117.57 ? 93  PHE A CZ  1 
ATOM   704  N N   . GLY A 1 94  ? -13.276 -10.831 11.775  1.00 71.74  ? 94  GLY A N   1 
ATOM   705  C CA  . GLY A 1 94  ? -12.391 -9.784  12.242  1.00 65.03  ? 94  GLY A CA  1 
ATOM   706  C C   . GLY A 1 94  ? -11.201 -10.334 13.007  1.00 62.28  ? 94  GLY A C   1 
ATOM   707  O O   . GLY A 1 94  ? -10.696 -11.430 12.740  1.00 58.13  ? 94  GLY A O   1 
ATOM   708  N N   . GLY A 1 95  ? -10.737 -9.549  13.971  1.00 56.66  ? 95  GLY A N   1 
ATOM   709  C CA  . GLY A 1 95  ? -9.625  -9.945  14.806  1.00 55.63  ? 95  GLY A CA  1 
ATOM   710  C C   . GLY A 1 95  ? -8.284  -9.342  14.451  1.00 51.41  ? 95  GLY A C   1 
ATOM   711  O O   . GLY A 1 95  ? -7.276  -9.740  15.044  1.00 49.50  ? 95  GLY A O   1 
ATOM   712  N N   . ALA A 1 96  ? -8.235  -8.398  13.510  1.00 50.24  ? 96  ALA A N   1 
ATOM   713  C CA  . ALA A 1 96  ? -6.979  -7.754  13.148  1.00 46.72  ? 96  ALA A CA  1 
ATOM   714  C C   . ALA A 1 96  ? -6.553  -6.800  14.252  1.00 43.48  ? 96  ALA A C   1 
ATOM   715  O O   . ALA A 1 96  ? -7.332  -5.947  14.688  1.00 47.35  ? 96  ALA A O   1 
ATOM   716  C CB  . ALA A 1 96  ? -7.117  -6.998  11.827  1.00 45.32  ? 96  ALA A CB  1 
ATOM   717  N N   . LEU A 1 97  ? -5.309  -6.918  14.683  1.00 44.89  ? 97  LEU A N   1 
ATOM   718  C CA  . LEU A 1 97  ? -4.819  -6.147  15.811  1.00 42.21  ? 97  LEU A CA  1 
ATOM   719  C C   . LEU A 1 97  ? -3.541  -5.421  15.415  1.00 42.06  ? 97  LEU A C   1 
ATOM   720  O O   . LEU A 1 97  ? -2.612  -6.028  14.875  1.00 41.04  ? 97  LEU A O   1 
ATOM   721  C CB  . LEU A 1 97  ? -4.649  -7.093  17.002  1.00 51.22  ? 97  LEU A CB  1 
ATOM   722  C CG  . LEU A 1 97  ? -4.156  -6.736  18.388  1.00 55.08  ? 97  LEU A CG  1 
ATOM   723  C CD1 . LEU A 1 97  ? -5.371  -6.207  19.128  1.00 53.91  ? 97  LEU A CD1 1 
ATOM   724  C CD2 . LEU A 1 97  ? -3.620  -8.027  19.059  1.00 54.18  ? 97  LEU A CD2 1 
ATOM   725  N N   . GLY A 1 98  ? -3.512  -4.115  15.663  1.00 41.16  ? 98  GLY A N   1 
ATOM   726  C CA  . GLY A 1 98  ? -2.349  -3.323  15.344  1.00 37.57  ? 98  GLY A CA  1 
ATOM   727  C C   . GLY A 1 98  ? -2.143  -3.110  13.863  1.00 34.80  ? 98  GLY A C   1 
ATOM   728  O O   . GLY A 1 98  ? -1.020  -2.829  13.442  1.00 35.72  ? 98  GLY A O   1 
ATOM   729  N N   . TYR A 1 99  ? -3.200  -3.230  13.068  1.00 35.51  ? 99  TYR A N   1 
ATOM   730  C CA  . TYR A 1 99  ? -3.051  -3.125  11.618  1.00 35.04  ? 99  TYR A CA  1 
ATOM   731  C C   . TYR A 1 99  ? -2.459  -1.782  11.209  1.00 35.53  ? 99  TYR A C   1 
ATOM   732  O O   . TYR A 1 99  ? -2.902  -0.718  11.652  1.00 38.79  ? 99  TYR A O   1 
ATOM   733  C CB  . TYR A 1 99  ? -4.396  -3.324  10.922  1.00 37.88  ? 99  TYR A CB  1 
ATOM   734  C CG  . TYR A 1 99  ? -4.320  -3.118  9.418   1.00 37.51  ? 99  TYR A CG  1 
ATOM   735  C CD1 . TYR A 1 99  ? -4.501  -1.858  8.861   1.00 36.54  ? 99  TYR A CD1 1 
ATOM   736  C CD2 . TYR A 1 99  ? -4.064  -4.179  8.565   1.00 35.81  ? 99  TYR A CD2 1 
ATOM   737  C CE1 . TYR A 1 99  ? -4.421  -1.660  7.490   1.00 34.48  ? 99  TYR A CE1 1 
ATOM   738  C CE2 . TYR A 1 99  ? -3.980  -3.988  7.179   1.00 33.85  ? 99  TYR A CE2 1 
ATOM   739  C CZ  . TYR A 1 99  ? -4.167  -2.732  6.663   1.00 36.33  ? 99  TYR A CZ  1 
ATOM   740  O OH  . TYR A 1 99  ? -4.088  -2.537  5.304   1.00 34.82  ? 99  TYR A OH  1 
ATOM   741  N N   . LYS A 1 100 ? -1.490  -1.835  10.304  1.00 34.41  ? 100 LYS A N   1 
ATOM   742  C CA  . LYS A 1 100 ? -0.865  -0.640  9.763   1.00 31.22  ? 100 LYS A CA  1 
ATOM   743  C C   . LYS A 1 100 ? -0.520  -0.928  8.315   1.00 34.45  ? 100 LYS A C   1 
ATOM   744  O O   . LYS A 1 100 ? 0.005   -2.003  8.019   1.00 33.56  ? 100 LYS A O   1 
ATOM   745  C CB  . LYS A 1 100 ? 0.394   -0.283  10.552  1.00 36.87  ? 100 LYS A CB  1 
ATOM   746  C CG  . LYS A 1 100 ? 0.997   1.051   10.189  1.00 44.24  ? 100 LYS A CG  1 
ATOM   747  C CD  . LYS A 1 100 ? 2.161   1.398   11.116  1.00 47.00  ? 100 LYS A CD  1 
ATOM   748  C CE  . LYS A 1 100 ? 3.297   0.390   11.002  1.00 51.01  ? 100 LYS A CE  1 
ATOM   749  N NZ  . LYS A 1 100 ? 4.613   0.986   11.399  1.00 59.83  ? 100 LYS A NZ  1 
ATOM   750  N N   . LYS A 1 101 ? -0.824  0.003   7.417   1.00 30.41  ? 101 LYS A N   1 
ATOM   751  C CA  . LYS A 1 101 ? -0.324  -0.076  6.044   1.00 29.14  ? 101 LYS A CA  1 
ATOM   752  C C   . LYS A 1 101 ? 0.598   1.103   5.806   1.00 30.35  ? 101 LYS A C   1 
ATOM   753  O O   . LYS A 1 101 ? 0.260   2.234   6.167   1.00 30.24  ? 101 LYS A O   1 
ATOM   754  C CB  . LYS A 1 101 ? -1.445  -0.061  5.011   1.00 29.70  ? 101 LYS A CB  1 
ATOM   755  C CG  . LYS A 1 101 ? -0.907  -0.124  3.591   1.00 28.83  ? 101 LYS A CG  1 
ATOM   756  C CD  . LYS A 1 101 ? -2.036  0.081   2.582   1.00 30.64  ? 101 LYS A CD  1 
ATOM   757  C CE  . LYS A 1 101 ? -2.767  -1.236  2.344   1.00 28.91  ? 101 LYS A CE  1 
ATOM   758  N NZ  . LYS A 1 101 ? -3.824  -1.104  1.289   1.00 32.24  ? 101 LYS A NZ  1 
ATOM   759  N N   . VAL A 1 102 ? 1.768   0.836   5.240   1.00 28.46  ? 102 VAL A N   1 
ATOM   760  C CA  . VAL A 1 102 ? 2.690   1.909   4.917   1.00 27.48  ? 102 VAL A CA  1 
ATOM   761  C C   . VAL A 1 102 ? 2.992   1.874   3.432   1.00 27.33  ? 102 VAL A C   1 
ATOM   762  O O   . VAL A 1 102 ? 2.954   0.820   2.780   1.00 30.17  ? 102 VAL A O   1 
ATOM   763  C CB  . VAL A 1 102 ? 4.014   1.864   5.718   1.00 30.46  ? 102 VAL A CB  1 
ATOM   764  C CG1 . VAL A 1 102 ? 3.725   1.967   7.224   1.00 31.81  ? 102 VAL A CG1 1 
ATOM   765  C CG2 . VAL A 1 102 ? 4.787   0.621   5.398   1.00 31.54  ? 102 VAL A CG2 1 
ATOM   766  N N   . LEU A 1 103 ? 3.348   3.038   2.916   1.00 27.04  ? 103 LEU A N   1 
ATOM   767  C CA  . LEU A 1 103 ? 3.809   3.216   1.548   1.00 26.73  ? 103 LEU A CA  1 
ATOM   768  C C   . LEU A 1 103 ? 5.237   3.723   1.649   1.00 28.15  ? 103 LEU A C   1 
ATOM   769  O O   . LEU A 1 103 ? 5.480   4.794   2.221   1.00 28.39  ? 103 LEU A O   1 
ATOM   770  C CB  . LEU A 1 103 ? 2.922   4.224   0.821   1.00 27.36  ? 103 LEU A CB  1 
ATOM   771  C CG  . LEU A 1 103 ? 3.389   4.706   -0.544  1.00 26.74  ? 103 LEU A CG  1 
ATOM   772  C CD1 . LEU A 1 103 ? 3.347   3.585   -1.552  1.00 29.14  ? 103 LEU A CD1 1 
ATOM   773  C CD2 . LEU A 1 103 ? 2.534   5.867   -0.990  1.00 31.87  ? 103 LEU A CD2 1 
ATOM   774  N N   . VAL A 1 104 ? 6.182   2.942   1.146   1.00 27.37  ? 104 VAL A N   1 
ATOM   775  C CA  . VAL A 1 104 ? 7.602   3.302   1.214   1.00 30.08  ? 104 VAL A CA  1 
ATOM   776  C C   . VAL A 1 104 ? 8.069   3.689   -0.175  1.00 29.21  ? 104 VAL A C   1 
ATOM   777  O O   . VAL A 1 104 ? 7.798   2.982   -1.151  1.00 30.90  ? 104 VAL A O   1 
ATOM   778  C CB  . VAL A 1 104 ? 8.457   2.154   1.768   1.00 31.86  ? 104 VAL A CB  1 
ATOM   779  C CG1 . VAL A 1 104 ? 9.949   2.586   1.891   1.00 30.42  ? 104 VAL A CG1 1 
ATOM   780  C CG2 . VAL A 1 104 ? 7.899   1.686   3.090   1.00 36.46  ? 104 VAL A CG2 1 
ATOM   781  N N   . LEU A 1 105 ? 8.773   4.809   -0.263  1.00 28.20  ? 105 LEU A N   1 
ATOM   782  C CA  . LEU A 1 105 ? 9.245   5.348   -1.526  1.00 28.07  ? 105 LEU A CA  1 
ATOM   783  C C   . LEU A 1 105 ? 10.708  5.713   -1.349  1.00 31.18  ? 105 LEU A C   1 
ATOM   784  O O   . LEU A 1 105 ? 11.023  6.716   -0.698  1.00 30.59  ? 105 LEU A O   1 
ATOM   785  C CB  . LEU A 1 105 ? 8.410   6.561   -1.924  1.00 32.21  ? 105 LEU A CB  1 
ATOM   786  C CG  . LEU A 1 105 ? 8.856   7.463   -3.045  1.00 37.67  ? 105 LEU A CG  1 
ATOM   787  C CD1 . LEU A 1 105 ? 8.958   6.657   -4.323  1.00 37.77  ? 105 LEU A CD1 1 
ATOM   788  C CD2 . LEU A 1 105 ? 7.830   8.582   -3.151  1.00 41.50  ? 105 LEU A CD2 1 
ATOM   789  N N   . LYS A 1 106 ? 11.589  4.904   -1.925  1.00 27.73  ? 106 LYS A N   1 
ATOM   790  C CA  . LYS A 1 106 ? 13.020  5.169   -1.819  1.00 29.15  ? 106 LYS A CA  1 
ATOM   791  C C   . LYS A 1 106 ? 13.721  4.322   -2.858  1.00 29.08  ? 106 LYS A C   1 
ATOM   792  O O   . LYS A 1 106 ? 13.237  3.261   -3.226  1.00 28.58  ? 106 LYS A O   1 
ATOM   793  C CB  . LYS A 1 106 ? 13.552  4.851   -0.412  1.00 33.81  ? 106 LYS A CB  1 
ATOM   794  C CG  . LYS A 1 106 ? 13.424  3.415   -0.002  1.00 31.96  ? 106 LYS A CG  1 
ATOM   795  C CD  . LYS A 1 106 ? 14.053  3.224   1.390   1.00 38.97  ? 106 LYS A CD  1 
ATOM   796  C CE  . LYS A 1 106 ? 14.077  1.773   1.821   1.00 46.43  ? 106 LYS A CE  1 
ATOM   797  N NZ  . LYS A 1 106 ? 14.658  1.685   3.185   1.00 46.76  ? 106 LYS A NZ  1 
ATOM   798  N N   . ASP A 1 107 ? 14.873  4.792   -3.328  1.00 27.03  ? 107 ASP A N   1 
ATOM   799  C CA  . ASP A 1 107 ? 15.688  3.979   -4.228  1.00 30.85  ? 107 ASP A CA  1 
ATOM   800  C C   . ASP A 1 107 ? 14.943  3.608   -5.504  1.00 31.56  ? 107 ASP A C   1 
ATOM   801  O O   . ASP A 1 107 ? 15.176  2.545   -6.080  1.00 30.63  ? 107 ASP A O   1 
ATOM   802  C CB  . ASP A 1 107 ? 16.201  2.726   -3.515  1.00 29.48  ? 107 ASP A CB  1 
ATOM   803  C CG  . ASP A 1 107 ? 17.140  3.080   -2.368  1.00 30.64  ? 107 ASP A CG  1 
ATOM   804  O OD1 . ASP A 1 107 ? 18.118  3.772   -2.671  1.00 30.82  ? 107 ASP A OD1 1 
ATOM   805  O OD2 . ASP A 1 107 ? 16.871  2.733   -1.208  1.00 31.39  ? 107 ASP A OD2 1 
ATOM   806  N N   . ASN A 1 108 ? 14.022  4.481   -5.921  1.00 31.91  ? 108 ASN A N   1 
ATOM   807  C CA  . ASN A 1 108 ? 13.167  4.249   -7.088  1.00 32.49  ? 108 ASN A CA  1 
ATOM   808  C C   . ASN A 1 108 ? 12.357  2.971   -6.945  1.00 32.45  ? 108 ASN A C   1 
ATOM   809  O O   . ASN A 1 108 ? 11.985  2.336   -7.947  1.00 33.18  ? 108 ASN A O   1 
ATOM   810  C CB  . ASN A 1 108 ? 13.974  4.220   -8.388  1.00 32.98  ? 108 ASN A CB  1 
ATOM   811  C CG  . ASN A 1 108 ? 14.485  5.593   -8.785  1.00 37.12  ? 108 ASN A CG  1 
ATOM   812  O OD1 . ASN A 1 108 ? 13.910  6.617   -8.417  1.00 38.68  ? 108 ASN A OD1 1 
ATOM   813  N ND2 . ASN A 1 108 ? 15.565  5.618   -9.556  1.00 40.79  ? 108 ASN A ND2 1 
ATOM   814  N N   . GLN A 1 109 ? 12.085  2.583   -5.705  1.00 28.07  ? 109 GLN A N   1 
ATOM   815  C CA  . GLN A 1 109 ? 11.207  1.472   -5.395  1.00 28.99  ? 109 GLN A CA  1 
ATOM   816  C C   . GLN A 1 109 ? 9.977   2.002   -4.682  1.00 28.63  ? 109 GLN A C   1 
ATOM   817  O O   . GLN A 1 109 ? 10.049  2.952   -3.894  1.00 31.55  ? 109 GLN A O   1 
ATOM   818  C CB  . GLN A 1 109 ? 11.876  0.437   -4.490  1.00 34.18  ? 109 GLN A CB  1 
ATOM   819  C CG  . GLN A 1 109 ? 13.104  -0.208  -5.067  1.00 34.71  ? 109 GLN A CG  1 
ATOM   820  C CD  . GLN A 1 109 ? 13.647  -1.286  -4.149  1.00 34.20  ? 109 GLN A CD  1 
ATOM   821  O OE1 . GLN A 1 109 ? 13.268  -1.372  -2.980  1.00 38.37  ? 109 GLN A OE1 1 
ATOM   822  N NE2 . GLN A 1 109 ? 14.543  -2.115  -4.678  1.00 39.28  ? 109 GLN A NE2 1 
ATOM   823  N N   . VAL A 1 110 ? 8.850   1.372   -4.956  1.00 27.52  ? 110 VAL A N   1 
ATOM   824  C CA  . VAL A 1 110 ? 7.624   1.610   -4.213  1.00 27.63  ? 110 VAL A CA  1 
ATOM   825  C C   . VAL A 1 110 ? 7.267   0.328   -3.499  1.00 28.25  ? 110 VAL A C   1 
ATOM   826  O O   . VAL A 1 110 ? 7.200   -0.738  -4.120  1.00 29.34  ? 110 VAL A O   1 
ATOM   827  C CB  . VAL A 1 110 ? 6.488   2.062   -5.144  1.00 28.28  ? 110 VAL A CB  1 
ATOM   828  C CG1 . VAL A 1 110 ? 5.166   2.131   -4.359  1.00 31.23  ? 110 VAL A CG1 1 
ATOM   829  C CG2 . VAL A 1 110 ? 6.834   3.404   -5.725  1.00 30.95  ? 110 VAL A CG2 1 
ATOM   830  N N   . THR A 1 111 ? 7.061   0.418   -2.194  1.00 27.91  ? 111 THR A N   1 
ATOM   831  C CA  . THR A 1 111 ? 6.625   -0.727  -1.409  1.00 25.67  ? 111 THR A CA  1 
ATOM   832  C C   . THR A 1 111 ? 5.330   -0.371  -0.717  1.00 28.23  ? 111 THR A C   1 
ATOM   833  O O   . THR A 1 111 ? 5.217   0.709   -0.138  1.00 28.31  ? 111 THR A O   1 
ATOM   834  C CB  . THR A 1 111 ? 7.667   -1.112  -0.352  1.00 27.74  ? 111 THR A CB  1 
ATOM   835  O OG1 . THR A 1 111 ? 8.862   -1.512  -1.016  1.00 31.86  ? 111 THR A OG1 1 
ATOM   836  C CG2 . THR A 1 111 ? 7.154   -2.233  0.542   1.00 30.29  ? 111 THR A CG2 1 
ATOM   837  N N   . ILE A 1 112 ? 4.361   -1.278  -0.762  1.00 26.40  ? 112 ILE A N   1 
ATOM   838  C CA  . ILE A 1 112 ? 3.182   -1.205  0.085   1.00 27.57  ? 112 ILE A CA  1 
ATOM   839  C C   . ILE A 1 112 ? 3.237   -2.378  1.044   1.00 31.03  ? 112 ILE A C   1 
ATOM   840  O O   . ILE A 1 112 ? 3.400   -3.526  0.616   1.00 29.80  ? 112 ILE A O   1 
ATOM   841  C CB  . ILE A 1 112 ? 1.899   -1.193  -0.758  1.00 29.49  ? 112 ILE A CB  1 
ATOM   842  C CG1 . ILE A 1 112 ? 1.921   0.112   -1.581  1.00 31.51  ? 112 ILE A CG1 1 
ATOM   843  C CG2 . ILE A 1 112 ? 0.649   -1.331  0.164   1.00 30.81  ? 112 ILE A CG2 1 
ATOM   844  C CD1 . ILE A 1 112 ? 0.865   0.249   -2.655  1.00 34.60  ? 112 ILE A CD1 1 
ATOM   845  N N   . ARG A 1 113 ? 3.230   -2.064  2.335   1.00 28.48  ? 113 ARG A N   1 
ATOM   846  C CA  . ARG A 1 113 ? 3.406   -3.125  3.350   1.00 30.27  ? 113 ARG A CA  1 
ATOM   847  C C   . ARG A 1 113 ? 2.323   -3.034  4.421   1.00 29.58  ? 113 ARG A C   1 
ATOM   848  O O   . ARG A 1 113 ? 2.107   -1.950  4.976   1.00 30.44  ? 113 ARG A O   1 
ATOM   849  C CB  . ARG A 1 113 ? 4.808   -3.015  3.956   1.00 32.57  ? 113 ARG A CB  1 
ATOM   850  C CG  . ARG A 1 113 ? 5.024   -3.841  5.213   1.00 34.36  ? 113 ARG A CG  1 
ATOM   851  C CD  . ARG A 1 113 ? 6.358   -3.493  5.841   1.00 44.23  ? 113 ARG A CD  1 
ATOM   852  N NE  . ARG A 1 113 ? 6.996   -4.647  6.450   1.00 57.93  ? 113 ARG A NE  1 
ATOM   853  C CZ  . ARG A 1 113 ? 8.071   -4.588  7.225   1.00 62.47  ? 113 ARG A CZ  1 
ATOM   854  N NH1 . ARG A 1 113 ? 8.633   -3.419  7.487   1.00 63.82  ? 113 ARG A NH1 1 
ATOM   855  N NH2 . ARG A 1 113 ? 8.581   -5.695  7.734   1.00 63.60  ? 113 ARG A NH2 1 
ATOM   856  N N   . GLU A 1 114 ? 1.671   -4.166  4.660   1.00 28.56  ? 114 GLU A N   1 
ATOM   857  C CA  . GLU A 1 114 ? 0.648   -4.306  5.686   1.00 31.40  ? 114 GLU A CA  1 
ATOM   858  C C   . GLU A 1 114 ? 1.172   -5.209  6.787   1.00 32.52  ? 114 GLU A C   1 
ATOM   859  O O   . GLU A 1 114 ? 1.680   -6.300  6.512   1.00 32.80  ? 114 GLU A O   1 
ATOM   860  C CB  . GLU A 1 114 ? -0.642  -4.888  5.119   1.00 34.47  ? 114 GLU A CB  1 
ATOM   861  C CG  . GLU A 1 114 ? -1.244  -3.998  4.076   1.00 33.44  ? 114 GLU A CG  1 
ATOM   862  C CD  . GLU A 1 114 ? -2.355  -4.674  3.347   1.00 37.93  ? 114 GLU A CD  1 
ATOM   863  O OE1 . GLU A 1 114 ? -2.057  -5.338  2.328   1.00 38.92  ? 114 GLU A OE1 1 
ATOM   864  O OE2 . GLU A 1 114 ? -3.511  -4.519  3.794   1.00 37.64  ? 114 GLU A OE2 1 
ATOM   865  N N   . THR A 1 115 ? 1.025   -4.762  8.024   1.00 32.99  ? 115 THR A N   1 
ATOM   866  C CA  . THR A 1 115 ? 1.450   -5.541  9.179   1.00 38.02  ? 115 THR A CA  1 
ATOM   867  C C   . THR A 1 115 ? 0.301   -5.579  10.168  1.00 40.11  ? 115 THR A C   1 
ATOM   868  O O   . THR A 1 115 ? -0.403  -4.581  10.344  1.00 36.05  ? 115 THR A O   1 
ATOM   869  C CB  . THR A 1 115 ? 2.698   -4.956  9.836   1.00 38.25  ? 115 THR A CB  1 
ATOM   870  O OG1 . THR A 1 115 ? 2.500   -3.554  10.091  1.00 37.35  ? 115 THR A OG1 1 
ATOM   871  C CG2 . THR A 1 115 ? 3.925   -5.158  8.947   1.00 36.63  ? 115 THR A CG2 1 
ATOM   872  N N   . PHE A 1 116 ? 0.076   -6.740  10.777  1.00 38.33  ? 116 PHE A N   1 
ATOM   873  C CA  . PHE A 1 116 ? -1.012  -6.883  11.738  1.00 37.10  ? 116 PHE A CA  1 
ATOM   874  C C   . PHE A 1 116 ? -0.888  -8.250  12.386  1.00 41.93  ? 116 PHE A C   1 
ATOM   875  O O   . PHE A 1 116 ? -0.165  -9.127  11.908  1.00 40.64  ? 116 PHE A O   1 
ATOM   876  C CB  . PHE A 1 116 ? -2.392  -6.725  11.094  1.00 39.32  ? 116 PHE A CB  1 
ATOM   877  C CG  . PHE A 1 116 ? -2.612  -7.617  9.903   1.00 41.21  ? 116 PHE A CG  1 
ATOM   878  C CD1 . PHE A 1 116 ? -2.133  -7.265  8.650   1.00 39.39  ? 116 PHE A CD1 1 
ATOM   879  C CD2 . PHE A 1 116 ? -3.277  -8.820  10.046  1.00 41.07  ? 116 PHE A CD2 1 
ATOM   880  C CE1 . PHE A 1 116 ? -2.337  -8.095  7.554   1.00 42.58  ? 116 PHE A CE1 1 
ATOM   881  C CE2 . PHE A 1 116 ? -3.484  -9.651  8.960   1.00 47.85  ? 116 PHE A CE2 1 
ATOM   882  C CZ  . PHE A 1 116 ? -3.010  -9.290  7.713   1.00 45.88  ? 116 PHE A CZ  1 
ATOM   883  N N   . ARG A 1 117 ? -1.598  -8.411  13.493  1.00 41.26  ? 117 ARG A N   1 
ATOM   884  C CA  . ARG A 1 117 ? -1.738  -9.693  14.156  1.00 47.82  ? 117 ARG A CA  1 
ATOM   885  C C   . ARG A 1 117 ? -3.199  -10.103 14.100  1.00 44.73  ? 117 ARG A C   1 
ATOM   886  O O   . ARG A 1 117 ? -4.092  -9.259  13.967  1.00 45.63  ? 117 ARG A O   1 
ATOM   887  C CB  . ARG A 1 117 ? -1.257  -9.623  15.606  1.00 44.93  ? 117 ARG A CB  1 
ATOM   888  C CG  . ARG A 1 117 ? 0.237   -9.515  15.729  1.00 47.17  ? 117 ARG A CG  1 
ATOM   889  C CD  . ARG A 1 117 ? 0.664   -9.613  17.176  1.00 50.22  ? 117 ARG A CD  1 
ATOM   890  N NE  . ARG A 1 117 ? 2.095   -9.393  17.326  1.00 53.35  ? 117 ARG A NE  1 
ATOM   891  C CZ  . ARG A 1 117 ? 2.989   -10.373 17.382  1.00 53.99  ? 117 ARG A CZ  1 
ATOM   892  N NH1 . ARG A 1 117 ? 2.597   -11.639 17.292  1.00 55.04  ? 117 ARG A NH1 1 
ATOM   893  N NH2 . ARG A 1 117 ? 4.274   -10.088 17.524  1.00 54.11  ? 117 ARG A NH2 1 
ATOM   894  N N   . CYS A 1 118 ? -3.451  -11.407 14.179  1.00 50.02  ? 118 CYS A N   1 
ATOM   895  C CA  . CYS A 1 118 ? -4.810  -11.926 14.069  1.00 50.69  ? 118 CYS A CA  1 
ATOM   896  C C   . CYS A 1 118 ? -5.180  -12.614 15.378  1.00 53.03  ? 118 CYS A C   1 
ATOM   897  O O   . CYS A 1 118 ? -4.604  -13.647 15.733  1.00 56.38  ? 118 CYS A O   1 
ATOM   898  C CB  . CYS A 1 118 ? -4.947  -12.858 12.866  1.00 54.87  ? 118 CYS A CB  1 
ATOM   899  S SG  . CYS A 1 118 ? -4.996  -11.952 11.271  1.00 51.05  ? 118 CYS A SG  1 
ATOM   900  N N   . VAL A 1 119 ? -6.144  -12.026 16.085  1.00 50.94  ? 119 VAL A N   1 
ATOM   901  C CA  . VAL A 1 119 ? -6.517  -12.492 17.421  1.00 57.53  ? 119 VAL A CA  1 
ATOM   902  C C   . VAL A 1 119 ? -7.072  -13.909 17.361  1.00 61.06  ? 119 VAL A C   1 
ATOM   903  O O   . VAL A 1 119 ? -6.536  -14.833 17.984  1.00 62.77  ? 119 VAL A O   1 
ATOM   904  C CB  . VAL A 1 119 ? -7.534  -11.526 18.052  1.00 55.21  ? 119 VAL A CB  1 
ATOM   905  C CG1 . VAL A 1 119 ? -8.333  -12.227 19.146  1.00 60.56  ? 119 VAL A CG1 1 
ATOM   906  C CG2 . VAL A 1 119 ? -6.831  -10.284 18.588  1.00 56.34  ? 119 VAL A CG2 1 
ATOM   907  N N   . MET A 1 120 ? -8.154  -14.099 16.607  1.00 63.02  ? 120 MET A N   1 
ATOM   908  C CA  . MET A 1 120 ? -8.837  -15.385 16.516  1.00 65.39  ? 120 MET A CA  1 
ATOM   909  C C   . MET A 1 120 ? -7.979  -16.421 15.795  1.00 64.59  ? 120 MET A C   1 
ATOM   910  O O   . MET A 1 120 ? -8.505  -17.377 15.215  1.00 69.83  ? 120 MET A O   1 
ATOM   911  C CB  . MET A 1 120 ? -10.181 -15.203 15.805  1.00 67.03  ? 120 MET A CB  1 
ATOM   912  C CG  . MET A 1 120 ? -11.196 -14.421 16.642  1.00 72.40  ? 120 MET A CG  1 
ATOM   913  S SD  . MET A 1 120 ? -12.738 -14.033 15.792  1.00 95.08  ? 120 MET A SD  1 
ATOM   914  C CE  . MET A 1 120 ? -13.078 -12.394 16.434  1.00 82.43  ? 120 MET A CE  1 
ATOM   915  N N   . ASP A 1 121 ? -6.659  -16.229 15.807  1.00 61.50  ? 121 ASP A N   1 
ATOM   916  C CA  . ASP A 1 121 ? -5.729  -17.199 15.243  1.00 64.36  ? 121 ASP A CA  1 
ATOM   917  C C   . ASP A 1 121 ? -4.392  -17.119 15.971  1.00 61.12  ? 121 ASP A C   1 
ATOM   918  O O   . ASP A 1 121 ? -3.330  -17.069 15.343  1.00 58.83  ? 121 ASP A O   1 
ATOM   919  C CB  . ASP A 1 121 ? -5.546  -16.978 13.736  1.00 70.55  ? 121 ASP A CB  1 
ATOM   920  C CG  . ASP A 1 121 ? -6.774  -17.367 12.939  1.00 79.88  ? 121 ASP A CG  1 
ATOM   921  O OD1 . ASP A 1 121 ? -7.643  -18.063 13.504  1.00 79.45  ? 121 ASP A OD1 1 
ATOM   922  O OD2 . ASP A 1 121 ? -6.874  -16.967 11.759  1.00 78.97  ? 121 ASP A OD2 1 
ATOM   923  N N   . GLY A 1 122 ? -4.441  -17.073 17.301  1.00 60.44  ? 122 GLY A N   1 
ATOM   924  C CA  . GLY A 1 122 ? -3.235  -17.130 18.100  1.00 59.50  ? 122 GLY A CA  1 
ATOM   925  C C   . GLY A 1 122 ? -2.340  -15.917 18.021  1.00 60.70  ? 122 GLY A C   1 
ATOM   926  O O   . GLY A 1 122 ? -1.153  -16.022 18.341  1.00 57.35  ? 122 GLY A O   1 
ATOM   927  N N   . PHE A 1 123 ? -2.872  -14.765 17.610  1.00 58.80  ? 123 PHE A N   1 
ATOM   928  C CA  . PHE A 1 123 ? -2.089  -13.531 17.499  1.00 56.57  ? 123 PHE A CA  1 
ATOM   929  C C   . PHE A 1 123 ? -0.940  -13.681 16.503  1.00 56.06  ? 123 PHE A C   1 
ATOM   930  O O   . PHE A 1 123 ? 0.096   -13.015 16.621  1.00 54.92  ? 123 PHE A O   1 
ATOM   931  C CB  . PHE A 1 123 ? -1.568  -13.081 18.868  1.00 60.09  ? 123 PHE A CB  1 
ATOM   932  C CG  . PHE A 1 123 ? -2.647  -12.957 19.904  1.00 60.10  ? 123 PHE A CG  1 
ATOM   933  C CD1 . PHE A 1 123 ? -3.599  -11.955 19.817  1.00 60.03  ? 123 PHE A CD1 1 
ATOM   934  C CD2 . PHE A 1 123 ? -2.729  -13.863 20.948  1.00 62.92  ? 123 PHE A CD2 1 
ATOM   935  C CE1 . PHE A 1 123 ? -4.603  -11.847 20.757  1.00 59.89  ? 123 PHE A CE1 1 
ATOM   936  C CE2 . PHE A 1 123 ? -3.730  -13.759 21.895  1.00 62.15  ? 123 PHE A CE2 1 
ATOM   937  C CZ  . PHE A 1 123 ? -4.671  -12.752 21.797  1.00 59.06  ? 123 PHE A CZ  1 
ATOM   938  N N   . LYS A 1 124 ? -1.123  -14.566 15.523  1.00 58.25  ? 124 LYS A N   1 
ATOM   939  C CA  . LYS A 1 124 ? -0.151  -14.735 14.452  1.00 56.85  ? 124 LYS A CA  1 
ATOM   940  C C   . LYS A 1 124 ? 0.143   -13.393 13.796  1.00 53.50  ? 124 LYS A C   1 
ATOM   941  O O   . LYS A 1 124 ? -0.766  -12.599 13.543  1.00 51.46  ? 124 LYS A O   1 
ATOM   942  C CB  . LYS A 1 124 ? -0.685  -15.727 13.416  1.00 58.93  ? 124 LYS A CB  1 
ATOM   943  C CG  . LYS A 1 124 ? 0.358   -16.252 12.437  1.00 64.34  ? 124 LYS A CG  1 
ATOM   944  C CD  . LYS A 1 124 ? -0.217  -17.362 11.561  1.00 69.26  ? 124 LYS A CD  1 
ATOM   945  C CE  . LYS A 1 124 ? -0.496  -18.626 12.367  1.00 77.50  ? 124 LYS A CE  1 
ATOM   946  N NZ  . LYS A 1 124 ? -1.589  -19.454 11.772  1.00 76.32  ? 124 LYS A NZ  1 
ATOM   947  N N   . LYS A 1 125 ? 1.421   -13.141 13.531  1.00 55.76  ? 125 LYS A N   1 
ATOM   948  C CA  . LYS A 1 125 ? 1.848   -11.899 12.905  1.00 52.89  ? 125 LYS A CA  1 
ATOM   949  C C   . LYS A 1 125 ? 1.890   -12.064 11.390  1.00 55.24  ? 125 LYS A C   1 
ATOM   950  O O   . LYS A 1 125 ? 2.390   -13.073 10.880  1.00 51.87  ? 125 LYS A O   1 
ATOM   951  C CB  . LYS A 1 125 ? 3.221   -11.477 13.429  1.00 56.16  ? 125 LYS A CB  1 
ATOM   952  C CG  . LYS A 1 125 ? 3.684   -10.144 12.885  1.00 60.03  ? 125 LYS A CG  1 
ATOM   953  C CD  . LYS A 1 125 ? 4.815   -9.552  13.704  1.00 67.92  ? 125 LYS A CD  1 
ATOM   954  C CE  . LYS A 1 125 ? 5.061   -8.112  13.289  1.00 69.51  ? 125 LYS A CE  1 
ATOM   955  N NZ  . LYS A 1 125 ? 4.082   -7.674  12.249  1.00 61.53  ? 125 LYS A NZ  1 
ATOM   956  N N   . TYR A 1 126 ? 1.359   -11.075 10.677  1.00 48.46  ? 126 TYR A N   1 
ATOM   957  C CA  . TYR A 1 126 ? 1.403   -11.032 9.223   1.00 44.90  ? 126 TYR A CA  1 
ATOM   958  C C   . TYR A 1 126 ? 2.190   -9.803  8.784   1.00 45.90  ? 126 TYR A C   1 
ATOM   959  O O   . TYR A 1 126 ? 2.103   -8.739  9.404   1.00 42.17  ? 126 TYR A O   1 
ATOM   960  C CB  . TYR A 1 126 ? -0.004  -11.015 8.632   1.00 44.17  ? 126 TYR A CB  1 
ATOM   961  C CG  . TYR A 1 126 ? -0.753  -12.314 8.846   1.00 50.70  ? 126 TYR A CG  1 
ATOM   962  C CD1 . TYR A 1 126 ? -1.336  -12.614 10.072  1.00 53.62  ? 126 TYR A CD1 1 
ATOM   963  C CD2 . TYR A 1 126 ? -0.858  -13.254 7.824   1.00 56.43  ? 126 TYR A CD2 1 
ATOM   964  C CE1 . TYR A 1 126 ? -2.016  -13.810 10.268  1.00 56.32  ? 126 TYR A CE1 1 
ATOM   965  C CE2 . TYR A 1 126 ? -1.536  -14.451 8.013   1.00 58.39  ? 126 TYR A CE2 1 
ATOM   966  C CZ  . TYR A 1 126 ? -2.110  -14.723 9.233   1.00 60.99  ? 126 TYR A CZ  1 
ATOM   967  O OH  . TYR A 1 126 ? -2.781  -15.910 9.416   1.00 64.58  ? 126 TYR A OH  1 
ATOM   968  N N   . ASP A 1 127 ? 2.989   -9.964  7.735   1.00 41.81  ? 127 ASP A N   1 
ATOM   969  C CA  . ASP A 1 127 ? 3.824   -8.884  7.205   1.00 39.94  ? 127 ASP A CA  1 
ATOM   970  C C   . ASP A 1 127 ? 3.728   -9.179  5.714   1.00 43.82  ? 127 ASP A C   1 
ATOM   971  O O   . ASP A 1 127 ? 4.416   -10.065 5.199   1.00 45.68  ? 127 ASP A O   1 
ATOM   972  C CB  . ASP A 1 127 ? 5.233   -8.922  7.779   1.00 45.09  ? 127 ASP A CB  1 
ATOM   973  C CG  . ASP A 1 127 ? 6.061   -7.710  7.399   1.00 46.63  ? 127 ASP A CG  1 
ATOM   974  O OD1 . ASP A 1 127 ? 5.821   -7.112  6.326   1.00 44.03  ? 127 ASP A OD1 1 
ATOM   975  O OD2 . ASP A 1 127 ? 6.966   -7.350  8.185   1.00 51.78  ? 127 ASP A OD2 1 
ATOM   976  N N   . LEU A 1 128 ? 2.854   -8.450  5.034   1.00 37.83  ? 128 LEU A N   1 
ATOM   977  C CA  . LEU A 1 128 ? 2.566   -8.705  3.629   1.00 38.97  ? 128 LEU A CA  1 
ATOM   978  C C   . LEU A 1 128 ? 2.913   -7.454  2.844   1.00 34.56  ? 128 LEU A C   1 
ATOM   979  O O   . LEU A 1 128 ? 2.270   -6.416  3.020   1.00 33.85  ? 128 LEU A O   1 
ATOM   980  C CB  . LEU A 1 128 ? 1.102   -9.074  3.442   1.00 38.78  ? 128 LEU A CB  1 
ATOM   981  C CG  . LEU A 1 128 ? 0.560   -10.098 4.435   1.00 43.10  ? 128 LEU A CG  1 
ATOM   982  C CD1 . LEU A 1 128 ? -0.938  -10.224 4.297   1.00 45.04  ? 128 LEU A CD1 1 
ATOM   983  C CD2 . LEU A 1 128 ? 1.237   -11.432 4.206   1.00 44.01  ? 128 LEU A CD2 1 
ATOM   984  N N   . SER A 1 129 ? 3.920   -7.547  1.985   1.00 33.67  ? 129 SER A N   1 
ATOM   985  C CA  . SER A 1 129 ? 4.362   -6.383  1.243   1.00 31.56  ? 129 SER A CA  1 
ATOM   986  C C   . SER A 1 129 ? 4.583   -6.756  -0.207  1.00 33.57  ? 129 SER A C   1 
ATOM   987  O O   . SER A 1 129 ? 4.792   -7.922  -0.545  1.00 34.27  ? 129 SER A O   1 
ATOM   988  C CB  . SER A 1 129 ? 5.656   -5.795  1.800   1.00 36.57  ? 129 SER A CB  1 
ATOM   989  O OG  . SER A 1 129 ? 6.688   -6.747  1.695   1.00 38.40  ? 129 SER A OG  1 
ATOM   990  N N   . THR A 1 130 ? 4.509   -5.747  -1.058  1.00 28.25  ? 130 THR A N   1 
ATOM   991  C CA  . THR A 1 130 ? 4.901   -5.857  -2.455  1.00 26.75  ? 130 THR A CA  1 
ATOM   992  C C   . THR A 1 130 ? 5.814   -4.696  -2.766  1.00 28.67  ? 130 THR A C   1 
ATOM   993  O O   . THR A 1 130 ? 5.521   -3.557  -2.393  1.00 28.72  ? 130 THR A O   1 
ATOM   994  C CB  . THR A 1 130 ? 3.691   -5.829  -3.386  1.00 26.63  ? 130 THR A CB  1 
ATOM   995  O OG1 . THR A 1 130 ? 2.825   -6.894  -3.028  1.00 29.54  ? 130 THR A OG1 1 
ATOM   996  C CG2 . THR A 1 130 ? 4.134   -5.998  -4.842  1.00 28.00  ? 130 THR A CG2 1 
ATOM   997  N N   . THR A 1 131 ? 6.940   -4.983  -3.406  1.00 27.57  ? 131 THR A N   1 
ATOM   998  C CA  . THR A 1 131 ? 7.907   -3.952  -3.752  1.00 26.36  ? 131 THR A CA  1 
ATOM   999  C C   . THR A 1 131 ? 8.130   -3.964  -5.250  1.00 30.35  ? 131 THR A C   1 
ATOM   1000 O O   . THR A 1 131 ? 8.401   -5.023  -5.831  1.00 32.18  ? 131 THR A O   1 
ATOM   1001 C CB  . THR A 1 131 ? 9.250   -4.162  -3.048  1.00 28.62  ? 131 THR A CB  1 
ATOM   1002 O OG1 . THR A 1 131 ? 9.044   -4.090  -1.633  1.00 30.01  ? 131 THR A OG1 1 
ATOM   1003 C CG2 . THR A 1 131 ? 10.213  -3.080  -3.481  1.00 32.95  ? 131 THR A CG2 1 
ATOM   1004 N N   . CYS A 1 132 ? 8.032   -2.795  -5.857  1.00 29.40  ? 132 CYS A N   1 
ATOM   1005 C CA  A CYS A 1 132 ? 8.215   -2.594  -7.292  0.68 29.51  ? 132 CYS A CA  1 
ATOM   1006 C CA  B CYS A 1 132 ? 8.258   -2.638  -7.282  0.32 29.63  ? 132 CYS A CA  1 
ATOM   1007 C C   . CYS A 1 132 ? 9.454   -1.733  -7.513  1.00 30.43  ? 132 CYS A C   1 
ATOM   1008 O O   . CYS A 1 132 ? 9.547   -0.652  -6.933  1.00 28.96  ? 132 CYS A O   1 
ATOM   1009 C CB  A CYS A 1 132 ? 6.982   -1.897  -7.894  0.68 29.76  ? 132 CYS A CB  1 
ATOM   1010 C CB  B CYS A 1 132 ? 7.021   -2.078  -7.953  0.32 29.83  ? 132 CYS A CB  1 
ATOM   1011 S SG  A CYS A 1 132 ? 7.019   -1.760  -9.707  0.68 32.00  ? 132 CYS A SG  1 
ATOM   1012 S SG  B CYS A 1 132 ? 5.720   -3.266  -7.885  0.32 30.37  ? 132 CYS A SG  1 
ATOM   1013 N N   . GLN A 1 133 ? 10.376  -2.192  -8.369  1.00 29.96  ? 133 GLN A N   1 
ATOM   1014 C CA  . GLN A 1 133 ? 11.582  -1.440  -8.705  1.00 31.35  ? 133 GLN A CA  1 
ATOM   1015 C C   . GLN A 1 133 ? 11.381  -0.749  -10.040 1.00 33.30  ? 133 GLN A C   1 
ATOM   1016 O O   . GLN A 1 133 ? 11.163  -1.418  -11.060 1.00 34.71  ? 133 GLN A O   1 
ATOM   1017 C CB  . GLN A 1 133 ? 12.810  -2.348  -8.796  1.00 33.15  ? 133 GLN A CB  1 
ATOM   1018 C CG  . GLN A 1 133 ? 14.061  -1.573  -9.231  1.00 34.49  ? 133 GLN A CG  1 
ATOM   1019 C CD  . GLN A 1 133 ? 14.577  -0.691  -8.123  1.00 32.51  ? 133 GLN A CD  1 
ATOM   1020 O OE1 . GLN A 1 133 ? 14.986  -1.200  -7.079  1.00 39.69  ? 133 GLN A OE1 1 
ATOM   1021 N NE2 . GLN A 1 133 ? 14.569  0.629   -8.334  1.00 32.66  ? 133 GLN A NE2 1 
ATOM   1022 N N   A PHE A 1 134 ? 11.476  0.574   -10.036 0.60 31.31  ? 134 PHE A N   1 
ATOM   1023 N N   B PHE A 1 134 ? 11.480  0.574   -10.043 0.40 31.40  ? 134 PHE A N   1 
ATOM   1024 C CA  A PHE A 1 134 ? 11.454  1.359   -11.263 0.60 32.53  ? 134 PHE A CA  1 
ATOM   1025 C CA  B PHE A 1 134 ? 11.308  1.352   -11.263 0.40 32.45  ? 134 PHE A CA  1 
ATOM   1026 C C   A PHE A 1 134 ? 12.866  1.804   -11.622 0.60 34.42  ? 134 PHE A C   1 
ATOM   1027 C C   B PHE A 1 134 ? 12.640  1.880   -11.786 0.40 34.54  ? 134 PHE A C   1 
ATOM   1028 O O   A PHE A 1 134 ? 13.809  1.551   -10.876 0.60 34.49  ? 134 PHE A O   1 
ATOM   1029 O O   B PHE A 1 134 ? 12.701  2.445   -12.876 0.40 32.64  ? 134 PHE A O   1 
ATOM   1030 C CB  A PHE A 1 134 ? 10.536  2.567   -11.106 0.60 33.82  ? 134 PHE A CB  1 
ATOM   1031 C CB  B PHE A 1 134 ? 10.341  2.508   -11.014 0.40 33.91  ? 134 PHE A CB  1 
ATOM   1032 C CG  A PHE A 1 134 ? 9.157   2.200   -10.666 0.60 32.55  ? 134 PHE A CG  1 
ATOM   1033 C CG  B PHE A 1 134 ? 8.976   2.057   -10.595 0.40 32.81  ? 134 PHE A CG  1 
ATOM   1034 C CD1 A PHE A 1 134 ? 8.224   1.755   -11.589 0.60 33.15  ? 134 PHE A CD1 1 
ATOM   1035 C CD1 B PHE A 1 134 ? 8.066   1.605   -11.536 0.40 33.02  ? 134 PHE A CD1 1 
ATOM   1036 C CD2 A PHE A 1 134 ? 8.796   2.266   -9.333  0.60 31.82  ? 134 PHE A CD2 1 
ATOM   1037 C CD2 B PHE A 1 134 ? 8.603   2.061   -9.260  0.40 31.71  ? 134 PHE A CD2 1 
ATOM   1038 C CE1 A PHE A 1 134 ? 6.961   1.393   -11.193 0.60 33.32  ? 134 PHE A CE1 1 
ATOM   1039 C CE1 B PHE A 1 134 ? 6.811   1.173   -11.161 0.40 33.42  ? 134 PHE A CE1 1 
ATOM   1040 C CE2 A PHE A 1 134 ? 7.534   1.908   -8.932  0.60 32.02  ? 134 PHE A CE2 1 
ATOM   1041 C CE2 B PHE A 1 134 ? 7.351   1.631   -8.876  0.40 32.31  ? 134 PHE A CE2 1 
ATOM   1042 C CZ  A PHE A 1 134 ? 6.607   1.472   -9.863  0.60 34.61  ? 134 PHE A CZ  1 
ATOM   1043 C CZ  B PHE A 1 134 ? 6.446   1.187   -9.828  0.40 33.64  ? 134 PHE A CZ  1 
HETATM 1044 C C1  . MPD B 2 .   ? -10.379 -1.991  -7.030  0.81 38.81  ? 201 MPD A C1  1 
HETATM 1045 C C2  . MPD B 2 .   ? -9.035  -1.643  -7.656  0.81 36.19  ? 201 MPD A C2  1 
HETATM 1046 O O2  . MPD B 2 .   ? -8.563  -2.741  -8.474  0.81 36.85  ? 201 MPD A O2  1 
HETATM 1047 C CM  . MPD B 2 .   ? -8.035  -1.392  -6.525  0.81 36.60  ? 201 MPD A CM  1 
HETATM 1048 C C3  . MPD B 2 .   ? -9.172  -0.437  -8.568  0.81 38.23  ? 201 MPD A C3  1 
HETATM 1049 C C4  . MPD B 2 .   ? -7.825  0.015   -9.130  0.81 33.90  ? 201 MPD A C4  1 
HETATM 1050 O O4  . MPD B 2 .   ? -7.367  -0.878  -10.118 0.81 36.40  ? 201 MPD A O4  1 
HETATM 1051 C C5  . MPD B 2 .   ? -8.022  1.397   -9.732  0.81 38.17  ? 201 MPD A C5  1 
HETATM 1052 H H11 . MPD B 2 .   ? -10.684 -1.189  -6.358  0.81 46.57  ? 201 MPD A H11 1 
HETATM 1053 H H12 . MPD B 2 .   ? -10.288 -2.920  -6.469  0.81 46.57  ? 201 MPD A H12 1 
HETATM 1054 H H13 . MPD B 2 .   ? -11.126 -2.111  -7.814  0.81 46.57  ? 201 MPD A H13 1 
HETATM 1055 H HO2 . MPD B 2 .   ? -9.191  -2.894  -9.210  0.81 44.22  ? 201 MPD A HO2 1 
HETATM 1056 H HM1 . MPD B 2 .   ? -8.093  -0.349  -6.214  0.81 43.93  ? 201 MPD A HM1 1 
HETATM 1057 H HM2 . MPD B 2 .   ? -7.026  -1.612  -6.876  0.81 43.93  ? 201 MPD A HM2 1 
HETATM 1058 H HM3 . MPD B 2 .   ? -8.274  -2.037  -5.680  0.81 43.93  ? 201 MPD A HM3 1 
HETATM 1059 H H31 . MPD B 2 .   ? -9.621  0.384   -8.010  0.81 45.87  ? 201 MPD A H31 1 
HETATM 1060 H H32 . MPD B 2 .   ? -9.839  -0.686  -9.393  0.81 45.87  ? 201 MPD A H32 1 
HETATM 1061 H H4  . MPD B 2 .   ? -7.076  0.035   -8.339  0.81 40.68  ? 201 MPD A H4  1 
HETATM 1062 H HO4 . MPD B 2 .   ? -7.618  -0.544  -11.004 0.81 43.69  ? 201 MPD A HO4 1 
HETATM 1063 H H51 . MPD B 2 .   ? -8.784  1.349   -10.509 0.81 45.80  ? 201 MPD A H51 1 
HETATM 1064 H H52 . MPD B 2 .   ? -8.339  2.090   -8.954  0.81 45.80  ? 201 MPD A H52 1 
HETATM 1065 H H53 . MPD B 2 .   ? -7.082  1.741   -10.165 0.81 45.80  ? 201 MPD A H53 1 
HETATM 1066 C C1  . GOL C 3 .   ? 4.959   -13.020 5.308   1.00 62.53  ? 202 GOL A C1  1 
HETATM 1067 O O1  . GOL C 3 .   ? 6.108   -12.214 5.289   1.00 71.17  ? 202 GOL A O1  1 
HETATM 1068 C C2  . GOL C 3 .   ? 4.383   -13.100 3.855   1.00 61.25  ? 202 GOL A C2  1 
HETATM 1069 O O2  . GOL C 3 .   ? 5.321   -12.825 2.895   1.00 52.29  ? 202 GOL A O2  1 
HETATM 1070 C C3  . GOL C 3 .   ? 3.859   -14.558 3.815   1.00 59.55  ? 202 GOL A C3  1 
HETATM 1071 O O3  . GOL C 3 .   ? 2.882   -14.657 2.822   1.00 64.09  ? 202 GOL A O3  1 
HETATM 1072 H H11 . GOL C 3 .   ? 4.273   -12.670 5.899   1.00 75.04  ? 202 GOL A H11 1 
HETATM 1073 H H12 . GOL C 3 .   ? 5.145   -13.919 5.622   1.00 75.04  ? 202 GOL A H12 1 
HETATM 1074 H HO1 . GOL C 3 .   ? 6.721   -12.636 5.706   1.00 85.40  ? 202 GOL A HO1 1 
HETATM 1075 H H2  . GOL C 3 .   ? 3.688   -12.445 3.686   1.00 73.50  ? 202 GOL A H2  1 
HETATM 1076 H HO2 . GOL C 3 .   ? 5.156   -13.321 2.242   1.00 62.75  ? 202 GOL A HO2 1 
HETATM 1077 H H31 . GOL C 3 .   ? 3.527   -14.787 4.697   1.00 71.46  ? 202 GOL A H31 1 
HETATM 1078 H H32 . GOL C 3 .   ? 4.614   -15.149 3.663   1.00 71.46  ? 202 GOL A H32 1 
HETATM 1079 H HO3 . GOL C 3 .   ? 2.791   -13.882 2.510   1.00 76.91  ? 202 GOL A HO3 1 
HETATM 1080 O O   . TBU D 4 .   ? -4.565  -8.194  3.538   1.00 62.94  ? 203 TBU A O   1 
HETATM 1081 C C   . TBU D 4 .   ? -4.945  -8.064  2.196   1.00 58.66  ? 203 TBU A C   1 
HETATM 1082 C C1  . TBU D 4 .   ? -4.473  -6.706  1.677   1.00 47.36  ? 203 TBU A C1  1 
HETATM 1083 C C2  . TBU D 4 .   ? -6.467  -8.149  2.098   1.00 65.60  ? 203 TBU A C2  1 
HETATM 1084 C C3  . TBU D 4 .   ? -4.325  -9.181  1.357   1.00 55.26  ? 203 TBU A C3  1 
HETATM 1085 H HO  . TBU D 4 .   ? -5.238  -8.051  4.039   1.00 75.53  ? 203 TBU A HO  1 
HETATM 1086 H H11 . TBU D 4 .   ? -4.083  -6.199  2.405   1.00 56.83  ? 203 TBU A H11 1 
HETATM 1087 H H12 . TBU D 4 .   ? -5.230  -6.219  1.313   1.00 56.83  ? 203 TBU A H12 1 
HETATM 1088 H H13 . TBU D 4 .   ? -3.810  -6.839  0.982   1.00 56.83  ? 203 TBU A H13 1 
HETATM 1089 H H21 . TBU D 4 .   ? -6.805  -8.730  2.797   1.00 78.72  ? 203 TBU A H21 1 
HETATM 1090 H H22 . TBU D 4 .   ? -6.715  -8.507  1.231   1.00 78.72  ? 203 TBU A H22 1 
HETATM 1091 H H23 . TBU D 4 .   ? -6.849  -7.263  2.202   1.00 78.72  ? 203 TBU A H23 1 
HETATM 1092 H H31 . TBU D 4 .   ? -4.934  -9.934  1.320   1.00 66.31  ? 203 TBU A H31 1 
HETATM 1093 H H32 . TBU D 4 .   ? -3.488  -9.461  1.761   1.00 66.31  ? 203 TBU A H32 1 
HETATM 1094 H H33 . TBU D 4 .   ? -4.157  -8.855  0.459   1.00 66.31  ? 203 TBU A H33 1 
HETATM 1095 O O   . TBU E 4 .   ? -3.936  14.807  -0.028  1.00 68.33  ? 204 TBU A O   1 
HETATM 1096 C C   . TBU E 4 .   ? -2.778  14.976  -0.803  1.00 65.39  ? 204 TBU A C   1 
HETATM 1097 C C1  . TBU E 4 .   ? -1.838  15.948  -0.093  1.00 68.07  ? 204 TBU A C1  1 
HETATM 1098 C C2  . TBU E 4 .   ? -3.154  15.539  -2.172  1.00 68.50  ? 204 TBU A C2  1 
HETATM 1099 C C3  . TBU E 4 .   ? -2.082  13.627  -0.972  1.00 58.97  ? 204 TBU A C3  1 
HETATM 1100 H HO  . TBU E 4 .   ? -4.279  15.568  0.134   1.00 82.00  ? 204 TBU A HO  1 
HETATM 1101 H H11 . TBU E 4 .   ? -1.675  15.638  0.811   1.00 81.68  ? 204 TBU A H11 1 
HETATM 1102 H H12 . TBU E 4 .   ? -2.244  16.828  -0.065  1.00 81.68  ? 204 TBU A H12 1 
HETATM 1103 H H13 . TBU E 4 .   ? -0.997  15.995  -0.576  1.00 81.68  ? 204 TBU A H13 1 
HETATM 1104 H H21 . TBU E 4 .   ? -4.072  15.304  -2.378  1.00 82.20  ? 204 TBU A H21 1 
HETATM 1105 H H22 . TBU E 4 .   ? -2.565  15.168  -2.847  1.00 82.20  ? 204 TBU A H22 1 
HETATM 1106 H H23 . TBU E 4 .   ? -3.063  16.506  -2.160  1.00 82.20  ? 204 TBU A H23 1 
HETATM 1107 H H31 . TBU E 4 .   ? -2.748  12.931  -1.092  1.00 70.76  ? 204 TBU A H31 1 
HETATM 1108 H H32 . TBU E 4 .   ? -1.552  13.435  -0.183  1.00 70.76  ? 204 TBU A H32 1 
HETATM 1109 H H33 . TBU E 4 .   ? -1.503  13.657  -1.751  1.00 70.76  ? 204 TBU A H33 1 
HETATM 1110 O O   . TBU F 4 .   ? 2.027   14.526  4.176   1.00 68.02  ? 205 TBU A O   1 
HETATM 1111 C C   . TBU F 4 .   ? 1.658   13.970  2.944   1.00 57.37  ? 205 TBU A C   1 
HETATM 1112 C C1  . TBU F 4 .   ? 2.155   14.863  1.809   1.00 60.50  ? 205 TBU A C1  1 
HETATM 1113 C C2  . TBU F 4 .   ? 0.137   13.875  2.871   1.00 59.32  ? 205 TBU A C2  1 
HETATM 1114 C C3  . TBU F 4 .   ? 2.281   12.584  2.799   1.00 53.86  ? 205 TBU A C3  1 
HETATM 1115 H HO  . TBU F 4 .   ? 1.346   14.878  4.546   1.00 81.63  ? 205 TBU A HO  1 
HETATM 1116 H H11 . TBU F 4 .   ? 2.943   15.345  2.098   1.00 72.60  ? 205 TBU A H11 1 
HETATM 1117 H H12 . TBU F 4 .   ? 1.460   15.495  1.567   1.00 72.60  ? 205 TBU A H12 1 
HETATM 1118 H H13 . TBU F 4 .   ? 2.375   14.315  1.039   1.00 72.60  ? 205 TBU A H13 1 
HETATM 1119 H H21 . TBU F 4 .   ? -0.203  13.484  3.691   1.00 71.18  ? 205 TBU A H21 1 
HETATM 1120 H H22 . TBU F 4 .   ? -0.116  13.318  2.118   1.00 71.18  ? 205 TBU A H22 1 
HETATM 1121 H H23 . TBU F 4 .   ? -0.238  14.763  2.757   1.00 71.18  ? 205 TBU A H23 1 
HETATM 1122 H H31 . TBU F 4 .   ? 1.602   11.908  2.948   1.00 64.63  ? 205 TBU A H31 1 
HETATM 1123 H H32 . TBU F 4 .   ? 2.991   12.480  3.453   1.00 64.63  ? 205 TBU A H32 1 
HETATM 1124 H H33 . TBU F 4 .   ? 2.646   12.486  1.906   1.00 64.63  ? 205 TBU A H33 1 
HETATM 1125 O O   . TBU G 4 .   ? -7.887  4.279   -0.412  1.00 58.79  ? 206 TBU A O   1 
HETATM 1126 C C   . TBU G 4 .   ? -8.155  3.640   -1.630  1.00 46.43  ? 206 TBU A C   1 
HETATM 1127 C C1  . TBU G 4 .   ? -6.876  3.600   -2.469  1.00 43.77  ? 206 TBU A C1  1 
HETATM 1128 C C2  . TBU G 4 .   ? -9.253  4.396   -2.376  1.00 54.43  ? 206 TBU A C2  1 
HETATM 1129 C C3  . TBU G 4 .   ? -8.625  2.215   -1.364  1.00 46.43  ? 206 TBU A C3  1 
HETATM 1130 H HO  . TBU G 4 .   ? -8.604  4.618   -0.101  1.00 70.55  ? 206 TBU A HO  1 
HETATM 1131 H H11 . TBU G 4 .   ? -6.108  3.507   -1.885  1.00 52.53  ? 206 TBU A H11 1 
HETATM 1132 H H12 . TBU G 4 .   ? -6.798  4.422   -2.978  1.00 52.53  ? 206 TBU A H12 1 
HETATM 1133 H H13 . TBU G 4 .   ? -6.913  2.846   -3.078  1.00 52.53  ? 206 TBU A H13 1 
HETATM 1134 H H21 . TBU G 4 .   ? -10.102 4.264   -1.923  1.00 65.32  ? 206 TBU A H21 1 
HETATM 1135 H H22 . TBU G 4 .   ? -9.317  4.061   -3.284  1.00 65.32  ? 206 TBU A H22 1 
HETATM 1136 H H23 . TBU G 4 .   ? -9.041  5.343   -2.394  1.00 65.32  ? 206 TBU A H23 1 
HETATM 1137 H H31 . TBU G 4 .   ? -9.592  2.178   -1.423  1.00 55.72  ? 206 TBU A H31 1 
HETATM 1138 H H32 . TBU G 4 .   ? -8.343  1.942   -0.477  1.00 55.72  ? 206 TBU A H32 1 
HETATM 1139 H H33 . TBU G 4 .   ? -8.238  1.619   -2.024  1.00 55.72  ? 206 TBU A H33 1 
HETATM 1140 O O   . HOH H 5 .   ? 8.502   14.857  1.917   1.00 46.42  ? 301 HOH A O   1 
HETATM 1141 O O   . HOH H 5 .   ? -2.819  -20.187 -5.916  1.00 62.63  ? 302 HOH A O   1 
HETATM 1142 O O   . HOH H 5 .   ? -11.354 -2.803  -2.357  1.00 64.82  ? 303 HOH A O   1 
HETATM 1143 O O   . HOH H 5 .   ? 12.358  16.217  -3.733  1.00 67.85  ? 304 HOH A O   1 
HETATM 1144 O O   . HOH H 5 .   ? 1.576   17.741  -6.267  1.00 49.76  ? 305 HOH A O   1 
HETATM 1145 O O   . HOH H 5 .   ? -2.915  -13.453 -6.821  1.00 43.18  ? 306 HOH A O   1 
HETATM 1146 O O   . HOH H 5 .   ? 10.903  12.023  -0.386  1.00 48.41  ? 307 HOH A O   1 
HETATM 1147 O O   . HOH H 5 .   ? -2.099  9.298   -12.924 1.00 47.17  ? 308 HOH A O   1 
HETATM 1148 O O   . HOH H 5 .   ? 10.823  2.563   -14.670 1.00 43.79  ? 309 HOH A O   1 
HETATM 1149 O O   . HOH H 5 .   ? 10.089  13.146  2.678   1.00 48.49  ? 310 HOH A O   1 
HETATM 1150 O O   . HOH H 5 .   ? 10.504  2.275   5.715   1.00 42.36  ? 311 HOH A O   1 
HETATM 1151 O O   . HOH H 5 .   ? 1.584   -3.568  12.555  1.00 42.60  ? 312 HOH A O   1 
HETATM 1152 O O   . HOH H 5 .   ? -1.725  -5.134  -10.043 1.00 31.36  ? 313 HOH A O   1 
HETATM 1153 O O   . HOH H 5 .   ? -5.998  -3.453  -10.480 1.00 37.54  ? 314 HOH A O   1 
HETATM 1154 O O   . HOH H 5 .   ? -3.866  8.027   5.192   1.00 44.44  ? 315 HOH A O   1 
HETATM 1155 O O   . HOH H 5 .   ? -1.421  8.055   9.051   1.00 45.65  ? 316 HOH A O   1 
HETATM 1156 O O   . HOH H 5 .   ? -7.680  -1.074  -12.769 1.00 47.66  ? 317 HOH A O   1 
HETATM 1157 O O   . HOH H 5 .   ? 7.894   -6.418  -0.677  1.00 39.59  ? 318 HOH A O   1 
HETATM 1158 O O   . HOH H 5 .   ? 6.815   15.072  -9.560  1.00 37.94  ? 319 HOH A O   1 
HETATM 1159 O O   . HOH H 5 .   ? 7.024   -8.053  4.109   1.00 49.35  ? 320 HOH A O   1 
HETATM 1160 O O   . HOH H 5 .   ? -2.879  -10.908 -3.874  1.00 36.22  ? 321 HOH A O   1 
HETATM 1161 O O   . HOH H 5 .   ? -4.036  -6.564  -9.339  1.00 31.17  ? 322 HOH A O   1 
HETATM 1162 O O   . HOH H 5 .   ? -4.584  0.376   -15.278 1.00 44.68  ? 323 HOH A O   1 
HETATM 1163 O O   . HOH H 5 .   ? -2.609  -7.305  -13.207 1.00 43.68  ? 324 HOH A O   1 
HETATM 1164 O O   . HOH H 5 .   ? -7.924  -3.478  11.380  1.00 43.09  ? 325 HOH A O   1 
HETATM 1165 O O   . HOH H 5 .   ? -1.801  -6.641  -2.287  1.00 32.19  ? 326 HOH A O   1 
HETATM 1166 O O   . HOH H 5 .   ? -9.389  1.423   -4.651  1.00 52.98  ? 327 HOH A O   1 
HETATM 1167 O O   . HOH H 5 .   ? 13.648  -3.732  -1.581  1.00 47.99  ? 328 HOH A O   1 
HETATM 1168 O O   . HOH H 5 .   ? 10.730  9.464   -0.401  1.00 38.97  ? 329 HOH A O   1 
HETATM 1169 O O   . HOH H 5 .   ? 0.701   -5.589  -1.798  1.00 35.88  ? 330 HOH A O   1 
HETATM 1170 O O   . HOH H 5 .   ? 1.521   -7.684  -16.635 1.00 48.95  ? 331 HOH A O   1 
HETATM 1171 O O   . HOH H 5 .   ? -6.291  -0.320  4.758   1.00 44.55  ? 332 HOH A O   1 
HETATM 1172 O O   . HOH H 5 .   ? -4.314  3.400   2.356   1.00 34.63  ? 333 HOH A O   1 
HETATM 1173 O O   . HOH H 5 .   ? 3.882   13.561  8.753   1.00 51.65  ? 334 HOH A O   1 
HETATM 1174 O O   . HOH H 5 .   ? -0.019  4.041   -14.763 1.00 37.94  ? 335 HOH A O   1 
HETATM 1175 O O   . HOH H 5 .   ? 1.317   12.253  -11.443 1.00 42.27  ? 336 HOH A O   1 
HETATM 1176 O O   . HOH H 5 .   ? 8.409   2.993   -17.688 1.00 44.05  ? 337 HOH A O   1 
HETATM 1177 O O   . HOH H 5 .   ? -5.466  -3.374  1.624   1.00 45.10  ? 338 HOH A O   1 
HETATM 1178 O O   . HOH H 5 .   ? -6.964  4.278   8.783   1.00 43.79  ? 339 HOH A O   1 
HETATM 1179 O O   . HOH H 5 .   ? -8.102  4.423   11.760  1.00 55.32  ? 340 HOH A O   1 
HETATM 1180 O O   . HOH H 5 .   ? 10.383  0.856   -1.314  1.00 38.59  ? 341 HOH A O   1 
HETATM 1181 O O   . HOH H 5 .   ? -3.651  -4.210  -13.023 1.00 35.18  ? 342 HOH A O   1 
HETATM 1182 O O   . HOH H 5 .   ? 13.666  10.396  7.789   1.00 42.05  ? 343 HOH A O   1 
HETATM 1183 O O   . HOH H 5 .   ? 6.255   -14.904 -1.434  0.87 52.48  ? 344 HOH A O   1 
HETATM 1184 O O   . HOH H 5 .   ? 13.905  11.424  1.330   1.00 43.54  ? 345 HOH A O   1 
HETATM 1185 O O   . HOH H 5 .   ? 15.708  -4.499  -3.580  1.00 47.86  ? 346 HOH A O   1 
HETATM 1186 O O   . HOH H 5 .   ? -0.697  6.655   -14.532 1.00 44.12  ? 347 HOH A O   1 
HETATM 1187 O O   . HOH H 5 .   ? 3.143   -1.837  7.872   1.00 38.44  ? 348 HOH A O   1 
HETATM 1188 O O   . HOH H 5 .   ? 11.031  9.488   -7.508  1.00 41.74  ? 349 HOH A O   1 
HETATM 1189 O O   . HOH H 5 .   ? 5.521   -9.997  2.331   1.00 39.01  ? 350 HOH A O   1 
HETATM 1190 O O   . HOH H 5 .   ? -5.849  -2.992  16.973  1.00 47.25  ? 351 HOH A O   1 
HETATM 1191 O O   . HOH H 5 .   ? -5.549  0.977   2.363   1.00 40.98  ? 352 HOH A O   1 
HETATM 1192 O O   . HOH H 5 .   ? 4.430   18.058  -3.863  1.00 49.33  ? 353 HOH A O   1 
HETATM 1193 O O   . HOH H 5 .   ? 0.503   -4.942  0.892   1.00 38.65  ? 354 HOH A O   1 
HETATM 1194 O O   . HOH H 5 .   ? -6.128  -3.344  13.575  1.00 42.40  ? 355 HOH A O   1 
HETATM 1195 O O   . HOH H 5 .   ? -8.411  -12.976 13.855  1.00 55.87  ? 356 HOH A O   1 
HETATM 1196 O O   . HOH H 5 .   ? -2.208  -3.083  -0.565  1.00 38.61  ? 357 HOH A O   1 
HETATM 1197 O O   . HOH H 5 .   ? 14.761  6.646   8.616   1.00 54.97  ? 358 HOH A O   1 
HETATM 1198 O O   . HOH H 5 .   ? 8.352   -0.520  6.318   1.00 51.37  ? 359 HOH A O   1 
HETATM 1199 O O   . HOH H 5 .   ? 13.639  4.995   4.758   1.00 48.58  ? 360 HOH A O   1 
HETATM 1200 O O   . HOH H 5 .   ? 7.461   -9.591  0.187   1.00 43.43  ? 361 HOH A O   1 
HETATM 1201 O O   . HOH H 5 .   ? -3.430  -5.397  -0.599  1.00 42.40  ? 362 HOH A O   1 
HETATM 1202 O O   . HOH H 5 .   ? 1.764   -6.151  13.995  1.00 54.11  ? 363 HOH A O   1 
HETATM 1203 O O   . HOH H 5 .   ? 3.707   17.179  -6.465  1.00 41.85  ? 364 HOH A O   1 
HETATM 1204 O O   . HOH H 5 .   ? -3.628  6.790   7.869   1.00 46.96  ? 365 HOH A O   1 
HETATM 1205 O O   . HOH H 5 .   ? -3.497  -13.227 -2.500  1.00 50.22  ? 366 HOH A O   1 
HETATM 1206 O O   . HOH H 5 .   ? 16.071  4.903   4.512   1.00 49.31  ? 367 HOH A O   1 
HETATM 1207 O O   . HOH H 5 .   ? 5.716   -1.164  8.540   1.00 48.63  ? 368 HOH A O   1 
HETATM 1208 O O   . HOH H 5 .   ? 11.165  0.009   4.462   1.00 50.36  ? 369 HOH A O   1 
HETATM 1209 O O   . HOH H 5 .   ? 12.338  -2.285  -15.671 1.00 61.86  ? 370 HOH A O   1 
HETATM 1210 O O   . HOH H 5 .   ? -2.054  13.261  -9.398  1.00 53.48  ? 371 HOH A O   1 
HETATM 1211 O O   . HOH H 5 .   ? -0.492  14.269  -11.015 0.46 50.60  ? 372 HOH A O   1 
HETATM 1212 O O   . HOH H 5 .   ? 15.666  17.975  -4.797  1.00 70.24  ? 373 HOH A O   1 
HETATM 1213 O O   . HOH H 5 .   ? -0.436  7.247   11.723  1.00 49.03  ? 374 HOH A O   1 
# 
